data_1Q60
#
_entry.id   1Q60
#
_entity_poly.entity_id   1
_entity_poly.type   'polypeptide(L)'
_entity_poly.pdbx_seq_one_letter_code
;GSSGSSGLKQKVENLFNEKCGEALGLKQAVKVPFALFESFPEDFYVEGLPEGVPFRRPSTFGIPRLEKILRNKAKIKFII
KKPEMFETAIKESSGPSSG
;
_entity_poly.pdbx_strand_id   A
#
# COMPACT_ATOMS: atom_id res chain seq x y z
N GLY A 1 3.87 16.99 -24.27
CA GLY A 1 3.72 16.46 -22.94
C GLY A 1 2.67 15.36 -22.91
N SER A 2 3.13 14.15 -22.61
CA SER A 2 2.24 13.00 -22.55
C SER A 2 2.79 11.96 -21.56
N SER A 3 2.20 11.95 -20.38
CA SER A 3 2.63 11.02 -19.34
C SER A 3 1.53 10.87 -18.29
N GLY A 4 1.27 11.96 -17.59
CA GLY A 4 0.25 11.96 -16.57
C GLY A 4 0.84 12.34 -15.20
N SER A 5 0.27 11.75 -14.17
CA SER A 5 0.73 12.01 -12.81
C SER A 5 2.22 11.67 -12.68
N SER A 6 2.73 11.84 -11.47
CA SER A 6 4.12 11.56 -11.21
C SER A 6 4.37 11.48 -9.70
N GLY A 7 4.16 12.62 -9.04
CA GLY A 7 4.35 12.69 -7.60
C GLY A 7 3.31 11.86 -6.87
N LEU A 8 2.05 12.14 -7.16
CA LEU A 8 0.95 11.43 -6.53
C LEU A 8 1.29 9.94 -6.47
N LYS A 9 1.58 9.37 -7.63
CA LYS A 9 1.92 7.97 -7.72
C LYS A 9 2.90 7.62 -6.60
N GLN A 10 3.98 8.38 -6.54
CA GLN A 10 5.01 8.16 -5.52
C GLN A 10 4.42 8.37 -4.14
N LYS A 11 3.70 9.48 -3.99
CA LYS A 11 3.09 9.81 -2.71
C LYS A 11 2.27 8.62 -2.23
N VAL A 12 1.29 8.25 -3.04
CA VAL A 12 0.42 7.13 -2.71
C VAL A 12 1.27 5.89 -2.43
N GLU A 13 2.41 5.83 -3.13
CA GLU A 13 3.32 4.71 -2.97
C GLU A 13 3.73 4.56 -1.50
N ASN A 14 4.44 5.56 -1.01
CA ASN A 14 4.89 5.54 0.37
C ASN A 14 3.69 5.29 1.30
N LEU A 15 2.58 5.92 0.96
CA LEU A 15 1.37 5.78 1.75
C LEU A 15 1.16 4.29 2.06
N PHE A 16 0.89 3.53 1.00
CA PHE A 16 0.66 2.10 1.16
C PHE A 16 1.81 1.44 1.92
N ASN A 17 3.00 1.57 1.36
CA ASN A 17 4.19 0.99 1.97
C ASN A 17 4.15 1.25 3.48
N GLU A 18 3.99 2.51 3.83
CA GLU A 18 3.94 2.91 5.23
C GLU A 18 2.85 2.13 5.96
N LYS A 19 1.62 2.35 5.51
CA LYS A 19 0.48 1.68 6.11
C LYS A 19 0.84 0.22 6.39
N CYS A 20 1.43 -0.42 5.39
CA CYS A 20 1.83 -1.80 5.52
C CYS A 20 2.59 -1.98 6.83
N GLY A 21 3.77 -1.36 6.87
CA GLY A 21 4.61 -1.43 8.06
C GLY A 21 3.80 -1.16 9.33
N GLU A 22 3.00 -0.11 9.26
CA GLU A 22 2.16 0.28 10.39
C GLU A 22 1.16 -0.84 10.70
N ALA A 23 0.76 -1.55 9.66
CA ALA A 23 -0.19 -2.64 9.81
C ALA A 23 0.41 -3.69 10.74
N LEU A 24 1.68 -3.99 10.51
CA LEU A 24 2.37 -4.98 11.32
C LEU A 24 2.71 -4.38 12.68
N GLY A 25 2.63 -3.05 12.74
CA GLY A 25 2.92 -2.34 13.98
C GLY A 25 4.35 -1.78 13.95
N LEU A 26 4.83 -1.49 12.76
CA LEU A 26 6.16 -0.96 12.59
C LEU A 26 6.08 0.57 12.48
N LYS A 27 7.25 1.20 12.54
CA LYS A 27 7.33 2.64 12.44
C LYS A 27 8.01 3.03 11.13
N GLN A 28 8.12 2.05 10.25
CA GLN A 28 8.76 2.27 8.96
C GLN A 28 7.84 1.78 7.84
N ALA A 29 8.35 1.89 6.61
CA ALA A 29 7.59 1.46 5.46
C ALA A 29 8.02 0.04 5.06
N VAL A 30 7.07 -0.70 4.52
CA VAL A 30 7.33 -2.07 4.11
C VAL A 30 6.64 -2.34 2.77
N LYS A 31 7.44 -2.71 1.79
CA LYS A 31 6.92 -3.00 0.46
C LYS A 31 5.58 -3.75 0.60
N VAL A 32 4.55 -3.16 0.01
CA VAL A 32 3.23 -3.75 0.05
C VAL A 32 3.25 -5.09 -0.70
N PRO A 33 3.08 -6.19 0.08
CA PRO A 33 3.08 -7.52 -0.49
C PRO A 33 1.76 -7.80 -1.23
N PHE A 34 1.45 -6.92 -2.17
CA PHE A 34 0.24 -7.06 -2.94
C PHE A 34 -0.05 -8.53 -3.26
N ALA A 35 1.03 -9.26 -3.55
CA ALA A 35 0.91 -10.66 -3.87
C ALA A 35 0.11 -11.37 -2.76
N LEU A 36 0.52 -11.11 -1.53
CA LEU A 36 -0.14 -11.71 -0.38
C LEU A 36 -1.64 -11.43 -0.46
N PHE A 37 -1.96 -10.23 -0.93
CA PHE A 37 -3.35 -9.82 -1.06
C PHE A 37 -3.98 -10.39 -2.34
N GLU A 38 -3.11 -10.71 -3.29
CA GLU A 38 -3.55 -11.25 -4.56
C GLU A 38 -3.76 -12.76 -4.44
N SER A 39 -2.88 -13.39 -3.68
CA SER A 39 -2.94 -14.83 -3.48
C SER A 39 -3.90 -15.15 -2.34
N PHE A 40 -3.82 -14.34 -1.29
CA PHE A 40 -4.67 -14.52 -0.14
C PHE A 40 -5.48 -13.26 0.17
N PRO A 41 -6.51 -13.03 -0.69
CA PRO A 41 -7.37 -11.87 -0.52
C PRO A 41 -8.33 -12.06 0.64
N GLU A 42 -8.56 -13.32 0.99
CA GLU A 42 -9.46 -13.64 2.08
C GLU A 42 -8.69 -13.69 3.40
N ASP A 43 -7.79 -12.73 3.56
CA ASP A 43 -6.99 -12.64 4.76
C ASP A 43 -6.35 -11.25 4.86
N PHE A 44 -5.83 -10.80 3.72
CA PHE A 44 -5.20 -9.49 3.66
C PHE A 44 -5.97 -8.55 2.74
N TYR A 45 -6.17 -7.34 3.21
CA TYR A 45 -6.90 -6.33 2.44
C TYR A 45 -6.87 -4.98 3.14
N VAL A 46 -6.93 -3.92 2.34
CA VAL A 46 -6.90 -2.57 2.86
C VAL A 46 -8.33 -2.03 2.91
N GLU A 47 -8.63 -1.36 4.01
CA GLU A 47 -9.96 -0.79 4.21
C GLU A 47 -9.86 0.74 4.29
N GLY A 48 -11.02 1.37 4.25
CA GLY A 48 -11.09 2.83 4.33
C GLY A 48 -11.05 3.45 2.93
N LEU A 49 -10.48 2.70 2.00
CA LEU A 49 -10.37 3.17 0.63
C LEU A 49 -11.68 3.84 0.22
N PRO A 50 -11.56 4.81 -0.72
CA PRO A 50 -12.72 5.53 -1.21
C PRO A 50 -13.55 4.67 -2.17
N GLU A 51 -14.75 5.13 -2.45
CA GLU A 51 -15.65 4.42 -3.34
C GLU A 51 -15.01 4.29 -4.73
N GLY A 52 -15.34 3.17 -5.39
CA GLY A 52 -14.80 2.91 -6.72
C GLY A 52 -13.29 3.08 -6.74
N VAL A 53 -12.69 2.90 -5.57
CA VAL A 53 -11.24 3.03 -5.45
C VAL A 53 -10.70 1.80 -4.69
N PRO A 54 -10.33 0.77 -5.48
CA PRO A 54 -9.78 -0.45 -4.90
C PRO A 54 -8.35 -0.25 -4.42
N PHE A 55 -7.81 -1.29 -3.80
CA PHE A 55 -6.45 -1.24 -3.29
C PHE A 55 -5.44 -1.69 -4.35
N ARG A 56 -5.65 -1.21 -5.57
CA ARG A 56 -4.77 -1.56 -6.68
C ARG A 56 -3.50 -0.71 -6.63
N ARG A 57 -2.65 -0.94 -7.62
CA ARG A 57 -1.40 -0.21 -7.71
C ARG A 57 -1.65 1.25 -8.08
N PRO A 58 -0.81 2.15 -7.51
CA PRO A 58 -0.95 3.57 -7.76
C PRO A 58 -0.41 3.92 -9.16
N SER A 59 0.28 2.96 -9.75
CA SER A 59 0.84 3.15 -11.08
C SER A 59 -0.18 2.74 -12.15
N THR A 60 -1.39 3.25 -11.99
CA THR A 60 -2.45 2.94 -12.92
C THR A 60 -3.60 3.95 -12.78
N PHE A 61 -3.93 4.24 -11.53
CA PHE A 61 -5.00 5.18 -11.24
C PHE A 61 -4.81 6.48 -12.04
N GLY A 62 -5.78 7.37 -11.87
CA GLY A 62 -5.74 8.65 -12.57
C GLY A 62 -5.15 9.73 -11.67
N ILE A 63 -5.13 10.95 -12.21
CA ILE A 63 -4.59 12.08 -11.47
C ILE A 63 -5.50 12.38 -10.27
N PRO A 64 -6.83 12.39 -10.55
CA PRO A 64 -7.80 12.67 -9.51
C PRO A 64 -7.98 11.47 -8.58
N ARG A 65 -8.20 10.31 -9.19
CA ARG A 65 -8.38 9.08 -8.43
C ARG A 65 -7.24 8.92 -7.42
N LEU A 66 -6.07 9.39 -7.82
CA LEU A 66 -4.91 9.29 -6.95
C LEU A 66 -5.14 10.12 -5.70
N GLU A 67 -5.55 11.36 -5.90
CA GLU A 67 -5.82 12.27 -4.80
C GLU A 67 -6.96 11.73 -3.93
N LYS A 68 -7.94 11.14 -4.61
CA LYS A 68 -9.10 10.59 -3.92
C LYS A 68 -8.61 9.68 -2.78
N ILE A 69 -7.53 8.96 -3.06
CA ILE A 69 -6.97 8.06 -2.07
C ILE A 69 -6.33 8.88 -0.94
N LEU A 70 -5.32 9.64 -1.32
CA LEU A 70 -4.61 10.48 -0.36
C LEU A 70 -5.63 11.17 0.56
N ARG A 71 -6.63 11.77 -0.07
CA ARG A 71 -7.67 12.46 0.67
C ARG A 71 -8.05 11.67 1.92
N ASN A 72 -8.13 10.35 1.75
CA ASN A 72 -8.47 9.47 2.86
C ASN A 72 -7.25 8.62 3.23
N LYS A 73 -6.15 9.30 3.47
CA LYS A 73 -4.92 8.61 3.83
C LYS A 73 -4.92 8.32 5.34
N ALA A 74 -5.93 8.88 6.01
CA ALA A 74 -6.06 8.68 7.44
C ALA A 74 -7.17 7.65 7.71
N LYS A 75 -8.09 7.58 6.77
CA LYS A 75 -9.21 6.66 6.89
C LYS A 75 -8.75 5.25 6.48
N ILE A 76 -7.87 5.23 5.48
CA ILE A 76 -7.34 3.97 4.99
C ILE A 76 -6.74 3.18 6.15
N LYS A 77 -6.92 1.86 6.07
CA LYS A 77 -6.39 0.98 7.12
C LYS A 77 -6.08 -0.38 6.50
N PHE A 78 -5.08 -1.04 7.09
CA PHE A 78 -4.68 -2.35 6.62
C PHE A 78 -5.03 -3.44 7.63
N ILE A 79 -5.77 -4.43 7.15
CA ILE A 79 -6.20 -5.52 8.00
C ILE A 79 -5.33 -6.75 7.70
N ILE A 80 -4.62 -7.20 8.73
CA ILE A 80 -3.75 -8.36 8.59
C ILE A 80 -4.26 -9.48 9.49
N LYS A 81 -4.76 -10.53 8.86
CA LYS A 81 -5.28 -11.68 9.60
C LYS A 81 -4.14 -12.68 9.84
N LYS A 82 -3.26 -12.77 8.86
CA LYS A 82 -2.13 -13.68 8.97
C LYS A 82 -0.83 -12.89 8.83
N PRO A 83 -0.41 -12.27 9.96
CA PRO A 83 0.81 -11.47 9.98
C PRO A 83 2.04 -12.37 9.97
N GLU A 84 1.85 -13.59 10.45
CA GLU A 84 2.94 -14.56 10.51
C GLU A 84 3.44 -14.88 9.11
N MET A 85 2.60 -14.57 8.13
CA MET A 85 2.94 -14.83 6.74
C MET A 85 3.59 -13.60 6.10
N PHE A 86 3.56 -12.50 6.84
CA PHE A 86 4.15 -11.25 6.37
C PHE A 86 5.64 -11.19 6.69
N GLU A 87 5.99 -11.77 7.84
CA GLU A 87 7.37 -11.78 8.28
C GLU A 87 8.30 -12.04 7.09
N THR A 88 7.91 -13.00 6.26
CA THR A 88 8.69 -13.36 5.10
C THR A 88 8.99 -12.11 4.26
N ALA A 89 7.96 -11.31 4.05
CA ALA A 89 8.10 -10.09 3.27
C ALA A 89 9.06 -9.14 4.00
N ILE A 90 8.74 -8.88 5.27
CA ILE A 90 9.56 -8.00 6.07
C ILE A 90 11.01 -8.51 6.09
N LYS A 91 11.13 -9.83 6.03
CA LYS A 91 12.43 -10.46 6.04
C LYS A 91 13.07 -10.31 4.66
N GLU A 92 12.29 -10.61 3.64
CA GLU A 92 12.77 -10.50 2.27
C GLU A 92 13.27 -9.09 1.98
N SER A 93 12.42 -8.13 2.26
CA SER A 93 12.76 -6.73 2.03
C SER A 93 14.15 -6.44 2.61
N SER A 94 14.89 -5.62 1.89
CA SER A 94 16.24 -5.25 2.29
C SER A 94 16.27 -3.78 2.72
N GLY A 95 15.78 -2.93 1.82
CA GLY A 95 15.76 -1.50 2.08
C GLY A 95 17.14 -0.99 2.48
N PRO A 96 17.16 0.25 3.05
CA PRO A 96 18.41 0.86 3.47
C PRO A 96 18.92 0.21 4.77
N SER A 97 19.12 -1.09 4.70
CA SER A 97 19.61 -1.83 5.85
C SER A 97 19.77 -3.31 5.49
N SER A 98 20.90 -3.63 4.89
CA SER A 98 21.18 -5.00 4.49
C SER A 98 21.57 -5.82 5.71
N GLY A 99 20.56 -6.49 6.27
CA GLY A 99 20.78 -7.33 7.44
C GLY A 99 20.37 -8.77 7.17
N GLY A 1 -5.92 7.34 -21.55
CA GLY A 1 -5.98 8.68 -22.11
C GLY A 1 -5.00 9.61 -21.41
N SER A 2 -5.46 10.21 -20.33
CA SER A 2 -4.64 11.14 -19.56
C SER A 2 -3.44 10.40 -18.97
N SER A 3 -2.33 10.47 -19.69
CA SER A 3 -1.11 9.82 -19.25
C SER A 3 -0.18 10.83 -18.58
N GLY A 4 0.49 10.38 -17.53
CA GLY A 4 1.40 11.24 -16.80
C GLY A 4 1.16 11.14 -15.29
N SER A 5 0.55 12.18 -14.76
CA SER A 5 0.26 12.23 -13.33
C SER A 5 1.55 12.16 -12.53
N SER A 6 1.51 12.78 -11.35
CA SER A 6 2.67 12.80 -10.48
C SER A 6 2.27 13.27 -9.09
N GLY A 7 3.25 13.27 -8.18
CA GLY A 7 3.01 13.70 -6.82
C GLY A 7 2.27 12.61 -6.03
N LEU A 8 1.02 12.39 -6.41
CA LEU A 8 0.20 11.39 -5.75
C LEU A 8 0.92 10.03 -5.81
N LYS A 9 1.34 9.67 -7.01
CA LYS A 9 2.03 8.41 -7.22
C LYS A 9 2.97 8.16 -6.04
N GLN A 10 3.93 9.07 -5.89
CA GLN A 10 4.90 8.96 -4.80
C GLN A 10 4.19 8.87 -3.46
N LYS A 11 3.33 9.85 -3.20
CA LYS A 11 2.58 9.89 -1.96
C LYS A 11 1.90 8.55 -1.74
N VAL A 12 0.89 8.29 -2.56
CA VAL A 12 0.14 7.04 -2.46
C VAL A 12 1.12 5.89 -2.28
N GLU A 13 2.16 5.89 -3.10
CA GLU A 13 3.17 4.85 -3.04
C GLU A 13 3.67 4.69 -1.61
N ASN A 14 4.00 5.82 -1.00
CA ASN A 14 4.50 5.81 0.37
C ASN A 14 3.38 5.39 1.32
N LEU A 15 2.20 5.92 1.05
CA LEU A 15 1.03 5.59 1.87
C LEU A 15 0.99 4.09 2.11
N PHE A 16 0.74 3.36 1.04
CA PHE A 16 0.67 1.91 1.11
C PHE A 16 1.86 1.33 1.89
N ASN A 17 3.04 1.53 1.32
CA ASN A 17 4.26 1.04 1.94
C ASN A 17 4.18 1.28 3.46
N GLU A 18 4.13 2.56 3.82
CA GLU A 18 4.06 2.93 5.22
C GLU A 18 3.01 2.08 5.94
N LYS A 19 1.78 2.22 5.49
CA LYS A 19 0.67 1.48 6.08
C LYS A 19 1.11 0.03 6.30
N CYS A 20 1.83 -0.50 5.33
CA CYS A 20 2.31 -1.87 5.41
C CYS A 20 2.86 -2.11 6.82
N GLY A 21 3.99 -1.49 7.08
CA GLY A 21 4.62 -1.61 8.39
C GLY A 21 3.66 -1.23 9.51
N GLU A 22 2.98 -0.12 9.30
CA GLU A 22 2.02 0.37 10.28
C GLU A 22 1.12 -0.77 10.76
N ALA A 23 0.73 -1.60 9.81
CA ALA A 23 -0.14 -2.73 10.11
C ALA A 23 0.47 -3.55 11.25
N LEU A 24 1.70 -4.01 11.00
CA LEU A 24 2.41 -4.80 12.00
C LEU A 24 2.83 -3.89 13.15
N GLY A 25 2.76 -2.60 12.91
CA GLY A 25 3.13 -1.62 13.93
C GLY A 25 4.64 -1.33 13.88
N LEU A 26 5.04 -0.66 12.82
CA LEU A 26 6.44 -0.31 12.64
C LEU A 26 6.57 1.19 12.40
N LYS A 27 7.78 1.69 12.55
CA LYS A 27 8.05 3.10 12.34
C LYS A 27 8.51 3.33 10.90
N GLN A 28 8.76 2.22 10.21
CA GLN A 28 9.20 2.29 8.83
C GLN A 28 8.13 1.73 7.90
N ALA A 29 8.48 1.65 6.62
CA ALA A 29 7.56 1.12 5.63
C ALA A 29 7.91 -0.32 5.31
N VAL A 30 7.04 -0.97 4.55
CA VAL A 30 7.26 -2.36 4.17
C VAL A 30 6.58 -2.61 2.82
N LYS A 31 7.40 -3.00 1.85
CA LYS A 31 6.89 -3.28 0.52
C LYS A 31 5.57 -4.03 0.63
N VAL A 32 4.53 -3.43 0.04
CA VAL A 32 3.22 -4.02 0.06
C VAL A 32 3.23 -5.33 -0.72
N PRO A 33 3.04 -6.45 0.01
CA PRO A 33 3.04 -7.77 -0.61
C PRO A 33 1.73 -8.00 -1.37
N PHE A 34 1.43 -7.09 -2.27
CA PHE A 34 0.21 -7.18 -3.06
C PHE A 34 -0.10 -8.65 -3.40
N ALA A 35 0.96 -9.41 -3.63
CA ALA A 35 0.80 -10.82 -3.96
C ALA A 35 -0.03 -11.51 -2.87
N LEU A 36 0.42 -11.34 -1.64
CA LEU A 36 -0.27 -11.94 -0.51
C LEU A 36 -1.75 -11.56 -0.57
N PHE A 37 -2.01 -10.33 -0.96
CA PHE A 37 -3.36 -9.84 -1.06
C PHE A 37 -4.03 -10.32 -2.35
N GLU A 38 -3.19 -10.62 -3.34
CA GLU A 38 -3.68 -11.10 -4.61
C GLU A 38 -4.04 -12.58 -4.53
N SER A 39 -3.34 -13.27 -3.65
CA SER A 39 -3.58 -14.69 -3.45
C SER A 39 -4.51 -14.92 -2.26
N PHE A 40 -4.31 -14.11 -1.23
CA PHE A 40 -5.13 -14.21 -0.03
C PHE A 40 -5.69 -12.84 0.36
N PRO A 41 -6.67 -12.37 -0.47
CA PRO A 41 -7.29 -11.08 -0.21
C PRO A 41 -8.28 -11.17 0.96
N GLU A 42 -8.82 -12.37 1.14
CA GLU A 42 -9.76 -12.60 2.22
C GLU A 42 -9.07 -12.49 3.58
N ASP A 43 -7.76 -12.70 3.54
CA ASP A 43 -6.97 -12.63 4.76
C ASP A 43 -6.27 -11.27 4.84
N PHE A 44 -5.84 -10.80 3.67
CA PHE A 44 -5.16 -9.52 3.59
C PHE A 44 -5.91 -8.55 2.68
N TYR A 45 -6.32 -7.44 3.27
CA TYR A 45 -7.04 -6.42 2.53
C TYR A 45 -7.00 -5.07 3.24
N VAL A 46 -7.14 -4.02 2.46
CA VAL A 46 -7.12 -2.67 3.01
C VAL A 46 -8.55 -2.12 3.09
N GLU A 47 -8.78 -1.32 4.12
CA GLU A 47 -10.10 -0.74 4.32
C GLU A 47 -9.98 0.77 4.52
N GLY A 48 -10.94 1.49 3.96
CA GLY A 48 -10.96 2.94 4.08
C GLY A 48 -10.89 3.59 2.70
N LEU A 49 -10.42 2.82 1.74
CA LEU A 49 -10.30 3.31 0.37
C LEU A 49 -11.62 3.97 -0.05
N PRO A 50 -11.49 4.96 -0.96
CA PRO A 50 -12.65 5.68 -1.45
C PRO A 50 -13.46 4.83 -2.44
N GLU A 51 -14.73 5.17 -2.56
CA GLU A 51 -15.62 4.44 -3.46
C GLU A 51 -15.04 4.45 -4.88
N GLY A 52 -15.19 3.32 -5.55
CA GLY A 52 -14.71 3.17 -6.91
C GLY A 52 -13.17 3.19 -6.95
N VAL A 53 -12.59 3.11 -5.77
CA VAL A 53 -11.14 3.13 -5.65
C VAL A 53 -10.69 1.92 -4.82
N PRO A 54 -10.32 0.83 -5.53
CA PRO A 54 -9.88 -0.39 -4.87
C PRO A 54 -8.46 -0.22 -4.33
N PHE A 55 -7.91 -1.33 -3.85
CA PHE A 55 -6.56 -1.32 -3.30
C PHE A 55 -5.54 -1.78 -4.35
N ARG A 56 -5.77 -1.33 -5.57
CA ARG A 56 -4.88 -1.69 -6.68
C ARG A 56 -3.60 -0.86 -6.61
N ARG A 57 -2.73 -1.09 -7.58
CA ARG A 57 -1.46 -0.37 -7.64
C ARG A 57 -1.72 1.13 -7.81
N PRO A 58 -0.76 1.93 -7.27
CA PRO A 58 -0.86 3.38 -7.35
C PRO A 58 -0.54 3.87 -8.77
N SER A 59 0.58 3.37 -9.29
CA SER A 59 1.01 3.75 -10.62
C SER A 59 0.09 3.11 -11.68
N THR A 60 -1.19 3.43 -11.57
CA THR A 60 -2.17 2.89 -12.49
C THR A 60 -3.41 3.79 -12.54
N PHE A 61 -3.88 4.14 -11.36
CA PHE A 61 -5.05 4.99 -11.25
C PHE A 61 -4.88 6.28 -12.05
N GLY A 62 -5.93 7.08 -12.06
CA GLY A 62 -5.90 8.35 -12.79
C GLY A 62 -5.27 9.45 -11.96
N ILE A 63 -5.25 10.65 -12.53
CA ILE A 63 -4.68 11.79 -11.84
C ILE A 63 -5.56 12.16 -10.65
N PRO A 64 -6.90 12.18 -10.89
CA PRO A 64 -7.85 12.51 -9.85
C PRO A 64 -8.01 11.35 -8.86
N ARG A 65 -8.29 10.18 -9.42
CA ARG A 65 -8.48 8.99 -8.61
C ARG A 65 -7.34 8.87 -7.58
N LEU A 66 -6.15 9.26 -8.01
CA LEU A 66 -4.99 9.21 -7.14
C LEU A 66 -5.23 10.07 -5.91
N GLU A 67 -5.52 11.35 -6.17
CA GLU A 67 -5.76 12.28 -5.09
C GLU A 67 -6.81 11.73 -4.13
N LYS A 68 -7.89 11.20 -4.72
CA LYS A 68 -8.96 10.63 -3.94
C LYS A 68 -8.38 9.76 -2.82
N ILE A 69 -7.48 8.88 -3.21
CA ILE A 69 -6.83 8.00 -2.25
C ILE A 69 -6.22 8.82 -1.12
N LEU A 70 -5.29 9.68 -1.50
CA LEU A 70 -4.62 10.54 -0.54
C LEU A 70 -5.64 11.12 0.42
N ARG A 71 -6.61 11.83 -0.15
CA ARG A 71 -7.66 12.44 0.64
C ARG A 71 -8.08 11.51 1.79
N ASN A 72 -8.02 10.21 1.49
CA ASN A 72 -8.39 9.21 2.48
C ASN A 72 -7.17 8.35 2.82
N LYS A 73 -6.10 9.04 3.20
CA LYS A 73 -4.86 8.35 3.55
C LYS A 73 -4.88 8.00 5.04
N ALA A 74 -5.83 8.61 5.74
CA ALA A 74 -5.96 8.36 7.18
C ALA A 74 -7.07 7.34 7.40
N LYS A 75 -8.06 7.36 6.52
CA LYS A 75 -9.18 6.45 6.62
C LYS A 75 -8.73 5.04 6.22
N ILE A 76 -7.74 5.01 5.35
CA ILE A 76 -7.19 3.74 4.88
C ILE A 76 -6.61 2.97 6.06
N LYS A 77 -6.72 1.65 5.98
CA LYS A 77 -6.21 0.79 7.03
C LYS A 77 -5.79 -0.55 6.43
N PHE A 78 -4.78 -1.15 7.04
CA PHE A 78 -4.27 -2.42 6.58
C PHE A 78 -4.74 -3.57 7.48
N ILE A 79 -5.33 -4.57 6.85
CA ILE A 79 -5.84 -5.73 7.58
C ILE A 79 -4.92 -6.92 7.34
N ILE A 80 -4.56 -7.59 8.42
CA ILE A 80 -3.69 -8.74 8.33
C ILE A 80 -4.20 -9.83 9.28
N LYS A 81 -4.69 -10.91 8.69
CA LYS A 81 -5.21 -12.03 9.46
C LYS A 81 -4.13 -13.11 9.59
N LYS A 82 -3.09 -12.94 8.79
CA LYS A 82 -1.99 -13.90 8.79
C LYS A 82 -0.66 -13.14 8.68
N PRO A 83 -0.21 -12.60 9.86
CA PRO A 83 1.04 -11.85 9.89
C PRO A 83 2.24 -12.79 9.81
N GLU A 84 1.96 -14.08 9.93
CA GLU A 84 3.00 -15.09 9.87
C GLU A 84 3.46 -15.29 8.43
N MET A 85 2.61 -14.87 7.51
CA MET A 85 2.90 -15.02 6.09
C MET A 85 3.57 -13.75 5.55
N PHE A 86 3.62 -12.73 6.40
CA PHE A 86 4.22 -11.46 6.01
C PHE A 86 5.71 -11.45 6.34
N GLU A 87 6.06 -12.12 7.42
CA GLU A 87 7.45 -12.20 7.84
C GLU A 87 8.37 -12.37 6.63
N THR A 88 8.00 -13.32 5.78
CA THR A 88 8.78 -13.59 4.58
C THR A 88 9.08 -12.29 3.83
N ALA A 89 8.03 -11.51 3.63
CA ALA A 89 8.17 -10.24 2.94
C ALA A 89 8.98 -9.27 3.80
N ILE A 90 8.58 -9.17 5.05
CA ILE A 90 9.26 -8.29 5.98
C ILE A 90 10.76 -8.59 5.97
N LYS A 91 11.07 -9.86 5.73
CA LYS A 91 12.46 -10.29 5.68
C LYS A 91 13.01 -10.08 4.26
N GLU A 92 12.18 -10.42 3.29
CA GLU A 92 12.57 -10.28 1.89
C GLU A 92 12.11 -8.93 1.36
N SER A 93 12.27 -7.91 2.19
CA SER A 93 11.88 -6.56 1.81
C SER A 93 12.99 -5.92 0.95
N SER A 94 12.66 -5.72 -0.32
CA SER A 94 13.61 -5.12 -1.24
C SER A 94 13.18 -3.68 -1.56
N GLY A 95 14.19 -2.83 -1.74
CA GLY A 95 13.94 -1.43 -2.05
C GLY A 95 14.43 -0.53 -0.91
N PRO A 96 15.37 0.38 -1.27
CA PRO A 96 15.92 1.31 -0.30
C PRO A 96 14.91 2.42 0.04
N SER A 97 14.97 2.86 1.28
CA SER A 97 14.07 3.92 1.74
C SER A 97 14.88 5.14 2.16
N SER A 98 14.17 6.27 2.23
CA SER A 98 14.81 7.52 2.62
C SER A 98 16.06 7.75 1.77
N GLY A 99 15.83 8.24 0.56
CA GLY A 99 16.93 8.51 -0.37
C GLY A 99 17.67 7.22 -0.72
N GLY A 1 9.60 10.01 -22.31
CA GLY A 1 8.31 10.68 -22.29
C GLY A 1 7.32 9.94 -21.40
N SER A 2 6.05 10.13 -21.70
CA SER A 2 4.99 9.49 -20.94
C SER A 2 4.99 10.01 -19.50
N SER A 3 4.39 11.17 -19.32
CA SER A 3 4.32 11.78 -18.00
C SER A 3 2.98 11.45 -17.35
N GLY A 4 2.95 11.55 -16.03
CA GLY A 4 1.75 11.27 -15.27
C GLY A 4 1.65 12.18 -14.04
N SER A 5 0.89 11.71 -13.06
CA SER A 5 0.71 12.47 -11.84
C SER A 5 2.04 12.63 -11.11
N SER A 6 2.69 11.50 -10.88
CA SER A 6 3.98 11.49 -10.20
C SER A 6 3.79 11.89 -8.73
N GLY A 7 3.37 13.14 -8.53
CA GLY A 7 3.15 13.64 -7.20
C GLY A 7 2.44 12.61 -6.32
N LEU A 8 1.16 12.42 -6.61
CA LEU A 8 0.36 11.46 -5.87
C LEU A 8 1.05 10.11 -5.87
N LYS A 9 1.45 9.68 -7.06
CA LYS A 9 2.13 8.40 -7.22
C LYS A 9 3.08 8.19 -6.04
N GLN A 10 4.02 9.11 -5.91
CA GLN A 10 5.00 9.04 -4.83
C GLN A 10 4.29 8.98 -3.47
N LYS A 11 3.31 9.86 -3.31
CA LYS A 11 2.56 9.91 -2.07
C LYS A 11 1.85 8.57 -1.85
N VAL A 12 0.84 8.33 -2.66
CA VAL A 12 0.08 7.09 -2.56
C VAL A 12 1.05 5.92 -2.40
N GLU A 13 2.18 6.01 -3.09
CA GLU A 13 3.18 4.98 -3.04
C GLU A 13 3.67 4.79 -1.60
N ASN A 14 4.23 5.87 -1.06
CA ASN A 14 4.73 5.84 0.31
C ASN A 14 3.58 5.51 1.27
N LEU A 15 2.42 6.03 0.94
CA LEU A 15 1.23 5.80 1.76
C LEU A 15 1.13 4.31 2.09
N PHE A 16 0.80 3.54 1.07
CA PHE A 16 0.67 2.09 1.23
C PHE A 16 1.83 1.53 2.03
N ASN A 17 3.02 1.65 1.46
CA ASN A 17 4.23 1.15 2.10
C ASN A 17 4.15 1.44 3.60
N GLU A 18 4.14 2.73 3.92
CA GLU A 18 4.07 3.16 5.30
C GLU A 18 2.99 2.37 6.05
N LYS A 19 1.78 2.42 5.50
CA LYS A 19 0.66 1.72 6.10
C LYS A 19 1.07 0.27 6.40
N CYS A 20 1.52 -0.40 5.36
CA CYS A 20 1.96 -1.78 5.49
C CYS A 20 2.74 -1.92 6.79
N GLY A 21 3.90 -1.28 6.82
CA GLY A 21 4.75 -1.32 7.99
C GLY A 21 3.94 -1.12 9.27
N GLU A 22 3.02 -0.16 9.21
CA GLU A 22 2.17 0.14 10.34
C GLU A 22 1.22 -1.03 10.63
N ALA A 23 0.79 -1.67 9.55
CA ALA A 23 -0.12 -2.80 9.67
C ALA A 23 0.53 -3.88 10.53
N LEU A 24 1.79 -4.15 10.21
CA LEU A 24 2.53 -5.16 10.94
C LEU A 24 2.86 -4.65 12.34
N GLY A 25 2.69 -3.35 12.51
CA GLY A 25 2.95 -2.72 13.79
C GLY A 25 4.39 -2.20 13.85
N LEU A 26 4.91 -1.85 12.69
CA LEU A 26 6.27 -1.34 12.60
C LEU A 26 6.23 0.19 12.58
N LYS A 27 7.40 0.79 12.75
CA LYS A 27 7.51 2.24 12.75
C LYS A 27 8.17 2.69 11.45
N GLN A 28 8.32 1.74 10.53
CA GLN A 28 8.93 2.04 9.25
C GLN A 28 8.01 1.59 8.11
N ALA A 29 8.50 1.78 6.90
CA ALA A 29 7.74 1.39 5.72
C ALA A 29 8.05 -0.06 5.36
N VAL A 30 7.10 -0.67 4.65
CA VAL A 30 7.26 -2.06 4.25
C VAL A 30 6.53 -2.28 2.92
N LYS A 31 7.28 -2.78 1.95
CA LYS A 31 6.72 -3.04 0.63
C LYS A 31 5.32 -3.65 0.79
N VAL A 32 4.56 -3.57 -0.28
CA VAL A 32 3.21 -4.11 -0.28
C VAL A 32 3.16 -5.37 -1.13
N PRO A 33 3.05 -6.53 -0.44
CA PRO A 33 3.00 -7.82 -1.12
C PRO A 33 1.63 -8.04 -1.77
N PHE A 34 1.34 -7.21 -2.76
CA PHE A 34 0.08 -7.31 -3.46
C PHE A 34 -0.31 -8.77 -3.72
N ALA A 35 0.73 -9.61 -3.81
CA ALA A 35 0.51 -11.02 -4.05
C ALA A 35 -0.19 -11.64 -2.84
N LEU A 36 0.40 -11.42 -1.67
CA LEU A 36 -0.16 -11.95 -0.44
C LEU A 36 -1.65 -11.61 -0.37
N PHE A 37 -2.00 -10.51 -1.03
CA PHE A 37 -3.38 -10.06 -1.05
C PHE A 37 -4.16 -10.76 -2.16
N GLU A 38 -3.44 -11.16 -3.19
CA GLU A 38 -4.05 -11.84 -4.32
C GLU A 38 -4.19 -13.34 -4.02
N SER A 39 -3.11 -13.91 -3.52
CA SER A 39 -3.10 -15.33 -3.19
C SER A 39 -3.98 -15.58 -1.96
N PHE A 40 -3.96 -14.63 -1.04
CA PHE A 40 -4.74 -14.74 0.17
C PHE A 40 -5.50 -13.45 0.47
N PRO A 41 -6.53 -13.18 -0.38
CA PRO A 41 -7.33 -11.98 -0.22
C PRO A 41 -8.29 -12.11 0.96
N GLU A 42 -8.53 -13.35 1.36
CA GLU A 42 -9.41 -13.63 2.46
C GLU A 42 -8.65 -13.59 3.79
N ASP A 43 -7.81 -12.55 3.91
CA ASP A 43 -7.02 -12.37 5.12
C ASP A 43 -6.31 -11.02 5.06
N PHE A 44 -5.77 -10.72 3.90
CA PHE A 44 -5.07 -9.46 3.70
C PHE A 44 -5.86 -8.53 2.78
N TYR A 45 -6.11 -7.32 3.26
CA TYR A 45 -6.85 -6.35 2.48
C TYR A 45 -6.82 -4.98 3.16
N VAL A 46 -7.00 -3.94 2.35
CA VAL A 46 -6.99 -2.58 2.86
C VAL A 46 -8.43 -2.06 2.91
N GLU A 47 -8.69 -1.24 3.92
CA GLU A 47 -10.01 -0.67 4.09
C GLU A 47 -9.93 0.85 4.23
N GLY A 48 -11.08 1.50 4.16
CA GLY A 48 -11.14 2.95 4.28
C GLY A 48 -11.14 3.60 2.89
N LEU A 49 -10.55 2.90 1.94
CA LEU A 49 -10.49 3.39 0.58
C LEU A 49 -11.82 4.06 0.20
N PRO A 50 -11.73 5.04 -0.72
CA PRO A 50 -12.92 5.75 -1.16
C PRO A 50 -13.75 4.89 -2.12
N GLU A 51 -15.03 4.77 -1.79
CA GLU A 51 -15.94 3.98 -2.59
C GLU A 51 -15.64 4.18 -4.09
N GLY A 52 -15.54 3.06 -4.79
CA GLY A 52 -15.25 3.10 -6.22
C GLY A 52 -13.74 3.06 -6.47
N VAL A 53 -12.99 3.20 -5.40
CA VAL A 53 -11.54 3.18 -5.49
C VAL A 53 -10.99 1.95 -4.76
N PRO A 54 -10.52 0.97 -5.56
CA PRO A 54 -9.97 -0.25 -5.00
C PRO A 54 -8.58 -0.01 -4.41
N PHE A 55 -7.89 -1.10 -4.11
CA PHE A 55 -6.56 -1.03 -3.55
C PHE A 55 -5.50 -1.44 -4.58
N ARG A 56 -5.76 -1.07 -5.82
CA ARG A 56 -4.84 -1.40 -6.91
C ARG A 56 -3.62 -0.49 -6.85
N ARG A 57 -2.69 -0.74 -7.76
CA ARG A 57 -1.48 0.04 -7.84
C ARG A 57 -1.81 1.53 -8.02
N PRO A 58 -0.92 2.39 -7.45
CA PRO A 58 -1.11 3.83 -7.54
C PRO A 58 -0.75 4.34 -8.94
N SER A 59 0.40 3.91 -9.41
CA SER A 59 0.87 4.32 -10.73
C SER A 59 -0.16 3.93 -11.79
N THR A 60 -1.05 3.02 -11.41
CA THR A 60 -2.08 2.56 -12.32
C THR A 60 -3.24 3.57 -12.36
N PHE A 61 -3.48 4.19 -11.22
CA PHE A 61 -4.54 5.18 -11.11
C PHE A 61 -4.20 6.44 -11.91
N GLY A 62 -5.20 7.30 -12.06
CA GLY A 62 -5.03 8.53 -12.79
C GLY A 62 -4.58 9.67 -11.86
N ILE A 63 -4.52 10.87 -12.42
CA ILE A 63 -4.10 12.03 -11.66
C ILE A 63 -5.15 12.31 -10.58
N PRO A 64 -6.45 12.26 -10.99
CA PRO A 64 -7.53 12.51 -10.07
C PRO A 64 -7.76 11.30 -9.14
N ARG A 65 -8.01 10.16 -9.75
CA ARG A 65 -8.23 8.95 -9.00
C ARG A 65 -7.16 8.78 -7.91
N LEU A 66 -5.97 9.26 -8.23
CA LEU A 66 -4.86 9.18 -7.28
C LEU A 66 -5.18 10.04 -6.06
N GLU A 67 -5.43 11.32 -6.31
CA GLU A 67 -5.75 12.24 -5.25
C GLU A 67 -6.83 11.66 -4.34
N LYS A 68 -7.87 11.14 -4.98
CA LYS A 68 -8.98 10.55 -4.24
C LYS A 68 -8.43 9.69 -3.10
N ILE A 69 -7.51 8.80 -3.45
CA ILE A 69 -6.91 7.92 -2.46
C ILE A 69 -6.36 8.76 -1.30
N LEU A 70 -5.43 9.64 -1.63
CA LEU A 70 -4.83 10.51 -0.63
C LEU A 70 -5.93 11.05 0.30
N ARG A 71 -6.91 11.70 -0.31
CA ARG A 71 -8.02 12.25 0.44
C ARG A 71 -8.41 11.31 1.58
N ASN A 72 -8.21 10.02 1.34
CA ASN A 72 -8.54 9.01 2.34
C ASN A 72 -7.27 8.24 2.72
N LYS A 73 -6.27 8.99 3.17
CA LYS A 73 -5.02 8.38 3.55
C LYS A 73 -5.08 7.97 5.03
N ALA A 74 -5.52 8.90 5.85
CA ALA A 74 -5.65 8.65 7.28
C ALA A 74 -6.76 7.63 7.52
N LYS A 75 -7.81 7.76 6.72
CA LYS A 75 -8.94 6.85 6.84
C LYS A 75 -8.50 5.44 6.48
N ILE A 76 -7.84 5.34 5.33
CA ILE A 76 -7.37 4.04 4.86
C ILE A 76 -6.80 3.26 6.04
N LYS A 77 -6.99 1.94 5.98
CA LYS A 77 -6.51 1.07 7.03
C LYS A 77 -6.16 -0.30 6.44
N PHE A 78 -5.10 -0.89 6.97
CA PHE A 78 -4.65 -2.19 6.50
C PHE A 78 -5.01 -3.29 7.52
N ILE A 79 -5.65 -4.32 7.01
CA ILE A 79 -6.04 -5.44 7.85
C ILE A 79 -5.14 -6.64 7.57
N ILE A 80 -4.46 -7.10 8.61
CA ILE A 80 -3.56 -8.23 8.48
C ILE A 80 -3.98 -9.33 9.46
N LYS A 81 -4.47 -10.42 8.88
CA LYS A 81 -4.93 -11.55 9.68
C LYS A 81 -3.75 -12.51 9.89
N LYS A 82 -2.92 -12.62 8.87
CA LYS A 82 -1.77 -13.50 8.94
C LYS A 82 -0.49 -12.67 8.81
N PRO A 83 -0.08 -12.06 9.96
CA PRO A 83 1.11 -11.23 9.99
C PRO A 83 2.37 -12.10 9.96
N GLU A 84 2.22 -13.32 10.46
CA GLU A 84 3.33 -14.26 10.49
C GLU A 84 3.76 -14.64 9.07
N MET A 85 2.91 -14.28 8.13
CA MET A 85 3.19 -14.59 6.73
C MET A 85 3.97 -13.45 6.07
N PHE A 86 3.86 -12.27 6.67
CA PHE A 86 4.54 -11.10 6.15
C PHE A 86 6.01 -11.07 6.62
N GLU A 87 6.23 -11.67 7.78
CA GLU A 87 7.57 -11.71 8.34
C GLU A 87 8.60 -12.01 7.24
N THR A 88 8.23 -12.91 6.36
CA THR A 88 9.10 -13.29 5.26
C THR A 88 9.43 -12.08 4.40
N ALA A 89 8.39 -11.30 4.10
CA ALA A 89 8.54 -10.11 3.29
C ALA A 89 9.30 -9.04 4.09
N ILE A 90 8.97 -8.97 5.37
CA ILE A 90 9.60 -8.01 6.25
C ILE A 90 11.11 -8.24 6.26
N LYS A 91 11.48 -9.47 5.91
CA LYS A 91 12.89 -9.84 5.88
C LYS A 91 13.45 -9.57 4.48
N GLU A 92 12.87 -10.26 3.51
CA GLU A 92 13.29 -10.11 2.13
C GLU A 92 13.57 -8.64 1.81
N SER A 93 12.58 -7.81 2.08
CA SER A 93 12.71 -6.38 1.84
C SER A 93 14.04 -5.87 2.39
N SER A 94 14.72 -5.07 1.58
CA SER A 94 16.00 -4.51 1.97
C SER A 94 15.90 -2.98 2.02
N GLY A 95 16.61 -2.41 2.99
CA GLY A 95 16.62 -0.97 3.16
C GLY A 95 17.62 -0.54 4.22
N PRO A 96 18.82 -0.10 3.75
CA PRO A 96 19.87 0.34 4.66
C PRO A 96 19.55 1.71 5.25
N SER A 97 19.19 2.63 4.37
CA SER A 97 18.86 3.98 4.79
C SER A 97 17.96 3.94 6.03
N SER A 98 18.43 4.59 7.08
CA SER A 98 17.68 4.64 8.32
C SER A 98 17.55 3.23 8.90
N GLY A 99 18.59 2.83 9.61
CA GLY A 99 18.61 1.51 10.23
C GLY A 99 20.00 1.18 10.76
N GLY A 1 3.19 19.23 -18.45
CA GLY A 1 1.87 18.99 -19.00
C GLY A 1 1.84 17.68 -19.79
N SER A 2 1.63 16.58 -19.08
CA SER A 2 1.59 15.27 -19.70
C SER A 2 0.99 14.25 -18.73
N SER A 3 0.71 13.07 -19.26
CA SER A 3 0.14 12.01 -18.45
C SER A 3 1.14 11.55 -17.39
N GLY A 4 0.66 10.72 -16.48
CA GLY A 4 1.50 10.20 -15.42
C GLY A 4 1.48 11.13 -14.20
N SER A 5 0.46 10.95 -13.38
CA SER A 5 0.32 11.77 -12.18
C SER A 5 1.52 11.57 -11.26
N SER A 6 2.58 12.30 -11.56
CA SER A 6 3.79 12.22 -10.78
C SER A 6 3.53 12.70 -9.35
N GLY A 7 4.51 12.47 -8.48
CA GLY A 7 4.39 12.88 -7.10
C GLY A 7 3.35 12.05 -6.36
N LEU A 8 2.11 12.16 -6.84
CA LEU A 8 1.01 11.43 -6.24
C LEU A 8 1.37 9.95 -6.16
N LYS A 9 1.70 9.38 -7.31
CA LYS A 9 2.07 7.98 -7.40
C LYS A 9 3.03 7.64 -6.25
N GLN A 10 4.16 8.34 -6.25
CA GLN A 10 5.17 8.13 -5.23
C GLN A 10 4.55 8.28 -3.84
N LYS A 11 3.89 9.41 -3.64
CA LYS A 11 3.25 9.68 -2.36
C LYS A 11 2.39 8.48 -1.95
N VAL A 12 1.46 8.14 -2.83
CA VAL A 12 0.57 7.01 -2.58
C VAL A 12 1.40 5.75 -2.39
N GLU A 13 2.40 5.59 -3.26
CA GLU A 13 3.26 4.43 -3.19
C GLU A 13 3.77 4.23 -1.76
N ASN A 14 4.26 5.31 -1.18
CA ASN A 14 4.79 5.27 0.17
C ASN A 14 3.65 4.97 1.14
N LEU A 15 2.54 5.66 0.93
CA LEU A 15 1.38 5.47 1.78
C LEU A 15 1.19 3.98 2.07
N PHE A 16 0.97 3.23 1.00
CA PHE A 16 0.77 1.80 1.12
C PHE A 16 1.92 1.15 1.89
N ASN A 17 3.12 1.66 1.64
CA ASN A 17 4.31 1.13 2.29
C ASN A 17 4.22 1.42 3.80
N GLU A 18 3.96 2.69 4.10
CA GLU A 18 3.84 3.11 5.49
C GLU A 18 2.76 2.30 6.21
N LYS A 19 1.51 2.56 5.82
CA LYS A 19 0.38 1.88 6.42
C LYS A 19 0.75 0.40 6.63
N CYS A 20 1.29 -0.20 5.58
CA CYS A 20 1.69 -1.60 5.65
C CYS A 20 2.50 -1.81 6.93
N GLY A 21 3.64 -1.14 6.98
CA GLY A 21 4.51 -1.25 8.14
C GLY A 21 3.74 -0.99 9.43
N GLU A 22 2.75 -0.12 9.33
CA GLU A 22 1.93 0.23 10.48
C GLU A 22 1.00 -0.93 10.84
N ALA A 23 0.50 -1.59 9.80
CA ALA A 23 -0.39 -2.71 9.97
C ALA A 23 0.30 -3.78 10.82
N LEU A 24 1.55 -4.05 10.46
CA LEU A 24 2.33 -5.04 11.17
C LEU A 24 2.65 -4.53 12.58
N GLY A 25 2.53 -3.23 12.75
CA GLY A 25 2.79 -2.60 14.03
C GLY A 25 4.21 -2.02 14.07
N LEU A 26 4.63 -1.47 12.94
CA LEU A 26 5.95 -0.88 12.83
C LEU A 26 5.81 0.63 12.64
N LYS A 27 6.94 1.32 12.75
CA LYS A 27 6.96 2.76 12.59
C LYS A 27 7.70 3.11 11.30
N GLN A 28 7.96 2.09 10.50
CA GLN A 28 8.67 2.28 9.24
C GLN A 28 7.78 1.84 8.07
N ALA A 29 8.33 2.00 6.87
CA ALA A 29 7.61 1.62 5.67
C ALA A 29 7.97 0.19 5.28
N VAL A 30 6.99 -0.51 4.73
CA VAL A 30 7.19 -1.89 4.32
C VAL A 30 6.53 -2.11 2.96
N LYS A 31 7.31 -2.61 2.02
CA LYS A 31 6.81 -2.88 0.68
C LYS A 31 5.52 -3.69 0.77
N VAL A 32 4.46 -3.14 0.21
CA VAL A 32 3.16 -3.79 0.23
C VAL A 32 3.22 -5.04 -0.66
N PRO A 33 3.11 -6.22 0.00
CA PRO A 33 3.15 -7.49 -0.71
C PRO A 33 1.84 -7.73 -1.46
N PHE A 34 1.65 -6.99 -2.53
CA PHE A 34 0.45 -7.12 -3.34
C PHE A 34 0.19 -8.58 -3.71
N ALA A 35 1.27 -9.36 -3.68
CA ALA A 35 1.17 -10.77 -4.02
C ALA A 35 0.47 -11.52 -2.89
N LEU A 36 0.62 -10.97 -1.69
CA LEU A 36 0.01 -11.57 -0.51
C LEU A 36 -1.49 -11.27 -0.51
N PHE A 37 -1.83 -10.10 -1.04
CA PHE A 37 -3.22 -9.68 -1.11
C PHE A 37 -3.91 -10.27 -2.34
N GLU A 38 -3.14 -10.38 -3.41
CA GLU A 38 -3.67 -10.93 -4.65
C GLU A 38 -3.99 -12.41 -4.49
N SER A 39 -3.04 -13.12 -3.91
CA SER A 39 -3.21 -14.56 -3.70
C SER A 39 -4.17 -14.80 -2.53
N PHE A 40 -4.01 -13.99 -1.48
CA PHE A 40 -4.85 -14.11 -0.31
C PHE A 40 -5.47 -12.75 0.05
N PRO A 41 -6.45 -12.33 -0.79
CA PRO A 41 -7.13 -11.07 -0.58
C PRO A 41 -8.13 -11.17 0.58
N GLU A 42 -8.49 -12.40 0.89
CA GLU A 42 -9.44 -12.66 1.96
C GLU A 42 -8.73 -12.59 3.32
N ASP A 43 -7.42 -12.79 3.27
CA ASP A 43 -6.61 -12.75 4.48
C ASP A 43 -6.02 -11.35 4.65
N PHE A 44 -5.63 -10.77 3.53
CA PHE A 44 -5.05 -9.44 3.56
C PHE A 44 -5.82 -8.48 2.64
N TYR A 45 -6.06 -7.29 3.16
CA TYR A 45 -6.78 -6.28 2.40
C TYR A 45 -6.75 -4.93 3.12
N VAL A 46 -6.93 -3.88 2.33
CA VAL A 46 -6.93 -2.54 2.88
C VAL A 46 -8.35 -1.98 2.89
N GLU A 47 -8.63 -1.18 3.90
CA GLU A 47 -9.94 -0.58 4.04
C GLU A 47 -9.84 0.94 4.12
N GLY A 48 -10.99 1.59 4.15
CA GLY A 48 -11.03 3.05 4.23
C GLY A 48 -11.03 3.66 2.82
N LEU A 49 -10.48 2.92 1.88
CA LEU A 49 -10.40 3.38 0.51
C LEU A 49 -11.73 4.02 0.13
N PRO A 50 -11.63 5.02 -0.81
CA PRO A 50 -12.81 5.72 -1.27
C PRO A 50 -13.63 4.86 -2.23
N GLU A 51 -14.90 5.22 -2.37
CA GLU A 51 -15.79 4.49 -3.25
C GLU A 51 -15.24 4.46 -4.67
N GLY A 52 -15.46 3.35 -5.34
CA GLY A 52 -14.99 3.18 -6.70
C GLY A 52 -13.46 3.26 -6.77
N VAL A 53 -12.84 3.15 -5.60
CA VAL A 53 -11.39 3.20 -5.51
C VAL A 53 -10.89 1.97 -4.75
N PRO A 54 -10.51 0.93 -5.54
CA PRO A 54 -10.00 -0.31 -4.95
C PRO A 54 -8.57 -0.12 -4.44
N PHE A 55 -8.02 -1.22 -3.94
CA PHE A 55 -6.66 -1.19 -3.42
C PHE A 55 -5.66 -1.70 -4.46
N ARG A 56 -5.95 -1.39 -5.71
CA ARG A 56 -5.09 -1.80 -6.80
C ARG A 56 -3.78 -1.01 -6.77
N ARG A 57 -2.93 -1.28 -7.75
CA ARG A 57 -1.65 -0.61 -7.85
C ARG A 57 -1.86 0.88 -8.12
N PRO A 58 -0.94 1.70 -7.55
CA PRO A 58 -1.00 3.14 -7.71
C PRO A 58 -0.56 3.55 -9.13
N SER A 59 0.04 2.60 -9.82
CA SER A 59 0.52 2.85 -11.17
C SER A 59 -0.55 2.46 -12.18
N THR A 60 -1.75 2.96 -11.95
CA THR A 60 -2.87 2.67 -12.83
C THR A 60 -4.02 3.66 -12.59
N PHE A 61 -4.27 3.91 -11.31
CA PHE A 61 -5.34 4.83 -10.93
C PHE A 61 -5.25 6.12 -11.74
N GLY A 62 -6.38 6.81 -11.79
CA GLY A 62 -6.44 8.08 -12.52
C GLY A 62 -5.69 9.17 -11.78
N ILE A 63 -5.41 10.25 -12.50
CA ILE A 63 -4.71 11.38 -11.93
C ILE A 63 -5.47 11.89 -10.70
N PRO A 64 -6.81 11.99 -10.85
CA PRO A 64 -7.66 12.45 -9.76
C PRO A 64 -7.83 11.36 -8.71
N ARG A 65 -8.08 10.15 -9.18
CA ARG A 65 -8.26 9.02 -8.28
C ARG A 65 -7.11 8.94 -7.28
N LEU A 66 -5.91 9.19 -7.79
CA LEU A 66 -4.73 9.15 -6.95
C LEU A 66 -4.95 10.04 -5.73
N GLU A 67 -5.37 11.26 -6.00
CA GLU A 67 -5.62 12.21 -4.92
C GLU A 67 -6.79 11.74 -4.06
N LYS A 68 -7.76 11.13 -4.71
CA LYS A 68 -8.94 10.63 -4.01
C LYS A 68 -8.49 9.73 -2.86
N ILE A 69 -7.48 8.92 -3.14
CA ILE A 69 -6.95 8.01 -2.14
C ILE A 69 -6.31 8.82 -1.01
N LEU A 70 -5.25 9.54 -1.37
CA LEU A 70 -4.55 10.35 -0.40
C LEU A 70 -5.55 11.05 0.53
N ARG A 71 -6.53 11.68 -0.10
CA ARG A 71 -7.57 12.38 0.65
C ARG A 71 -7.95 11.60 1.90
N ASN A 72 -8.01 10.28 1.74
CA ASN A 72 -8.35 9.41 2.85
C ASN A 72 -7.14 8.55 3.21
N LYS A 73 -6.03 9.24 3.47
CA LYS A 73 -4.80 8.56 3.84
C LYS A 73 -4.73 8.42 5.36
N ALA A 74 -5.77 8.93 6.02
CA ALA A 74 -5.83 8.86 7.47
C ALA A 74 -6.94 7.90 7.89
N LYS A 75 -7.82 7.62 6.95
CA LYS A 75 -8.93 6.71 7.20
C LYS A 75 -8.55 5.30 6.75
N ILE A 76 -7.67 5.25 5.75
CA ILE A 76 -7.22 3.99 5.22
C ILE A 76 -6.69 3.12 6.36
N LYS A 77 -6.87 1.81 6.19
CA LYS A 77 -6.42 0.87 7.21
C LYS A 77 -6.04 -0.46 6.53
N PHE A 78 -5.05 -1.11 7.10
CA PHE A 78 -4.59 -2.38 6.56
C PHE A 78 -4.93 -3.54 7.52
N ILE A 79 -5.65 -4.51 6.98
CA ILE A 79 -6.05 -5.66 7.77
C ILE A 79 -5.09 -6.82 7.49
N ILE A 80 -4.49 -7.33 8.56
CA ILE A 80 -3.56 -8.43 8.44
C ILE A 80 -4.02 -9.59 9.32
N LYS A 81 -4.44 -10.66 8.67
CA LYS A 81 -4.91 -11.84 9.37
C LYS A 81 -3.72 -12.77 9.66
N LYS A 82 -2.84 -12.85 8.67
CA LYS A 82 -1.66 -13.70 8.81
C LYS A 82 -0.40 -12.84 8.66
N PRO A 83 0.04 -12.28 9.80
CA PRO A 83 1.22 -11.43 9.82
C PRO A 83 2.49 -12.28 9.71
N GLU A 84 2.43 -13.47 10.29
CA GLU A 84 3.56 -14.38 10.27
C GLU A 84 3.97 -14.66 8.82
N MET A 85 3.06 -14.37 7.91
CA MET A 85 3.32 -14.61 6.50
C MET A 85 4.02 -13.40 5.87
N PHE A 86 3.90 -12.26 6.54
CA PHE A 86 4.52 -11.04 6.06
C PHE A 86 5.99 -10.98 6.46
N GLU A 87 6.28 -11.55 7.62
CA GLU A 87 7.64 -11.56 8.13
C GLU A 87 8.64 -11.84 6.99
N THR A 88 8.32 -12.86 6.21
CA THR A 88 9.17 -13.23 5.10
C THR A 88 9.57 -12.00 4.29
N ALA A 89 8.56 -11.23 3.89
CA ALA A 89 8.79 -10.03 3.12
C ALA A 89 9.69 -9.08 3.92
N ILE A 90 9.23 -8.73 5.11
CA ILE A 90 9.99 -7.84 5.98
C ILE A 90 11.44 -8.31 6.04
N LYS A 91 11.60 -9.62 6.15
CA LYS A 91 12.92 -10.21 6.22
C LYS A 91 13.78 -9.69 5.06
N GLU A 92 13.44 -10.16 3.87
CA GLU A 92 14.16 -9.75 2.68
C GLU A 92 14.45 -8.25 2.71
N SER A 93 13.38 -7.48 2.88
CA SER A 93 13.50 -6.03 2.94
C SER A 93 14.35 -5.63 4.14
N SER A 94 15.56 -5.17 3.85
CA SER A 94 16.48 -4.76 4.90
C SER A 94 17.02 -3.36 4.58
N GLY A 95 17.39 -2.66 5.64
CA GLY A 95 17.92 -1.32 5.50
C GLY A 95 17.40 -0.39 6.60
N PRO A 96 18.26 -0.21 7.66
CA PRO A 96 17.90 0.63 8.78
C PRO A 96 18.00 2.11 8.41
N SER A 97 17.15 2.51 7.46
CA SER A 97 17.14 3.89 7.00
C SER A 97 15.69 4.36 6.79
N SER A 98 15.52 5.67 6.88
CA SER A 98 14.20 6.25 6.70
C SER A 98 13.80 6.21 5.22
N GLY A 99 14.60 6.87 4.41
CA GLY A 99 14.34 6.92 2.98
C GLY A 99 13.88 5.55 2.47
N GLY A 1 -3.70 4.03 -20.55
CA GLY A 1 -4.02 3.81 -19.15
C GLY A 1 -3.58 5.01 -18.30
N SER A 2 -2.28 5.26 -18.30
CA SER A 2 -1.73 6.37 -17.53
C SER A 2 -0.46 6.88 -18.20
N SER A 3 -0.22 8.17 -18.04
CA SER A 3 0.96 8.80 -18.63
C SER A 3 1.33 10.05 -17.84
N GLY A 4 2.14 9.86 -16.81
CA GLY A 4 2.57 10.97 -15.98
C GLY A 4 2.06 10.81 -14.55
N SER A 5 1.13 11.69 -14.20
CA SER A 5 0.54 11.65 -12.87
C SER A 5 1.65 11.52 -11.81
N SER A 6 2.25 12.65 -11.50
CA SER A 6 3.31 12.68 -10.51
C SER A 6 2.76 13.13 -9.15
N GLY A 7 3.65 13.14 -8.16
CA GLY A 7 3.26 13.55 -6.82
C GLY A 7 2.53 12.41 -6.09
N LEU A 8 1.23 12.33 -6.35
CA LEU A 8 0.41 11.30 -5.73
C LEU A 8 1.10 9.94 -5.90
N LYS A 9 1.48 9.67 -7.13
CA LYS A 9 2.14 8.41 -7.43
C LYS A 9 3.12 8.05 -6.31
N GLN A 10 3.77 9.09 -5.79
CA GLN A 10 4.73 8.89 -4.71
C GLN A 10 4.00 8.81 -3.37
N LYS A 11 3.23 9.85 -3.08
CA LYS A 11 2.48 9.89 -1.83
C LYS A 11 1.72 8.58 -1.65
N VAL A 12 0.91 8.24 -2.65
CA VAL A 12 0.14 7.03 -2.60
C VAL A 12 1.08 5.83 -2.42
N GLU A 13 2.23 5.93 -3.07
CA GLU A 13 3.23 4.87 -2.99
C GLU A 13 3.66 4.65 -1.54
N ASN A 14 4.32 5.65 -0.98
CA ASN A 14 4.79 5.58 0.39
C ASN A 14 3.60 5.30 1.32
N LEU A 15 2.47 5.89 0.96
CA LEU A 15 1.26 5.72 1.74
C LEU A 15 1.08 4.24 2.07
N PHE A 16 0.84 3.45 1.03
CA PHE A 16 0.65 2.02 1.19
C PHE A 16 1.78 1.41 2.03
N ASN A 17 2.99 1.53 1.50
CA ASN A 17 4.16 0.99 2.18
C ASN A 17 4.07 1.31 3.67
N GLU A 18 4.05 2.60 3.96
CA GLU A 18 3.97 3.05 5.34
C GLU A 18 2.89 2.27 6.09
N LYS A 19 1.67 2.38 5.59
CA LYS A 19 0.55 1.68 6.21
C LYS A 19 0.95 0.23 6.47
N CYS A 20 1.39 -0.43 5.42
CA CYS A 20 1.80 -1.83 5.52
C CYS A 20 2.60 -1.99 6.82
N GLY A 21 3.77 -1.39 6.84
CA GLY A 21 4.65 -1.46 8.01
C GLY A 21 3.85 -1.21 9.28
N GLU A 22 2.97 -0.23 9.21
CA GLU A 22 2.14 0.12 10.36
C GLU A 22 1.19 -1.03 10.70
N ALA A 23 0.74 -1.71 9.66
CA ALA A 23 -0.18 -2.83 9.83
C ALA A 23 0.51 -3.92 10.65
N LEU A 24 1.80 -4.09 10.38
CA LEU A 24 2.57 -5.10 11.09
C LEU A 24 2.90 -4.59 12.49
N GLY A 25 2.76 -3.28 12.66
CA GLY A 25 3.04 -2.66 13.95
C GLY A 25 4.47 -2.13 14.00
N LEU A 26 4.89 -1.53 12.89
CA LEU A 26 6.23 -0.98 12.79
C LEU A 26 6.13 0.53 12.62
N LYS A 27 7.29 1.18 12.71
CA LYS A 27 7.36 2.63 12.56
C LYS A 27 7.91 2.97 11.18
N GLN A 28 8.44 1.95 10.52
CA GLN A 28 8.99 2.13 9.19
C GLN A 28 7.99 1.69 8.12
N ALA A 29 8.43 1.72 6.87
CA ALA A 29 7.58 1.33 5.76
C ALA A 29 7.94 -0.09 5.33
N VAL A 30 6.93 -0.80 4.82
CA VAL A 30 7.13 -2.16 4.37
C VAL A 30 6.40 -2.36 3.04
N LYS A 31 7.15 -2.83 2.06
CA LYS A 31 6.60 -3.07 0.73
C LYS A 31 5.20 -3.67 0.87
N VAL A 32 4.42 -3.54 -0.19
CA VAL A 32 3.07 -4.07 -0.21
C VAL A 32 3.03 -5.33 -1.06
N PRO A 33 2.89 -6.49 -0.36
CA PRO A 33 2.84 -7.77 -1.03
C PRO A 33 1.47 -7.99 -1.70
N PHE A 34 1.19 -7.13 -2.68
CA PHE A 34 -0.07 -7.21 -3.40
C PHE A 34 -0.46 -8.67 -3.64
N ALA A 35 0.54 -9.51 -3.76
CA ALA A 35 0.32 -10.93 -3.99
C ALA A 35 -0.38 -11.54 -2.77
N LEU A 36 0.27 -11.41 -1.63
CA LEU A 36 -0.27 -11.94 -0.39
C LEU A 36 -1.74 -11.53 -0.28
N PHE A 37 -2.07 -10.42 -0.89
CA PHE A 37 -3.43 -9.92 -0.87
C PHE A 37 -4.28 -10.58 -1.96
N GLU A 38 -3.67 -10.74 -3.11
CA GLU A 38 -4.35 -11.35 -4.24
C GLU A 38 -4.57 -12.85 -3.98
N SER A 39 -3.51 -13.50 -3.53
CA SER A 39 -3.58 -14.92 -3.24
C SER A 39 -4.42 -15.16 -2.00
N PHE A 40 -4.22 -14.29 -1.01
CA PHE A 40 -4.95 -14.40 0.24
C PHE A 40 -5.60 -13.06 0.61
N PRO A 41 -6.63 -12.68 -0.18
CA PRO A 41 -7.34 -11.44 0.05
C PRO A 41 -8.27 -11.55 1.26
N GLU A 42 -8.68 -12.78 1.53
CA GLU A 42 -9.57 -13.05 2.66
C GLU A 42 -8.77 -13.03 3.98
N ASP A 43 -7.48 -12.81 3.85
CA ASP A 43 -6.61 -12.76 5.00
C ASP A 43 -5.96 -11.38 5.10
N PHE A 44 -5.58 -10.85 3.95
CA PHE A 44 -4.95 -9.54 3.89
C PHE A 44 -5.70 -8.63 2.93
N TYR A 45 -6.22 -7.54 3.49
CA TYR A 45 -6.95 -6.57 2.69
C TYR A 45 -6.87 -5.18 3.31
N VAL A 46 -7.03 -4.17 2.46
CA VAL A 46 -6.97 -2.79 2.91
C VAL A 46 -8.39 -2.21 2.94
N GLU A 47 -8.60 -1.32 3.90
CA GLU A 47 -9.90 -0.69 4.07
C GLU A 47 -9.75 0.83 4.07
N GLY A 48 -10.88 1.51 4.08
CA GLY A 48 -10.90 2.97 4.08
C GLY A 48 -10.90 3.52 2.66
N LEU A 49 -10.37 2.71 1.75
CA LEU A 49 -10.30 3.11 0.35
C LEU A 49 -11.61 3.80 -0.04
N PRO A 50 -11.49 4.74 -1.02
CA PRO A 50 -12.64 5.48 -1.49
C PRO A 50 -13.53 4.60 -2.39
N GLU A 51 -14.82 4.75 -2.21
CA GLU A 51 -15.78 3.98 -2.99
C GLU A 51 -15.48 4.13 -4.49
N GLY A 52 -15.33 2.99 -5.15
CA GLY A 52 -15.04 2.98 -6.57
C GLY A 52 -13.53 2.97 -6.82
N VAL A 53 -12.78 2.91 -5.74
CA VAL A 53 -11.33 2.89 -5.82
C VAL A 53 -10.80 1.65 -5.11
N PRO A 54 -10.44 0.63 -5.95
CA PRO A 54 -9.91 -0.62 -5.41
C PRO A 54 -8.47 -0.45 -4.94
N PHE A 55 -7.95 -1.51 -4.33
CA PHE A 55 -6.59 -1.49 -3.84
C PHE A 55 -5.59 -1.89 -4.93
N ARG A 56 -5.65 -1.14 -6.02
CA ARG A 56 -4.76 -1.39 -7.15
C ARG A 56 -3.49 -0.55 -7.02
N ARG A 57 -2.61 -0.71 -7.99
CA ARG A 57 -1.35 0.03 -8.01
C ARG A 57 -1.61 1.50 -8.31
N PRO A 58 -0.76 2.37 -7.69
CA PRO A 58 -0.88 3.80 -7.89
C PRO A 58 -0.35 4.21 -9.26
N SER A 59 0.53 3.38 -9.79
CA SER A 59 1.13 3.64 -11.09
C SER A 59 0.18 3.18 -12.20
N THR A 60 -1.05 3.65 -12.12
CA THR A 60 -2.06 3.29 -13.10
C THR A 60 -3.25 4.25 -13.02
N PHE A 61 -3.66 4.55 -11.79
CA PHE A 61 -4.77 5.45 -11.57
C PHE A 61 -4.57 6.77 -12.32
N GLY A 62 -5.59 7.60 -12.25
CA GLY A 62 -5.55 8.90 -12.91
C GLY A 62 -4.97 9.97 -11.98
N ILE A 63 -4.90 11.19 -12.50
CA ILE A 63 -4.37 12.31 -11.74
C ILE A 63 -5.33 12.62 -10.58
N PRO A 64 -6.65 12.64 -10.91
CA PRO A 64 -7.66 12.93 -9.91
C PRO A 64 -7.87 11.72 -8.99
N ARG A 65 -8.12 10.58 -9.61
CA ARG A 65 -8.34 9.35 -8.87
C ARG A 65 -7.25 9.16 -7.81
N LEU A 66 -6.05 9.59 -8.18
CA LEU A 66 -4.91 9.48 -7.28
C LEU A 66 -5.20 10.26 -6.00
N GLU A 67 -5.47 11.55 -6.19
CA GLU A 67 -5.76 12.42 -5.06
C GLU A 67 -6.91 11.85 -4.23
N LYS A 68 -7.88 11.26 -4.93
CA LYS A 68 -9.03 10.67 -4.27
C LYS A 68 -8.55 9.73 -3.17
N ILE A 69 -7.48 9.01 -3.46
CA ILE A 69 -6.93 8.07 -2.51
C ILE A 69 -6.36 8.85 -1.31
N LEU A 70 -5.46 9.76 -1.61
CA LEU A 70 -4.84 10.56 -0.58
C LEU A 70 -5.91 11.04 0.40
N ARG A 71 -6.98 11.59 -0.15
CA ARG A 71 -8.08 12.08 0.67
C ARG A 71 -8.32 11.13 1.85
N ASN A 72 -8.14 9.84 1.59
CA ASN A 72 -8.34 8.84 2.62
C ASN A 72 -6.99 8.19 2.95
N LYS A 73 -6.04 9.03 3.30
CA LYS A 73 -4.70 8.55 3.64
C LYS A 73 -4.66 8.18 5.13
N ALA A 74 -5.56 8.79 5.88
CA ALA A 74 -5.64 8.54 7.31
C ALA A 74 -6.70 7.47 7.57
N LYS A 75 -7.80 7.56 6.83
CA LYS A 75 -8.88 6.61 6.99
C LYS A 75 -8.39 5.21 6.58
N ILE A 76 -7.65 5.18 5.48
CA ILE A 76 -7.12 3.92 4.99
C ILE A 76 -6.56 3.11 6.16
N LYS A 77 -6.81 1.81 6.11
CA LYS A 77 -6.34 0.92 7.15
C LYS A 77 -6.09 -0.47 6.56
N PHE A 78 -5.01 -1.09 7.02
CA PHE A 78 -4.65 -2.42 6.54
C PHE A 78 -5.02 -3.48 7.58
N ILE A 79 -5.55 -4.59 7.07
CA ILE A 79 -5.93 -5.70 7.93
C ILE A 79 -4.99 -6.87 7.70
N ILE A 80 -4.36 -7.30 8.79
CA ILE A 80 -3.43 -8.41 8.72
C ILE A 80 -3.90 -9.52 9.67
N LYS A 81 -4.33 -10.63 9.08
CA LYS A 81 -4.80 -11.76 9.85
C LYS A 81 -3.62 -12.67 10.19
N LYS A 82 -2.71 -12.77 9.24
CA LYS A 82 -1.52 -13.60 9.43
C LYS A 82 -0.27 -12.78 9.14
N PRO A 83 0.27 -12.14 10.21
CA PRO A 83 1.46 -11.32 10.08
C PRO A 83 2.71 -12.18 9.93
N GLU A 84 2.62 -13.39 10.47
CA GLU A 84 3.73 -14.32 10.40
C GLU A 84 4.08 -14.63 8.94
N MET A 85 3.08 -14.50 8.09
CA MET A 85 3.27 -14.76 6.68
C MET A 85 3.88 -13.54 5.98
N PHE A 86 3.92 -12.44 6.70
CA PHE A 86 4.48 -11.21 6.16
C PHE A 86 5.95 -11.07 6.53
N GLU A 87 6.29 -11.56 7.71
CA GLU A 87 7.66 -11.50 8.19
C GLU A 87 8.62 -11.85 7.06
N THR A 88 8.24 -12.82 6.25
CA THR A 88 9.05 -13.25 5.13
C THR A 88 9.38 -12.06 4.23
N ALA A 89 8.36 -11.24 3.98
CA ALA A 89 8.54 -10.08 3.14
C ALA A 89 9.33 -9.02 3.90
N ILE A 90 8.97 -8.83 5.16
CA ILE A 90 9.65 -7.85 6.00
C ILE A 90 11.16 -8.13 5.98
N LYS A 91 11.49 -9.40 5.79
CA LYS A 91 12.88 -9.82 5.75
C LYS A 91 13.44 -9.57 4.34
N GLU A 92 12.82 -10.22 3.37
CA GLU A 92 13.26 -10.09 1.99
C GLU A 92 13.55 -8.61 1.67
N SER A 93 12.57 -7.77 1.96
CA SER A 93 12.71 -6.35 1.71
C SER A 93 14.07 -5.85 2.22
N SER A 94 14.26 -6.01 3.53
CA SER A 94 15.50 -5.59 4.16
C SER A 94 16.13 -6.76 4.90
N GLY A 95 17.11 -7.38 4.26
CA GLY A 95 17.80 -8.50 4.85
C GLY A 95 18.87 -8.05 5.83
N PRO A 96 18.64 -8.37 7.13
CA PRO A 96 19.58 -7.99 8.18
C PRO A 96 20.83 -8.87 8.14
N SER A 97 21.97 -8.22 8.25
CA SER A 97 23.24 -8.93 8.23
C SER A 97 23.39 -9.69 6.91
N SER A 98 24.34 -9.23 6.11
CA SER A 98 24.60 -9.85 4.81
C SER A 98 25.83 -10.75 4.90
N GLY A 99 25.57 -12.05 5.06
CA GLY A 99 26.64 -13.02 5.17
C GLY A 99 26.33 -14.07 6.23
N GLY A 1 7.96 20.72 -6.14
CA GLY A 1 7.09 19.65 -6.58
C GLY A 1 7.09 19.52 -8.10
N SER A 2 7.08 18.28 -8.56
CA SER A 2 7.08 18.01 -9.99
C SER A 2 5.65 18.02 -10.53
N SER A 3 5.39 18.96 -11.42
CA SER A 3 4.07 19.09 -12.02
C SER A 3 3.85 17.97 -13.04
N GLY A 4 2.82 17.18 -12.80
CA GLY A 4 2.49 16.09 -13.68
C GLY A 4 1.90 14.91 -12.90
N SER A 5 1.58 13.85 -13.63
CA SER A 5 1.01 12.66 -13.02
C SER A 5 2.13 11.74 -12.55
N SER A 6 2.77 12.13 -11.46
CA SER A 6 3.86 11.34 -10.89
C SER A 6 3.90 11.52 -9.38
N GLY A 7 4.09 12.76 -8.96
CA GLY A 7 4.15 13.07 -7.55
C GLY A 7 3.12 12.27 -6.76
N LEU A 8 1.86 12.42 -7.15
CA LEU A 8 0.77 11.72 -6.50
C LEU A 8 1.13 10.24 -6.38
N LYS A 9 1.54 9.67 -7.50
CA LYS A 9 1.92 8.27 -7.53
C LYS A 9 2.96 8.00 -6.44
N GLN A 10 4.07 8.71 -6.54
CA GLN A 10 5.15 8.56 -5.59
C GLN A 10 4.61 8.69 -4.16
N LYS A 11 3.72 9.65 -3.98
CA LYS A 11 3.12 9.89 -2.67
C LYS A 11 2.28 8.68 -2.28
N VAL A 12 1.40 8.29 -3.19
CA VAL A 12 0.53 7.15 -2.95
C VAL A 12 1.38 5.89 -2.76
N GLU A 13 2.54 5.90 -3.40
CA GLU A 13 3.45 4.78 -3.31
C GLU A 13 3.91 4.58 -1.86
N ASN A 14 4.50 5.63 -1.31
CA ASN A 14 4.98 5.58 0.05
C ASN A 14 3.80 5.35 1.00
N LEU A 15 2.65 5.87 0.61
CA LEU A 15 1.45 5.73 1.41
C LEU A 15 1.25 4.24 1.75
N PHE A 16 0.87 3.48 0.73
CA PHE A 16 0.64 2.06 0.92
C PHE A 16 1.75 1.42 1.74
N ASN A 17 2.97 1.53 1.23
CA ASN A 17 4.13 0.97 1.90
C ASN A 17 4.04 1.28 3.39
N GLU A 18 4.13 2.56 3.71
CA GLU A 18 4.06 3.00 5.09
C GLU A 18 2.95 2.25 5.83
N LYS A 19 1.73 2.45 5.36
CA LYS A 19 0.58 1.80 5.96
C LYS A 19 0.94 0.35 6.31
N CYS A 20 1.48 -0.34 5.32
CA CYS A 20 1.87 -1.73 5.51
C CYS A 20 2.56 -1.85 6.88
N GLY A 21 3.73 -1.24 6.97
CA GLY A 21 4.51 -1.27 8.20
C GLY A 21 3.61 -0.99 9.41
N GLU A 22 2.71 -0.03 9.22
CA GLU A 22 1.79 0.34 10.29
C GLU A 22 0.84 -0.81 10.60
N ALA A 23 0.49 -1.54 9.56
CA ALA A 23 -0.41 -2.68 9.71
C ALA A 23 0.22 -3.70 10.66
N LEU A 24 1.51 -3.93 10.46
CA LEU A 24 2.24 -4.88 11.29
C LEU A 24 2.46 -4.27 12.67
N GLY A 25 2.22 -2.97 12.77
CA GLY A 25 2.38 -2.27 14.03
C GLY A 25 3.81 -1.71 14.16
N LEU A 26 4.34 -1.26 13.04
CA LEU A 26 5.68 -0.70 13.00
C LEU A 26 5.60 0.81 12.73
N LYS A 27 6.74 1.46 12.91
CA LYS A 27 6.81 2.89 12.69
C LYS A 27 7.61 3.17 11.41
N GLN A 28 7.83 2.10 10.64
CA GLN A 28 8.59 2.21 9.41
C GLN A 28 7.75 1.72 8.23
N ALA A 29 8.34 1.76 7.05
CA ALA A 29 7.67 1.34 5.85
C ALA A 29 7.97 -0.15 5.60
N VAL A 30 7.07 -0.78 4.87
CA VAL A 30 7.21 -2.20 4.56
C VAL A 30 6.54 -2.49 3.22
N LYS A 31 7.33 -3.04 2.30
CA LYS A 31 6.83 -3.37 0.98
C LYS A 31 5.42 -3.95 1.11
N VAL A 32 4.64 -3.78 0.05
CA VAL A 32 3.28 -4.28 0.04
C VAL A 32 3.21 -5.53 -0.84
N PRO A 33 2.99 -6.69 -0.17
CA PRO A 33 2.90 -7.95 -0.87
C PRO A 33 1.57 -8.08 -1.61
N PHE A 34 1.39 -7.21 -2.59
CA PHE A 34 0.16 -7.20 -3.38
C PHE A 34 -0.30 -8.64 -3.69
N ALA A 35 0.68 -9.51 -3.86
CA ALA A 35 0.40 -10.90 -4.15
C ALA A 35 -0.46 -11.49 -3.03
N LEU A 36 0.04 -11.36 -1.81
CA LEU A 36 -0.67 -11.87 -0.65
C LEU A 36 -2.13 -11.44 -0.73
N PHE A 37 -2.34 -10.18 -1.08
CA PHE A 37 -3.68 -9.64 -1.20
C PHE A 37 -4.42 -10.28 -2.37
N GLU A 38 -3.66 -10.75 -3.34
CA GLU A 38 -4.22 -11.38 -4.51
C GLU A 38 -4.45 -12.87 -4.26
N SER A 39 -3.37 -13.56 -3.92
CA SER A 39 -3.45 -14.98 -3.65
C SER A 39 -4.23 -15.23 -2.36
N PHE A 40 -4.04 -14.33 -1.40
CA PHE A 40 -4.71 -14.44 -0.13
C PHE A 40 -5.47 -13.14 0.21
N PRO A 41 -6.57 -12.91 -0.55
CA PRO A 41 -7.39 -11.72 -0.34
C PRO A 41 -8.23 -11.85 0.92
N GLU A 42 -8.52 -13.10 1.28
CA GLU A 42 -9.32 -13.37 2.46
C GLU A 42 -8.42 -13.43 3.71
N ASP A 43 -7.52 -12.47 3.80
CA ASP A 43 -6.60 -12.41 4.92
C ASP A 43 -5.92 -11.04 4.93
N PHE A 44 -5.46 -10.64 3.76
CA PHE A 44 -4.78 -9.35 3.61
C PHE A 44 -5.58 -8.41 2.72
N TYR A 45 -6.03 -7.32 3.32
CA TYR A 45 -6.80 -6.32 2.58
C TYR A 45 -6.75 -4.96 3.29
N VAL A 46 -6.87 -3.92 2.49
CA VAL A 46 -6.84 -2.56 3.01
C VAL A 46 -8.26 -1.99 2.99
N GLU A 47 -8.66 -1.43 4.13
CA GLU A 47 -9.97 -0.84 4.25
C GLU A 47 -9.87 0.67 4.38
N GLY A 48 -11.02 1.33 4.32
CA GLY A 48 -11.07 2.78 4.44
C GLY A 48 -11.10 3.43 3.05
N LEU A 49 -10.46 2.77 2.11
CA LEU A 49 -10.40 3.27 0.74
C LEU A 49 -11.76 3.85 0.36
N PRO A 50 -11.72 4.86 -0.55
CA PRO A 50 -12.94 5.51 -1.00
C PRO A 50 -13.70 4.62 -1.98
N GLU A 51 -14.99 4.92 -2.15
CA GLU A 51 -15.83 4.16 -3.05
C GLU A 51 -15.26 4.20 -4.47
N GLY A 52 -15.41 3.08 -5.15
CA GLY A 52 -14.93 2.97 -6.52
C GLY A 52 -13.40 3.13 -6.58
N VAL A 53 -12.79 3.02 -5.41
CA VAL A 53 -11.34 3.16 -5.31
C VAL A 53 -10.78 1.96 -4.56
N PRO A 54 -10.39 0.91 -5.33
CA PRO A 54 -9.83 -0.30 -4.74
C PRO A 54 -8.39 -0.06 -4.27
N PHE A 55 -7.80 -1.11 -3.72
CA PHE A 55 -6.44 -1.04 -3.23
C PHE A 55 -5.45 -1.47 -4.31
N ARG A 56 -5.75 -1.07 -5.54
CA ARG A 56 -4.90 -1.41 -6.67
C ARG A 56 -3.60 -0.60 -6.61
N ARG A 57 -2.73 -0.87 -7.58
CA ARG A 57 -1.46 -0.17 -7.64
C ARG A 57 -1.66 1.32 -7.93
N PRO A 58 -0.76 2.15 -7.37
CA PRO A 58 -0.84 3.59 -7.56
C PRO A 58 -0.38 3.98 -8.97
N SER A 59 0.67 3.31 -9.43
CA SER A 59 1.20 3.58 -10.75
C SER A 59 0.26 3.02 -11.82
N THR A 60 -0.97 3.51 -11.78
CA THR A 60 -1.97 3.07 -12.75
C THR A 60 -3.21 3.96 -12.66
N PHE A 61 -3.59 4.29 -11.44
CA PHE A 61 -4.75 5.13 -11.20
C PHE A 61 -4.64 6.43 -12.00
N GLY A 62 -5.68 7.25 -11.88
CA GLY A 62 -5.72 8.53 -12.57
C GLY A 62 -5.18 9.65 -11.69
N ILE A 63 -5.05 10.82 -12.29
CA ILE A 63 -4.54 11.99 -11.56
C ILE A 63 -5.48 12.30 -10.40
N PRO A 64 -6.81 12.26 -10.71
CA PRO A 64 -7.82 12.55 -9.71
C PRO A 64 -7.97 11.39 -8.74
N ARG A 65 -8.19 10.21 -9.31
CA ARG A 65 -8.36 9.00 -8.51
C ARG A 65 -7.24 8.89 -7.48
N LEU A 66 -6.06 9.35 -7.88
CA LEU A 66 -4.91 9.32 -7.00
C LEU A 66 -5.20 10.14 -5.74
N GLU A 67 -5.58 11.38 -5.96
CA GLU A 67 -5.89 12.28 -4.85
C GLU A 67 -7.03 11.71 -4.02
N LYS A 68 -7.97 11.08 -4.70
CA LYS A 68 -9.11 10.49 -4.04
C LYS A 68 -8.63 9.59 -2.90
N ILE A 69 -7.57 8.84 -3.19
CA ILE A 69 -7.00 7.94 -2.21
C ILE A 69 -6.33 8.75 -1.11
N LEU A 70 -5.34 9.55 -1.51
CA LEU A 70 -4.61 10.38 -0.57
C LEU A 70 -5.60 11.04 0.40
N ARG A 71 -6.65 11.59 -0.17
CA ARG A 71 -7.68 12.25 0.62
C ARG A 71 -8.00 11.43 1.87
N ASN A 72 -8.10 10.12 1.67
CA ASN A 72 -8.39 9.22 2.76
C ASN A 72 -7.15 8.39 3.09
N LYS A 73 -6.06 9.10 3.33
CA LYS A 73 -4.81 8.44 3.65
C LYS A 73 -4.74 8.18 5.15
N ALA A 74 -5.72 8.73 5.86
CA ALA A 74 -5.79 8.56 7.31
C ALA A 74 -6.89 7.56 7.64
N LYS A 75 -7.88 7.50 6.76
CA LYS A 75 -8.99 6.58 6.96
C LYS A 75 -8.58 5.18 6.54
N ILE A 76 -7.75 5.12 5.51
CA ILE A 76 -7.28 3.85 5.00
C ILE A 76 -6.67 3.05 6.14
N LYS A 77 -6.81 1.72 6.03
CA LYS A 77 -6.28 0.84 7.05
C LYS A 77 -5.91 -0.50 6.40
N PHE A 78 -4.86 -1.11 6.94
CA PHE A 78 -4.39 -2.38 6.43
C PHE A 78 -4.72 -3.52 7.40
N ILE A 79 -5.49 -4.47 6.91
CA ILE A 79 -5.88 -5.61 7.72
C ILE A 79 -4.91 -6.76 7.47
N ILE A 80 -4.37 -7.29 8.56
CA ILE A 80 -3.43 -8.39 8.47
C ILE A 80 -3.87 -9.52 9.41
N LYS A 81 -4.30 -10.62 8.80
CA LYS A 81 -4.76 -11.77 9.57
C LYS A 81 -3.64 -12.80 9.65
N LYS A 82 -2.67 -12.64 8.76
CA LYS A 82 -1.53 -13.55 8.73
C LYS A 82 -0.24 -12.74 8.67
N PRO A 83 0.19 -12.27 9.87
CA PRO A 83 1.41 -11.48 9.97
C PRO A 83 2.65 -12.36 9.84
N GLU A 84 2.48 -13.62 10.22
CA GLU A 84 3.57 -14.57 10.15
C GLU A 84 4.04 -14.74 8.70
N MET A 85 3.10 -14.57 7.78
CA MET A 85 3.41 -14.70 6.37
C MET A 85 4.10 -13.44 5.84
N PHE A 86 3.90 -12.35 6.57
CA PHE A 86 4.50 -11.09 6.18
C PHE A 86 5.98 -11.03 6.57
N GLU A 87 6.30 -11.76 7.64
CA GLU A 87 7.66 -11.80 8.13
C GLU A 87 8.65 -11.98 6.96
N THR A 88 8.29 -12.90 6.07
CA THR A 88 9.12 -13.16 4.91
C THR A 88 9.37 -11.88 4.12
N ALA A 89 8.32 -11.09 4.00
CA ALA A 89 8.41 -9.83 3.26
C ALA A 89 9.20 -8.83 4.10
N ILE A 90 8.96 -8.86 5.40
CA ILE A 90 9.63 -7.95 6.31
C ILE A 90 11.13 -8.25 6.30
N LYS A 91 11.45 -9.49 5.98
CA LYS A 91 12.85 -9.92 5.92
C LYS A 91 13.47 -9.43 4.61
N GLU A 92 12.93 -9.92 3.52
CA GLU A 92 13.42 -9.54 2.20
C GLU A 92 12.73 -8.25 1.73
N SER A 93 12.64 -7.29 2.64
CA SER A 93 12.02 -6.02 2.33
C SER A 93 12.84 -5.28 1.27
N SER A 94 12.22 -5.10 0.11
CA SER A 94 12.87 -4.42 -0.99
C SER A 94 12.46 -2.95 -1.01
N GLY A 95 11.19 -2.71 -0.70
CA GLY A 95 10.66 -1.36 -0.68
C GLY A 95 10.35 -0.87 -2.09
N PRO A 96 10.52 0.47 -2.28
CA PRO A 96 10.27 1.08 -3.59
C PRO A 96 11.39 0.75 -4.57
N SER A 97 11.15 -0.26 -5.39
CA SER A 97 12.13 -0.68 -6.38
C SER A 97 13.41 -1.16 -5.68
N SER A 98 14.24 -0.20 -5.33
CA SER A 98 15.50 -0.52 -4.66
C SER A 98 15.74 0.47 -3.52
N GLY A 99 16.24 -0.06 -2.41
CA GLY A 99 16.52 0.75 -1.23
C GLY A 99 18.03 0.87 -1.01
N GLY A 1 0.99 5.35 -21.99
CA GLY A 1 -0.06 4.99 -21.04
C GLY A 1 -0.87 6.21 -20.63
N SER A 2 -0.32 6.98 -19.71
CA SER A 2 -0.98 8.18 -19.22
C SER A 2 0.00 9.05 -18.45
N SER A 3 0.86 9.73 -19.19
CA SER A 3 1.86 10.59 -18.59
C SER A 3 1.20 11.88 -18.10
N GLY A 4 0.88 11.89 -16.82
CA GLY A 4 0.24 13.06 -16.21
C GLY A 4 0.87 13.38 -14.86
N SER A 5 0.42 12.64 -13.85
CA SER A 5 0.93 12.84 -12.49
C SER A 5 2.24 12.06 -12.31
N SER A 6 2.89 12.31 -11.18
CA SER A 6 4.13 11.64 -10.87
C SER A 6 4.38 11.66 -9.35
N GLY A 7 4.17 12.83 -8.77
CA GLY A 7 4.36 12.98 -7.34
C GLY A 7 3.35 12.16 -6.55
N LEU A 8 2.08 12.43 -6.82
CA LEU A 8 0.99 11.72 -6.15
C LEU A 8 1.37 10.23 -6.03
N LYS A 9 1.67 9.64 -7.17
CA LYS A 9 2.03 8.23 -7.22
C LYS A 9 3.02 7.94 -6.08
N GLN A 10 4.14 8.64 -6.12
CA GLN A 10 5.17 8.46 -5.10
C GLN A 10 4.56 8.57 -3.70
N LYS A 11 3.79 9.63 -3.51
CA LYS A 11 3.15 9.88 -2.24
C LYS A 11 2.26 8.67 -1.89
N VAL A 12 1.52 8.21 -2.88
CA VAL A 12 0.63 7.08 -2.69
C VAL A 12 1.47 5.82 -2.47
N GLU A 13 2.63 5.78 -3.10
CA GLU A 13 3.53 4.64 -2.98
C GLU A 13 3.95 4.46 -1.51
N ASN A 14 4.41 5.55 -0.93
CA ASN A 14 4.85 5.53 0.46
C ASN A 14 3.64 5.27 1.36
N LEU A 15 2.53 5.88 0.99
CA LEU A 15 1.30 5.73 1.76
C LEU A 15 1.11 4.25 2.12
N PHE A 16 0.84 3.46 1.08
CA PHE A 16 0.63 2.03 1.27
C PHE A 16 1.76 1.42 2.11
N ASN A 17 2.96 1.51 1.56
CA ASN A 17 4.13 0.96 2.24
C ASN A 17 4.04 1.27 3.73
N GLU A 18 4.03 2.56 4.04
CA GLU A 18 3.95 2.99 5.42
C GLU A 18 2.82 2.26 6.14
N LYS A 19 1.64 2.33 5.56
CA LYS A 19 0.47 1.68 6.13
C LYS A 19 0.83 0.23 6.50
N CYS A 20 1.56 -0.40 5.59
CA CYS A 20 1.98 -1.78 5.81
C CYS A 20 2.86 -1.83 7.05
N GLY A 21 3.96 -1.09 7.00
CA GLY A 21 4.89 -1.05 8.11
C GLY A 21 4.17 -0.61 9.40
N GLU A 22 3.06 0.07 9.21
CA GLU A 22 2.28 0.55 10.34
C GLU A 22 1.35 -0.56 10.86
N ALA A 23 0.86 -1.35 9.92
CA ALA A 23 -0.03 -2.45 10.25
C ALA A 23 0.69 -3.42 11.20
N LEU A 24 1.94 -3.70 10.87
CA LEU A 24 2.75 -4.60 11.67
C LEU A 24 3.04 -3.94 13.02
N GLY A 25 2.90 -2.63 13.05
CA GLY A 25 3.15 -1.88 14.27
C GLY A 25 4.54 -1.27 14.27
N LEU A 26 4.91 -0.70 13.11
CA LEU A 26 6.20 -0.08 12.96
C LEU A 26 6.02 1.35 12.44
N LYS A 27 7.12 2.08 12.44
CA LYS A 27 7.10 3.46 11.97
C LYS A 27 7.93 3.57 10.69
N GLN A 28 8.08 2.43 10.02
CA GLN A 28 8.85 2.38 8.79
C GLN A 28 7.97 1.94 7.63
N ALA A 29 8.52 2.02 6.43
CA ALA A 29 7.79 1.62 5.23
C ALA A 29 8.14 0.18 4.89
N VAL A 30 7.28 -0.43 4.09
CA VAL A 30 7.48 -1.81 3.67
C VAL A 30 6.62 -2.10 2.44
N LYS A 31 7.29 -2.46 1.36
CA LYS A 31 6.61 -2.77 0.11
C LYS A 31 5.34 -3.54 0.41
N VAL A 32 4.35 -3.35 -0.44
CA VAL A 32 3.06 -4.02 -0.27
C VAL A 32 3.01 -5.23 -1.21
N PRO A 33 3.05 -6.44 -0.58
CA PRO A 33 3.00 -7.67 -1.36
C PRO A 33 1.58 -7.94 -1.86
N PHE A 34 1.22 -7.22 -2.92
CA PHE A 34 -0.09 -7.37 -3.51
C PHE A 34 -0.37 -8.83 -3.88
N ALA A 35 0.71 -9.60 -3.96
CA ALA A 35 0.59 -11.01 -4.29
C ALA A 35 0.04 -11.78 -3.10
N LEU A 36 0.20 -11.17 -1.92
CA LEU A 36 -0.28 -11.78 -0.70
C LEU A 36 -1.79 -11.53 -0.56
N PHE A 37 -2.20 -10.34 -0.98
CA PHE A 37 -3.59 -9.95 -0.91
C PHE A 37 -4.39 -10.56 -2.08
N GLU A 38 -3.72 -10.63 -3.22
CA GLU A 38 -4.34 -11.17 -4.42
C GLU A 38 -4.68 -12.65 -4.20
N SER A 39 -3.70 -13.39 -3.68
CA SER A 39 -3.89 -14.80 -3.43
C SER A 39 -4.73 -15.01 -2.17
N PHE A 40 -4.47 -14.17 -1.18
CA PHE A 40 -5.20 -14.24 0.08
C PHE A 40 -5.80 -12.88 0.44
N PRO A 41 -6.84 -12.48 -0.34
CA PRO A 41 -7.52 -11.21 -0.11
C PRO A 41 -8.42 -11.29 1.12
N GLU A 42 -8.83 -12.50 1.44
CA GLU A 42 -9.69 -12.73 2.59
C GLU A 42 -8.95 -12.43 3.89
N ASP A 43 -7.71 -12.90 3.94
CA ASP A 43 -6.87 -12.68 5.12
C ASP A 43 -6.32 -11.25 5.08
N PHE A 44 -5.69 -10.92 3.97
CA PHE A 44 -5.11 -9.60 3.80
C PHE A 44 -5.98 -8.73 2.89
N TYR A 45 -6.12 -7.47 3.29
CA TYR A 45 -6.92 -6.53 2.54
C TYR A 45 -6.91 -5.15 3.18
N VAL A 46 -7.09 -4.13 2.34
CA VAL A 46 -7.09 -2.76 2.81
C VAL A 46 -8.52 -2.23 2.81
N GLU A 47 -8.89 -1.59 3.91
CA GLU A 47 -10.22 -1.03 4.05
C GLU A 47 -10.15 0.49 4.20
N GLY A 48 -11.28 1.13 3.99
CA GLY A 48 -11.37 2.58 4.11
C GLY A 48 -11.28 3.24 2.73
N LEU A 49 -10.72 2.50 1.79
CA LEU A 49 -10.56 3.01 0.43
C LEU A 49 -11.84 3.72 0.01
N PRO A 50 -11.68 4.73 -0.89
CA PRO A 50 -12.81 5.49 -1.38
C PRO A 50 -13.63 4.68 -2.38
N GLU A 51 -14.87 5.12 -2.58
CA GLU A 51 -15.76 4.45 -3.51
C GLU A 51 -15.15 4.42 -4.91
N GLY A 52 -15.42 3.33 -5.62
CA GLY A 52 -14.90 3.17 -6.96
C GLY A 52 -13.37 3.25 -6.99
N VAL A 53 -12.79 3.08 -5.81
CA VAL A 53 -11.34 3.12 -5.68
C VAL A 53 -10.87 1.88 -4.91
N PRO A 54 -10.52 0.82 -5.69
CA PRO A 54 -10.05 -0.42 -5.10
C PRO A 54 -8.62 -0.28 -4.59
N PHE A 55 -8.10 -1.37 -4.07
CA PHE A 55 -6.74 -1.39 -3.54
C PHE A 55 -5.75 -1.87 -4.59
N ARG A 56 -5.80 -1.23 -5.75
CA ARG A 56 -4.92 -1.58 -6.84
C ARG A 56 -3.59 -0.81 -6.73
N ARG A 57 -2.71 -1.08 -7.68
CA ARG A 57 -1.41 -0.44 -7.69
C ARG A 57 -1.57 1.07 -7.97
N PRO A 58 -0.65 1.87 -7.37
CA PRO A 58 -0.69 3.30 -7.55
C PRO A 58 -0.18 3.70 -8.95
N SER A 59 0.57 2.78 -9.55
CA SER A 59 1.11 3.02 -10.87
C SER A 59 0.08 2.67 -11.94
N THR A 60 -1.12 3.19 -11.75
CA THR A 60 -2.21 2.95 -12.68
C THR A 60 -3.30 4.00 -12.52
N PHE A 61 -3.62 4.29 -11.26
CA PHE A 61 -4.65 5.27 -10.96
C PHE A 61 -4.42 6.56 -11.75
N GLY A 62 -5.45 7.40 -11.78
CA GLY A 62 -5.37 8.66 -12.49
C GLY A 62 -4.81 9.76 -11.58
N ILE A 63 -4.80 10.97 -12.11
CA ILE A 63 -4.31 12.11 -11.37
C ILE A 63 -5.23 12.39 -10.18
N PRO A 64 -6.55 12.36 -10.46
CA PRO A 64 -7.54 12.59 -9.43
C PRO A 64 -7.68 11.39 -8.52
N ARG A 65 -7.92 10.23 -9.13
CA ARG A 65 -8.07 9.00 -8.39
C ARG A 65 -6.92 8.84 -7.38
N LEU A 66 -5.77 9.35 -7.77
CA LEU A 66 -4.59 9.27 -6.93
C LEU A 66 -4.84 10.05 -5.64
N GLU A 67 -5.32 11.27 -5.81
CA GLU A 67 -5.60 12.13 -4.68
C GLU A 67 -6.78 11.59 -3.88
N LYS A 68 -7.76 11.07 -4.61
CA LYS A 68 -8.95 10.52 -3.99
C LYS A 68 -8.54 9.61 -2.83
N ILE A 69 -7.48 8.85 -3.06
CA ILE A 69 -6.97 7.94 -2.05
C ILE A 69 -6.35 8.74 -0.91
N LEU A 70 -5.34 9.53 -1.26
CA LEU A 70 -4.66 10.36 -0.27
C LEU A 70 -5.70 11.02 0.64
N ARG A 71 -6.73 11.55 0.02
CA ARG A 71 -7.79 12.21 0.76
C ARG A 71 -8.24 11.35 1.93
N ASN A 72 -8.26 10.04 1.70
CA ASN A 72 -8.66 9.10 2.73
C ASN A 72 -7.49 8.17 3.04
N LYS A 73 -6.36 8.78 3.35
CA LYS A 73 -5.16 8.02 3.67
C LYS A 73 -5.22 7.59 5.14
N ALA A 74 -5.84 8.43 5.95
CA ALA A 74 -5.97 8.15 7.37
C ALA A 74 -7.12 7.15 7.58
N LYS A 75 -8.16 7.32 6.78
CA LYS A 75 -9.32 6.45 6.86
C LYS A 75 -8.92 5.03 6.46
N ILE A 76 -8.08 4.95 5.45
CA ILE A 76 -7.61 3.67 4.95
C ILE A 76 -7.05 2.86 6.12
N LYS A 77 -7.13 1.54 5.99
CA LYS A 77 -6.64 0.64 7.01
C LYS A 77 -6.19 -0.67 6.37
N PHE A 78 -5.15 -1.25 6.95
CA PHE A 78 -4.61 -2.50 6.44
C PHE A 78 -4.90 -3.65 7.41
N ILE A 79 -5.65 -4.63 6.91
CA ILE A 79 -6.00 -5.78 7.72
C ILE A 79 -5.01 -6.91 7.44
N ILE A 80 -4.51 -7.50 8.51
CA ILE A 80 -3.56 -8.59 8.40
C ILE A 80 -3.95 -9.71 9.37
N LYS A 81 -4.38 -10.83 8.80
CA LYS A 81 -4.78 -11.97 9.60
C LYS A 81 -3.63 -12.98 9.67
N LYS A 82 -2.72 -12.85 8.70
CA LYS A 82 -1.57 -13.73 8.64
C LYS A 82 -0.29 -12.89 8.56
N PRO A 83 0.11 -12.35 9.74
CA PRO A 83 1.31 -11.53 9.81
C PRO A 83 2.57 -12.40 9.74
N GLU A 84 2.39 -13.68 10.04
CA GLU A 84 3.50 -14.62 10.01
C GLU A 84 3.93 -14.88 8.56
N MET A 85 2.99 -14.69 7.65
CA MET A 85 3.26 -14.90 6.24
C MET A 85 3.83 -13.63 5.59
N PHE A 86 3.77 -12.55 6.35
CA PHE A 86 4.27 -11.27 5.85
C PHE A 86 5.74 -11.07 6.24
N GLU A 87 6.14 -11.76 7.30
CA GLU A 87 7.50 -11.67 7.78
C GLU A 87 8.48 -11.65 6.59
N THR A 88 8.26 -12.58 5.67
CA THR A 88 9.11 -12.68 4.50
C THR A 88 9.27 -11.31 3.84
N ALA A 89 8.16 -10.60 3.76
CA ALA A 89 8.16 -9.26 3.16
C ALA A 89 8.91 -8.30 4.07
N ILE A 90 8.38 -8.13 5.27
CA ILE A 90 8.98 -7.24 6.25
C ILE A 90 10.50 -7.41 6.20
N LYS A 91 10.93 -8.66 6.10
CA LYS A 91 12.35 -8.96 6.06
C LYS A 91 12.97 -8.27 4.84
N GLU A 92 12.74 -8.87 3.68
CA GLU A 92 13.27 -8.33 2.43
C GLU A 92 13.08 -6.81 2.40
N SER A 93 11.82 -6.40 2.31
CA SER A 93 11.50 -4.98 2.27
C SER A 93 12.50 -4.24 1.39
N SER A 94 12.17 -4.18 0.11
CA SER A 94 13.04 -3.51 -0.86
C SER A 94 14.38 -4.23 -0.94
N GLY A 95 14.71 -4.65 -2.17
CA GLY A 95 15.96 -5.35 -2.41
C GLY A 95 16.16 -5.62 -3.90
N PRO A 96 16.36 -6.92 -4.23
CA PRO A 96 16.57 -7.32 -5.61
C PRO A 96 15.24 -7.30 -6.39
N SER A 97 15.03 -6.21 -7.10
CA SER A 97 13.83 -6.04 -7.88
C SER A 97 14.18 -5.55 -9.29
N SER A 98 14.14 -6.47 -10.23
CA SER A 98 14.46 -6.13 -11.62
C SER A 98 15.91 -5.66 -11.73
N GLY A 99 16.66 -6.35 -12.58
CA GLY A 99 18.06 -6.01 -12.78
C GLY A 99 18.92 -6.54 -11.64
N GLY A 1 -2.87 18.16 -20.98
CA GLY A 1 -2.57 16.73 -21.02
C GLY A 1 -2.95 16.07 -19.69
N SER A 2 -3.31 14.80 -19.79
CA SER A 2 -3.69 14.04 -18.61
C SER A 2 -2.91 12.72 -18.57
N SER A 3 -1.71 12.81 -18.02
CA SER A 3 -0.85 11.64 -17.90
C SER A 3 0.44 12.00 -17.18
N GLY A 4 1.08 10.98 -16.61
CA GLY A 4 2.32 11.18 -15.88
C GLY A 4 2.05 11.50 -14.41
N SER A 5 1.25 12.54 -14.20
CA SER A 5 0.90 12.95 -12.85
C SER A 5 2.16 13.42 -12.11
N SER A 6 2.96 12.45 -11.68
CA SER A 6 4.18 12.75 -10.96
C SER A 6 3.86 13.24 -9.55
N GLY A 7 4.59 12.70 -8.59
CA GLY A 7 4.39 13.07 -7.19
C GLY A 7 3.38 12.13 -6.51
N LEU A 8 2.12 12.32 -6.87
CA LEU A 8 1.07 11.50 -6.30
C LEU A 8 1.46 10.03 -6.40
N LYS A 9 1.90 9.64 -7.59
CA LYS A 9 2.30 8.26 -7.82
C LYS A 9 3.19 7.79 -6.67
N GLN A 10 4.16 8.64 -6.32
CA GLN A 10 5.07 8.32 -5.25
C GLN A 10 4.37 8.46 -3.89
N LYS A 11 3.84 9.65 -3.66
CA LYS A 11 3.13 9.92 -2.42
C LYS A 11 2.22 8.74 -2.08
N VAL A 12 1.45 8.33 -3.07
CA VAL A 12 0.53 7.22 -2.89
C VAL A 12 1.34 5.93 -2.64
N GLU A 13 2.41 5.80 -3.39
CA GLU A 13 3.26 4.63 -3.27
C GLU A 13 3.78 4.51 -1.83
N ASN A 14 4.41 5.58 -1.37
CA ASN A 14 4.96 5.61 -0.03
C ASN A 14 3.83 5.40 0.98
N LEU A 15 2.70 6.04 0.69
CA LEU A 15 1.54 5.93 1.56
C LEU A 15 1.33 4.47 1.95
N PHE A 16 0.95 3.67 0.96
CA PHE A 16 0.72 2.26 1.18
C PHE A 16 1.86 1.63 2.00
N ASN A 17 3.06 1.76 1.48
CA ASN A 17 4.23 1.22 2.15
C ASN A 17 4.17 1.57 3.63
N GLU A 18 4.24 2.86 3.91
CA GLU A 18 4.19 3.34 5.29
C GLU A 18 3.10 2.59 6.06
N LYS A 19 1.91 2.57 5.49
CA LYS A 19 0.78 1.91 6.10
C LYS A 19 1.15 0.45 6.39
N CYS A 20 1.75 -0.19 5.40
CA CYS A 20 2.16 -1.57 5.52
C CYS A 20 2.88 -1.74 6.86
N GLY A 21 4.08 -1.18 6.94
CA GLY A 21 4.87 -1.26 8.15
C GLY A 21 4.06 -0.80 9.36
N GLU A 22 3.01 -0.04 9.08
CA GLU A 22 2.15 0.46 10.14
C GLU A 22 1.18 -0.62 10.61
N ALA A 23 0.72 -1.42 9.65
CA ALA A 23 -0.20 -2.49 9.95
C ALA A 23 0.43 -3.44 10.97
N LEU A 24 1.72 -3.67 10.80
CA LEU A 24 2.46 -4.55 11.70
C LEU A 24 2.64 -3.85 13.04
N GLY A 25 2.25 -2.58 13.07
CA GLY A 25 2.36 -1.80 14.30
C GLY A 25 3.75 -1.16 14.41
N LEU A 26 4.34 -0.87 13.26
CA LEU A 26 5.66 -0.27 13.21
C LEU A 26 5.55 1.14 12.63
N LYS A 27 6.66 1.86 12.72
CA LYS A 27 6.70 3.22 12.19
C LYS A 27 7.64 3.27 10.99
N GLN A 28 7.80 2.11 10.36
CA GLN A 28 8.66 2.01 9.19
C GLN A 28 7.84 1.68 7.94
N ALA A 29 8.48 1.77 6.79
CA ALA A 29 7.82 1.49 5.54
C ALA A 29 8.24 0.10 5.05
N VAL A 30 7.28 -0.61 4.50
CA VAL A 30 7.53 -1.95 3.98
C VAL A 30 6.65 -2.20 2.76
N LYS A 31 7.31 -2.44 1.63
CA LYS A 31 6.60 -2.71 0.39
C LYS A 31 5.36 -3.57 0.69
N VAL A 32 4.33 -3.36 -0.12
CA VAL A 32 3.10 -4.11 0.04
C VAL A 32 3.07 -5.27 -0.97
N PRO A 33 3.10 -6.51 -0.41
CA PRO A 33 3.08 -7.70 -1.25
C PRO A 33 1.68 -7.95 -1.81
N PHE A 34 1.34 -7.16 -2.82
CA PHE A 34 0.05 -7.28 -3.47
C PHE A 34 -0.23 -8.73 -3.86
N ALA A 35 0.84 -9.47 -4.06
CA ALA A 35 0.72 -10.87 -4.45
C ALA A 35 0.03 -11.65 -3.32
N LEU A 36 0.29 -11.21 -2.10
CA LEU A 36 -0.29 -11.85 -0.93
C LEU A 36 -1.79 -11.54 -0.89
N PHE A 37 -2.11 -10.30 -1.22
CA PHE A 37 -3.50 -9.87 -1.23
C PHE A 37 -4.25 -10.42 -2.44
N GLU A 38 -3.47 -10.89 -3.41
CA GLU A 38 -4.04 -11.44 -4.62
C GLU A 38 -4.24 -12.95 -4.47
N SER A 39 -3.31 -13.58 -3.77
CA SER A 39 -3.36 -15.01 -3.54
C SER A 39 -4.25 -15.32 -2.33
N PHE A 40 -4.17 -14.43 -1.35
CA PHE A 40 -4.95 -14.60 -0.13
C PHE A 40 -5.74 -13.33 0.18
N PRO A 41 -6.80 -13.08 -0.65
CA PRO A 41 -7.64 -11.91 -0.46
C PRO A 41 -8.57 -12.08 0.74
N GLU A 42 -8.72 -13.34 1.15
CA GLU A 42 -9.58 -13.66 2.28
C GLU A 42 -8.77 -13.67 3.58
N ASP A 43 -7.80 -12.76 3.65
CA ASP A 43 -6.95 -12.66 4.82
C ASP A 43 -6.28 -11.28 4.84
N PHE A 44 -5.76 -10.90 3.68
CA PHE A 44 -5.10 -9.61 3.54
C PHE A 44 -5.89 -8.67 2.65
N TYR A 45 -6.14 -7.48 3.18
CA TYR A 45 -6.89 -6.47 2.45
C TYR A 45 -6.87 -5.13 3.18
N VAL A 46 -6.98 -4.06 2.40
CA VAL A 46 -6.97 -2.72 2.96
C VAL A 46 -8.41 -2.22 3.09
N GLU A 47 -8.63 -1.37 4.09
CA GLU A 47 -9.95 -0.82 4.32
C GLU A 47 -9.86 0.70 4.47
N GLY A 48 -11.02 1.34 4.37
CA GLY A 48 -11.09 2.79 4.48
C GLY A 48 -11.10 3.45 3.10
N LEU A 49 -10.52 2.74 2.15
CA LEU A 49 -10.46 3.24 0.79
C LEU A 49 -11.80 3.86 0.41
N PRO A 50 -11.74 4.87 -0.51
CA PRO A 50 -12.94 5.55 -0.97
C PRO A 50 -13.73 4.67 -1.93
N GLU A 51 -14.98 5.07 -2.14
CA GLU A 51 -15.85 4.32 -3.03
C GLU A 51 -15.26 4.25 -4.44
N GLY A 52 -15.61 3.19 -5.15
CA GLY A 52 -15.11 2.99 -6.49
C GLY A 52 -13.59 3.18 -6.55
N VAL A 53 -12.96 3.02 -5.39
CA VAL A 53 -11.52 3.16 -5.30
C VAL A 53 -10.93 1.96 -4.55
N PRO A 54 -10.55 0.93 -5.36
CA PRO A 54 -9.98 -0.29 -4.79
C PRO A 54 -8.54 -0.05 -4.34
N PHE A 55 -7.96 -1.10 -3.74
CA PHE A 55 -6.60 -1.01 -3.27
C PHE A 55 -5.60 -1.45 -4.35
N ARG A 56 -5.93 -1.09 -5.58
CA ARG A 56 -5.10 -1.43 -6.72
C ARG A 56 -3.75 -0.71 -6.61
N ARG A 57 -2.87 -1.03 -7.55
CA ARG A 57 -1.54 -0.43 -7.56
C ARG A 57 -1.66 1.09 -7.79
N PRO A 58 -0.67 1.83 -7.23
CA PRO A 58 -0.65 3.28 -7.37
C PRO A 58 -0.23 3.70 -8.78
N SER A 59 0.85 3.08 -9.24
CA SER A 59 1.37 3.38 -10.57
C SER A 59 0.40 2.85 -11.63
N THR A 60 -0.82 3.39 -11.60
CA THR A 60 -1.84 2.97 -12.55
C THR A 60 -3.07 3.87 -12.42
N PHE A 61 -3.43 4.16 -11.18
CA PHE A 61 -4.58 4.99 -10.91
C PHE A 61 -4.50 6.31 -11.69
N GLY A 62 -5.66 6.96 -11.81
CA GLY A 62 -5.72 8.22 -12.53
C GLY A 62 -5.08 9.35 -11.73
N ILE A 63 -5.14 10.54 -12.29
CA ILE A 63 -4.57 11.71 -11.64
C ILE A 63 -5.43 12.10 -10.45
N PRO A 64 -6.77 12.10 -10.69
CA PRO A 64 -7.72 12.45 -9.64
C PRO A 64 -7.88 11.30 -8.64
N ARG A 65 -7.99 10.10 -9.18
CA ARG A 65 -8.14 8.92 -8.34
C ARG A 65 -7.05 8.88 -7.28
N LEU A 66 -5.84 9.23 -7.69
CA LEU A 66 -4.71 9.24 -6.78
C LEU A 66 -5.03 10.12 -5.58
N GLU A 67 -5.53 11.32 -5.86
CA GLU A 67 -5.88 12.25 -4.81
C GLU A 67 -7.01 11.69 -3.96
N LYS A 68 -7.97 11.06 -4.64
CA LYS A 68 -9.10 10.47 -3.97
C LYS A 68 -8.62 9.56 -2.85
N ILE A 69 -7.55 8.83 -3.15
CA ILE A 69 -6.97 7.91 -2.17
C ILE A 69 -6.37 8.71 -1.02
N LEU A 70 -5.41 9.56 -1.36
CA LEU A 70 -4.75 10.38 -0.36
C LEU A 70 -5.81 11.02 0.55
N ARG A 71 -6.79 11.65 -0.08
CA ARG A 71 -7.86 12.29 0.65
C ARG A 71 -8.25 11.45 1.87
N ASN A 72 -8.24 10.14 1.67
CA ASN A 72 -8.60 9.22 2.75
C ASN A 72 -7.40 8.33 3.05
N LYS A 73 -6.26 8.97 3.25
CA LYS A 73 -5.03 8.24 3.56
C LYS A 73 -5.07 7.76 5.00
N ALA A 74 -5.40 8.69 5.89
CA ALA A 74 -5.48 8.38 7.30
C ALA A 74 -6.61 7.37 7.53
N LYS A 75 -7.73 7.62 6.89
CA LYS A 75 -8.89 6.75 7.01
C LYS A 75 -8.48 5.32 6.65
N ILE A 76 -7.77 5.21 5.54
CA ILE A 76 -7.32 3.91 5.07
C ILE A 76 -6.73 3.12 6.25
N LYS A 77 -6.89 1.81 6.18
CA LYS A 77 -6.38 0.94 7.23
C LYS A 77 -6.03 -0.42 6.63
N PHE A 78 -4.87 -0.92 7.02
CA PHE A 78 -4.41 -2.22 6.53
C PHE A 78 -4.83 -3.34 7.48
N ILE A 79 -5.39 -4.39 6.89
CA ILE A 79 -5.83 -5.54 7.67
C ILE A 79 -4.96 -6.74 7.34
N ILE A 80 -4.56 -7.45 8.40
CA ILE A 80 -3.72 -8.63 8.23
C ILE A 80 -4.18 -9.71 9.21
N LYS A 81 -4.71 -10.78 8.63
CA LYS A 81 -5.19 -11.90 9.43
C LYS A 81 -4.11 -12.98 9.50
N LYS A 82 -3.10 -12.81 8.67
CA LYS A 82 -1.99 -13.75 8.62
C LYS A 82 -0.67 -12.98 8.53
N PRO A 83 -0.30 -12.36 9.67
CA PRO A 83 0.94 -11.59 9.74
C PRO A 83 2.15 -12.52 9.81
N GLU A 84 1.87 -13.80 9.92
CA GLU A 84 2.93 -14.81 9.99
C GLU A 84 3.48 -15.10 8.60
N MET A 85 2.68 -14.76 7.60
CA MET A 85 3.08 -14.98 6.22
C MET A 85 3.62 -13.69 5.59
N PHE A 86 3.58 -12.63 6.37
CA PHE A 86 4.07 -11.34 5.91
C PHE A 86 5.52 -11.12 6.33
N GLU A 87 5.85 -11.64 7.50
CA GLU A 87 7.20 -11.50 8.03
C GLU A 87 8.22 -11.66 6.89
N THR A 88 8.10 -12.77 6.19
CA THR A 88 9.00 -13.05 5.08
C THR A 88 9.26 -11.78 4.26
N ALA A 89 8.17 -11.13 3.89
CA ALA A 89 8.27 -9.91 3.10
C ALA A 89 8.91 -8.81 3.96
N ILE A 90 8.37 -8.64 5.15
CA ILE A 90 8.88 -7.63 6.07
C ILE A 90 10.37 -7.87 6.30
N LYS A 91 10.80 -9.07 5.99
CA LYS A 91 12.19 -9.45 6.16
C LYS A 91 13.00 -8.99 4.93
N GLU A 92 12.51 -9.39 3.76
CA GLU A 92 13.16 -9.03 2.52
C GLU A 92 12.98 -7.53 2.23
N SER A 93 12.16 -6.90 3.06
CA SER A 93 11.89 -5.48 2.91
C SER A 93 12.78 -4.69 3.86
N SER A 94 12.74 -5.07 5.13
CA SER A 94 13.54 -4.40 6.14
C SER A 94 13.20 -2.91 6.17
N GLY A 95 12.47 -2.52 7.22
CA GLY A 95 12.07 -1.13 7.37
C GLY A 95 13.27 -0.26 7.78
N PRO A 96 13.37 0.93 7.12
CA PRO A 96 14.45 1.85 7.40
C PRO A 96 14.23 2.57 8.74
N SER A 97 14.31 1.81 9.81
CA SER A 97 14.12 2.35 11.14
C SER A 97 15.41 2.22 11.95
N SER A 98 15.79 0.98 12.20
CA SER A 98 17.00 0.71 12.95
C SER A 98 18.11 0.23 12.02
N GLY A 99 19.06 1.13 11.77
CA GLY A 99 20.17 0.81 10.89
C GLY A 99 21.51 1.07 11.59
N GLY A 1 -1.01 6.66 -20.99
CA GLY A 1 -0.16 7.48 -21.83
C GLY A 1 -0.70 8.90 -21.97
N SER A 2 0.20 9.84 -22.10
CA SER A 2 -0.17 11.23 -22.24
C SER A 2 -0.78 11.75 -20.93
N SER A 3 -0.49 13.00 -20.63
CA SER A 3 -1.01 13.61 -19.41
C SER A 3 -0.48 12.87 -18.19
N GLY A 4 0.68 13.31 -17.71
CA GLY A 4 1.29 12.69 -16.54
C GLY A 4 0.75 13.30 -15.25
N SER A 5 0.73 12.48 -14.21
CA SER A 5 0.24 12.91 -12.92
C SER A 5 1.41 13.36 -12.03
N SER A 6 2.20 12.39 -11.60
CA SER A 6 3.34 12.67 -10.77
C SER A 6 2.88 13.29 -9.45
N GLY A 7 3.57 12.92 -8.38
CA GLY A 7 3.24 13.43 -7.06
C GLY A 7 2.51 12.38 -6.23
N LEU A 8 1.21 12.26 -6.50
CA LEU A 8 0.38 11.31 -5.80
C LEU A 8 1.00 9.90 -5.93
N LYS A 9 1.47 9.62 -7.13
CA LYS A 9 2.08 8.33 -7.40
C LYS A 9 2.99 7.94 -6.22
N GLN A 10 3.94 8.82 -5.93
CA GLN A 10 4.87 8.58 -4.84
C GLN A 10 4.13 8.62 -3.50
N LYS A 11 3.59 9.79 -3.19
CA LYS A 11 2.87 9.98 -1.94
C LYS A 11 2.04 8.73 -1.66
N VAL A 12 1.31 8.29 -2.67
CA VAL A 12 0.47 7.11 -2.55
C VAL A 12 1.35 5.89 -2.32
N GLU A 13 2.39 5.78 -3.13
CA GLU A 13 3.32 4.67 -3.03
C GLU A 13 3.73 4.46 -1.57
N ASN A 14 4.21 5.54 -0.97
CA ASN A 14 4.65 5.49 0.42
C ASN A 14 3.45 5.16 1.31
N LEU A 15 2.35 5.85 1.07
CA LEU A 15 1.14 5.65 1.84
C LEU A 15 0.96 4.15 2.10
N PHE A 16 0.74 3.41 1.02
CA PHE A 16 0.55 1.98 1.11
C PHE A 16 1.67 1.32 1.91
N ASN A 17 2.88 1.45 1.37
CA ASN A 17 4.06 0.89 2.02
C ASN A 17 4.00 1.18 3.52
N GLU A 18 3.98 2.46 3.84
CA GLU A 18 3.92 2.89 5.23
C GLU A 18 2.83 2.11 5.97
N LYS A 19 1.61 2.28 5.49
CA LYS A 19 0.47 1.61 6.10
C LYS A 19 0.86 0.17 6.46
N CYS A 20 1.39 -0.53 5.47
CA CYS A 20 1.80 -1.91 5.67
C CYS A 20 2.62 -1.99 6.95
N GLY A 21 3.82 -1.41 6.89
CA GLY A 21 4.70 -1.40 8.04
C GLY A 21 3.97 -0.97 9.31
N GLU A 22 3.01 -0.07 9.11
CA GLU A 22 2.23 0.44 10.22
C GLU A 22 1.38 -0.68 10.83
N ALA A 23 0.76 -1.45 9.95
CA ALA A 23 -0.09 -2.55 10.37
C ALA A 23 0.74 -3.53 11.21
N LEU A 24 1.96 -3.78 10.74
CA LEU A 24 2.86 -4.68 11.44
C LEU A 24 3.23 -4.08 12.80
N GLY A 25 3.13 -2.76 12.87
CA GLY A 25 3.44 -2.06 14.10
C GLY A 25 4.88 -1.52 14.08
N LEU A 26 5.28 -1.04 12.90
CA LEU A 26 6.61 -0.51 12.73
C LEU A 26 6.53 1.00 12.47
N LYS A 27 7.69 1.64 12.48
CA LYS A 27 7.75 3.07 12.24
C LYS A 27 8.35 3.33 10.87
N GLN A 28 8.44 2.26 10.08
CA GLN A 28 9.00 2.36 8.74
C GLN A 28 8.01 1.79 7.71
N ALA A 29 8.43 1.82 6.46
CA ALA A 29 7.59 1.31 5.39
C ALA A 29 7.98 -0.14 5.09
N VAL A 30 7.05 -0.86 4.50
CA VAL A 30 7.28 -2.25 4.15
C VAL A 30 6.59 -2.57 2.82
N LYS A 31 7.41 -2.99 1.86
CA LYS A 31 6.90 -3.32 0.54
C LYS A 31 5.58 -4.08 0.69
N VAL A 32 4.54 -3.54 0.06
CA VAL A 32 3.22 -4.15 0.11
C VAL A 32 3.24 -5.45 -0.69
N PRO A 33 3.03 -6.58 0.04
CA PRO A 33 3.03 -7.89 -0.59
C PRO A 33 1.72 -8.11 -1.37
N PHE A 34 1.45 -7.18 -2.27
CA PHE A 34 0.25 -7.27 -3.08
C PHE A 34 -0.10 -8.72 -3.40
N ALA A 35 0.94 -9.52 -3.60
CA ALA A 35 0.77 -10.92 -3.92
C ALA A 35 -0.06 -11.58 -2.82
N LEU A 36 0.44 -11.48 -1.59
CA LEU A 36 -0.24 -12.06 -0.45
C LEU A 36 -1.72 -11.66 -0.50
N PHE A 37 -1.96 -10.43 -0.91
CA PHE A 37 -3.32 -9.91 -0.99
C PHE A 37 -4.02 -10.43 -2.25
N GLU A 38 -3.21 -10.71 -3.27
CA GLU A 38 -3.74 -11.20 -4.52
C GLU A 38 -4.20 -12.65 -4.38
N SER A 39 -3.42 -13.42 -3.62
CA SER A 39 -3.74 -14.81 -3.39
C SER A 39 -4.64 -14.95 -2.16
N PHE A 40 -4.38 -14.09 -1.18
CA PHE A 40 -5.16 -14.10 0.04
C PHE A 40 -5.70 -12.71 0.37
N PRO A 41 -6.72 -12.28 -0.42
CA PRO A 41 -7.32 -10.97 -0.22
C PRO A 41 -8.23 -10.97 1.01
N GLU A 42 -8.89 -12.09 1.22
CA GLU A 42 -9.80 -12.23 2.35
C GLU A 42 -9.03 -12.05 3.65
N ASP A 43 -7.79 -12.53 3.65
CA ASP A 43 -6.95 -12.44 4.83
C ASP A 43 -6.30 -11.06 4.87
N PHE A 44 -5.72 -10.69 3.74
CA PHE A 44 -5.06 -9.39 3.63
C PHE A 44 -5.82 -8.46 2.71
N TYR A 45 -6.08 -7.25 3.20
CA TYR A 45 -6.80 -6.26 2.42
C TYR A 45 -6.77 -4.90 3.11
N VAL A 46 -6.92 -3.86 2.29
CA VAL A 46 -6.90 -2.50 2.81
C VAL A 46 -8.33 -1.95 2.81
N GLU A 47 -8.73 -1.45 3.97
CA GLU A 47 -10.07 -0.89 4.13
C GLU A 47 -10.00 0.63 4.24
N GLY A 48 -11.15 1.26 4.04
CA GLY A 48 -11.22 2.71 4.12
C GLY A 48 -11.16 3.35 2.73
N LEU A 49 -10.53 2.61 1.81
CA LEU A 49 -10.39 3.09 0.45
C LEU A 49 -11.69 3.75 0.00
N PRO A 50 -11.55 4.72 -0.94
CA PRO A 50 -12.71 5.44 -1.46
C PRO A 50 -13.52 4.56 -2.41
N GLU A 51 -14.81 4.85 -2.48
CA GLU A 51 -15.70 4.09 -3.35
C GLU A 51 -15.17 4.10 -4.78
N GLY A 52 -15.28 2.95 -5.44
CA GLY A 52 -14.83 2.82 -6.81
C GLY A 52 -13.30 2.91 -6.88
N VAL A 53 -12.68 2.87 -5.72
CA VAL A 53 -11.23 2.96 -5.64
C VAL A 53 -10.70 1.79 -4.81
N PRO A 54 -10.34 0.69 -5.52
CA PRO A 54 -9.81 -0.49 -4.85
C PRO A 54 -8.38 -0.28 -4.39
N PHE A 55 -7.79 -1.33 -3.85
CA PHE A 55 -6.42 -1.27 -3.37
C PHE A 55 -5.44 -1.66 -4.47
N ARG A 56 -5.76 -1.25 -5.69
CA ARG A 56 -4.92 -1.55 -6.83
C ARG A 56 -3.62 -0.77 -6.74
N ARG A 57 -2.78 -0.95 -7.75
CA ARG A 57 -1.50 -0.27 -7.81
C ARG A 57 -1.72 1.25 -7.95
N PRO A 58 -0.74 2.02 -7.39
CA PRO A 58 -0.81 3.47 -7.44
C PRO A 58 -0.45 3.98 -8.84
N SER A 59 0.65 3.45 -9.36
CA SER A 59 1.11 3.84 -10.68
C SER A 59 0.17 3.27 -11.75
N THR A 60 -1.09 3.68 -11.67
CA THR A 60 -2.08 3.23 -12.63
C THR A 60 -3.32 4.12 -12.58
N PHE A 61 -3.79 4.37 -11.37
CA PHE A 61 -4.95 5.21 -11.16
C PHE A 61 -4.80 6.53 -11.91
N GLY A 62 -5.94 7.20 -12.09
CA GLY A 62 -5.95 8.48 -12.78
C GLY A 62 -5.25 9.56 -11.95
N ILE A 63 -5.24 10.77 -12.51
CA ILE A 63 -4.61 11.89 -11.83
C ILE A 63 -5.45 12.28 -10.61
N PRO A 64 -6.79 12.32 -10.82
CA PRO A 64 -7.71 12.68 -9.75
C PRO A 64 -7.88 11.52 -8.77
N ARG A 65 -8.19 10.35 -9.33
CA ARG A 65 -8.37 9.17 -8.51
C ARG A 65 -7.24 9.03 -7.49
N LEU A 66 -6.05 9.36 -7.93
CA LEU A 66 -4.87 9.29 -7.06
C LEU A 66 -5.11 10.16 -5.82
N GLU A 67 -5.36 11.43 -6.07
CA GLU A 67 -5.60 12.37 -4.99
C GLU A 67 -6.67 11.81 -4.04
N LYS A 68 -7.70 11.25 -4.63
CA LYS A 68 -8.79 10.68 -3.85
C LYS A 68 -8.21 9.79 -2.75
N ILE A 69 -7.53 8.75 -3.18
CA ILE A 69 -6.91 7.81 -2.25
C ILE A 69 -6.23 8.59 -1.13
N LEU A 70 -5.35 9.50 -1.53
CA LEU A 70 -4.63 10.32 -0.56
C LEU A 70 -5.63 10.97 0.40
N ARG A 71 -6.56 11.72 -0.17
CA ARG A 71 -7.56 12.40 0.62
C ARG A 71 -8.10 11.47 1.70
N ASN A 72 -8.04 10.17 1.40
CA ASN A 72 -8.53 9.17 2.34
C ASN A 72 -7.36 8.28 2.77
N LYS A 73 -6.26 8.94 3.14
CA LYS A 73 -5.07 8.22 3.57
C LYS A 73 -5.06 8.14 5.10
N ALA A 74 -6.12 8.70 5.70
CA ALA A 74 -6.24 8.70 7.14
C ALA A 74 -7.21 7.59 7.57
N LYS A 75 -8.29 7.47 6.80
CA LYS A 75 -9.30 6.45 7.08
C LYS A 75 -8.77 5.09 6.65
N ILE A 76 -8.06 5.09 5.53
CA ILE A 76 -7.49 3.86 5.00
C ILE A 76 -6.89 3.04 6.14
N LYS A 77 -7.02 1.73 6.02
CA LYS A 77 -6.48 0.83 7.02
C LYS A 77 -6.10 -0.50 6.37
N PHE A 78 -5.15 -1.18 7.00
CA PHE A 78 -4.68 -2.45 6.48
C PHE A 78 -5.04 -3.60 7.44
N ILE A 79 -5.65 -4.63 6.89
CA ILE A 79 -6.05 -5.78 7.68
C ILE A 79 -5.05 -6.92 7.45
N ILE A 80 -4.71 -7.58 8.54
CA ILE A 80 -3.77 -8.69 8.48
C ILE A 80 -4.27 -9.82 9.39
N LYS A 81 -4.66 -10.91 8.76
CA LYS A 81 -5.15 -12.06 9.50
C LYS A 81 -4.04 -13.11 9.59
N LYS A 82 -2.99 -12.88 8.82
CA LYS A 82 -1.86 -13.80 8.80
C LYS A 82 -0.56 -12.99 8.61
N PRO A 83 -0.10 -12.37 9.72
CA PRO A 83 1.12 -11.58 9.67
C PRO A 83 2.36 -12.48 9.61
N GLU A 84 2.12 -13.76 9.79
CA GLU A 84 3.21 -14.73 9.77
C GLU A 84 3.75 -14.88 8.34
N MET A 85 2.83 -14.84 7.39
CA MET A 85 3.20 -14.98 5.99
C MET A 85 3.82 -13.68 5.47
N PHE A 86 3.71 -12.63 6.28
CA PHE A 86 4.26 -11.34 5.91
C PHE A 86 5.76 -11.28 6.18
N GLU A 87 6.16 -11.94 7.27
CA GLU A 87 7.57 -11.96 7.64
C GLU A 87 8.45 -12.15 6.40
N THR A 88 8.10 -13.15 5.61
CA THR A 88 8.84 -13.43 4.40
C THR A 88 9.11 -12.15 3.61
N ALA A 89 8.07 -11.33 3.52
CA ALA A 89 8.17 -10.07 2.80
C ALA A 89 9.08 -9.12 3.57
N ILE A 90 8.71 -8.87 4.82
CA ILE A 90 9.49 -7.98 5.67
C ILE A 90 10.96 -8.37 5.59
N LYS A 91 11.20 -9.68 5.60
CA LYS A 91 12.55 -10.20 5.54
C LYS A 91 13.16 -9.85 4.18
N GLU A 92 12.41 -10.16 3.13
CA GLU A 92 12.87 -9.88 1.78
C GLU A 92 12.47 -8.45 1.37
N SER A 93 13.08 -7.49 2.04
CA SER A 93 12.80 -6.09 1.76
C SER A 93 14.01 -5.23 2.13
N SER A 94 14.85 -4.98 1.13
CA SER A 94 16.04 -4.18 1.34
C SER A 94 16.86 -4.12 0.05
N GLY A 95 16.39 -3.29 -0.88
CA GLY A 95 17.07 -3.13 -2.15
C GLY A 95 17.58 -1.70 -2.32
N PRO A 96 18.66 -1.57 -3.15
CA PRO A 96 19.26 -0.28 -3.41
C PRO A 96 18.38 0.56 -4.35
N SER A 97 18.89 1.74 -4.69
CA SER A 97 18.17 2.63 -5.58
C SER A 97 18.98 2.88 -6.85
N SER A 98 20.21 3.35 -6.63
CA SER A 98 21.09 3.64 -7.75
C SER A 98 22.51 3.94 -7.22
N GLY A 99 23.49 3.47 -7.97
CA GLY A 99 24.88 3.67 -7.59
C GLY A 99 25.47 4.88 -8.32
N GLY A 1 4.63 19.35 -12.75
CA GLY A 1 3.82 20.20 -11.90
C GLY A 1 2.41 19.62 -11.71
N SER A 2 1.56 19.90 -12.69
CA SER A 2 0.18 19.41 -12.65
C SER A 2 -0.33 19.20 -14.07
N SER A 3 -0.03 18.03 -14.60
CA SER A 3 -0.47 17.69 -15.95
C SER A 3 -0.54 16.18 -16.11
N GLY A 4 0.60 15.53 -15.91
CA GLY A 4 0.68 14.08 -16.02
C GLY A 4 0.32 13.41 -14.70
N SER A 5 0.34 12.09 -14.72
CA SER A 5 0.01 11.31 -13.53
C SER A 5 1.28 11.04 -12.72
N SER A 6 1.60 12.01 -11.87
CA SER A 6 2.78 11.90 -11.02
C SER A 6 2.49 12.44 -9.64
N GLY A 7 3.56 12.62 -8.87
CA GLY A 7 3.43 13.15 -7.51
C GLY A 7 2.71 12.15 -6.61
N LEU A 8 1.44 11.95 -6.88
CA LEU A 8 0.63 11.02 -6.09
C LEU A 8 1.30 9.63 -6.12
N LYS A 9 1.61 9.19 -7.33
CA LYS A 9 2.23 7.89 -7.50
C LYS A 9 3.24 7.66 -6.38
N GLN A 10 4.18 8.59 -6.28
CA GLN A 10 5.22 8.50 -5.25
C GLN A 10 4.58 8.54 -3.86
N LYS A 11 3.68 9.49 -3.67
CA LYS A 11 3.00 9.65 -2.41
C LYS A 11 2.26 8.36 -2.07
N VAL A 12 1.18 8.12 -2.82
CA VAL A 12 0.38 6.93 -2.61
C VAL A 12 1.31 5.72 -2.40
N GLU A 13 2.36 5.68 -3.19
CA GLU A 13 3.32 4.60 -3.10
C GLU A 13 3.81 4.44 -1.66
N ASN A 14 4.29 5.55 -1.10
CA ASN A 14 4.79 5.55 0.26
C ASN A 14 3.65 5.23 1.21
N LEU A 15 2.51 5.87 0.97
CA LEU A 15 1.33 5.67 1.80
C LEU A 15 1.20 4.18 2.12
N PHE A 16 0.95 3.39 1.09
CA PHE A 16 0.80 1.96 1.25
C PHE A 16 1.97 1.37 2.04
N ASN A 17 3.15 1.48 1.44
CA ASN A 17 4.37 0.97 2.07
C ASN A 17 4.33 1.28 3.56
N GLU A 18 4.27 2.57 3.87
CA GLU A 18 4.23 3.01 5.25
C GLU A 18 3.14 2.26 6.01
N LYS A 19 1.91 2.47 5.58
CA LYS A 19 0.77 1.82 6.21
C LYS A 19 1.15 0.37 6.56
N CYS A 20 1.65 -0.34 5.56
CA CYS A 20 2.03 -1.72 5.76
C CYS A 20 2.81 -1.82 7.07
N GLY A 21 3.97 -1.18 7.09
CA GLY A 21 4.80 -1.18 8.29
C GLY A 21 4.00 -0.80 9.53
N GLU A 22 2.96 -0.01 9.30
CA GLU A 22 2.11 0.43 10.39
C GLU A 22 1.20 -0.71 10.85
N ALA A 23 0.71 -1.47 9.89
CA ALA A 23 -0.16 -2.59 10.19
C ALA A 23 0.56 -3.55 11.12
N LEU A 24 1.81 -3.84 10.79
CA LEU A 24 2.61 -4.74 11.59
C LEU A 24 2.98 -4.06 12.90
N GLY A 25 2.83 -2.74 12.91
CA GLY A 25 3.14 -1.96 14.10
C GLY A 25 4.61 -1.53 14.10
N LEU A 26 4.99 -0.83 13.04
CA LEU A 26 6.35 -0.36 12.92
C LEU A 26 6.35 1.16 12.65
N LYS A 27 7.54 1.74 12.75
CA LYS A 27 7.67 3.18 12.52
C LYS A 27 8.39 3.42 11.19
N GLN A 28 8.47 2.35 10.41
CA GLN A 28 9.13 2.42 9.11
C GLN A 28 8.20 1.92 8.01
N ALA A 29 8.72 1.90 6.79
CA ALA A 29 7.95 1.45 5.65
C ALA A 29 8.27 -0.03 5.38
N VAL A 30 7.34 -0.69 4.70
CA VAL A 30 7.52 -2.09 4.38
C VAL A 30 6.82 -2.38 3.05
N LYS A 31 7.60 -2.87 2.10
CA LYS A 31 7.06 -3.20 0.78
C LYS A 31 5.69 -3.85 0.94
N VAL A 32 4.76 -3.38 0.14
CA VAL A 32 3.40 -3.90 0.18
C VAL A 32 3.33 -5.18 -0.65
N PRO A 33 3.07 -6.32 0.07
CA PRO A 33 2.98 -7.61 -0.59
C PRO A 33 1.65 -7.74 -1.34
N PHE A 34 1.46 -6.86 -2.32
CA PHE A 34 0.26 -6.87 -3.11
C PHE A 34 -0.19 -8.30 -3.43
N ALA A 35 0.80 -9.14 -3.74
CA ALA A 35 0.54 -10.53 -4.07
C ALA A 35 -0.33 -11.14 -2.97
N LEU A 36 0.12 -10.97 -1.73
CA LEU A 36 -0.61 -11.50 -0.59
C LEU A 36 -2.06 -11.07 -0.68
N PHE A 37 -2.26 -9.79 -0.97
CA PHE A 37 -3.59 -9.23 -1.09
C PHE A 37 -4.29 -9.72 -2.36
N GLU A 38 -3.50 -10.35 -3.22
CA GLU A 38 -4.02 -10.88 -4.47
C GLU A 38 -4.30 -12.38 -4.35
N SER A 39 -3.25 -13.12 -4.06
CA SER A 39 -3.37 -14.56 -3.91
C SER A 39 -4.18 -14.90 -2.66
N PHE A 40 -4.00 -14.07 -1.64
CA PHE A 40 -4.71 -14.27 -0.38
C PHE A 40 -5.51 -13.02 0.00
N PRO A 41 -6.64 -12.81 -0.74
CA PRO A 41 -7.49 -11.67 -0.48
C PRO A 41 -8.32 -11.87 0.79
N GLU A 42 -8.56 -13.13 1.10
CA GLU A 42 -9.34 -13.48 2.28
C GLU A 42 -8.42 -13.56 3.51
N ASP A 43 -7.57 -12.55 3.65
CA ASP A 43 -6.65 -12.50 4.77
C ASP A 43 -5.98 -11.12 4.82
N PHE A 44 -5.64 -10.62 3.63
CA PHE A 44 -5.00 -9.31 3.52
C PHE A 44 -5.85 -8.36 2.67
N TYR A 45 -6.30 -7.29 3.31
CA TYR A 45 -7.11 -6.30 2.62
C TYR A 45 -7.05 -4.95 3.34
N VAL A 46 -7.30 -3.90 2.58
CA VAL A 46 -7.28 -2.56 3.13
C VAL A 46 -8.71 -2.01 3.17
N GLU A 47 -9.04 -1.43 4.32
CA GLU A 47 -10.36 -0.87 4.50
C GLU A 47 -10.27 0.65 4.74
N GLY A 48 -11.19 1.37 4.10
CA GLY A 48 -11.23 2.82 4.24
C GLY A 48 -11.17 3.49 2.86
N LEU A 49 -10.59 2.77 1.91
CA LEU A 49 -10.46 3.29 0.56
C LEU A 49 -11.78 3.93 0.14
N PRO A 50 -11.66 4.92 -0.79
CA PRO A 50 -12.83 5.63 -1.28
C PRO A 50 -13.63 4.76 -2.25
N GLU A 51 -14.93 5.01 -2.28
CA GLU A 51 -15.81 4.25 -3.16
C GLU A 51 -15.31 4.32 -4.60
N GLY A 52 -15.40 3.19 -5.29
CA GLY A 52 -14.96 3.11 -6.67
C GLY A 52 -13.43 3.15 -6.76
N VAL A 53 -12.80 3.12 -5.60
CA VAL A 53 -11.35 3.15 -5.53
C VAL A 53 -10.86 1.96 -4.70
N PRO A 54 -10.51 0.86 -5.43
CA PRO A 54 -10.01 -0.34 -4.77
C PRO A 54 -8.57 -0.16 -4.30
N PHE A 55 -8.03 -1.22 -3.73
CA PHE A 55 -6.67 -1.19 -3.22
C PHE A 55 -5.67 -1.62 -4.30
N ARG A 56 -5.97 -1.21 -5.53
CA ARG A 56 -5.11 -1.56 -6.65
C ARG A 56 -3.81 -0.77 -6.58
N ARG A 57 -2.96 -0.98 -7.58
CA ARG A 57 -1.68 -0.30 -7.64
C ARG A 57 -1.89 1.19 -7.92
N PRO A 58 -0.93 2.00 -7.38
CA PRO A 58 -1.00 3.44 -7.56
C PRO A 58 -0.60 3.85 -8.98
N SER A 59 0.49 3.25 -9.44
CA SER A 59 1.00 3.54 -10.78
C SER A 59 0.05 2.95 -11.82
N THR A 60 -1.19 3.45 -11.80
CA THR A 60 -2.20 2.98 -12.73
C THR A 60 -3.46 3.86 -12.63
N PHE A 61 -3.84 4.15 -11.39
CA PHE A 61 -5.01 4.97 -11.15
C PHE A 61 -4.91 6.30 -11.88
N GLY A 62 -6.06 6.94 -12.05
CA GLY A 62 -6.13 8.23 -12.73
C GLY A 62 -5.38 9.30 -11.93
N ILE A 63 -5.39 10.51 -12.48
CA ILE A 63 -4.73 11.63 -11.83
C ILE A 63 -5.51 12.03 -10.58
N PRO A 64 -6.86 12.10 -10.75
CA PRO A 64 -7.74 12.47 -9.64
C PRO A 64 -7.89 11.32 -8.66
N ARG A 65 -8.17 10.14 -9.20
CA ARG A 65 -8.34 8.95 -8.38
C ARG A 65 -7.17 8.81 -7.40
N LEU A 66 -5.98 9.09 -7.90
CA LEU A 66 -4.79 9.01 -7.09
C LEU A 66 -4.95 9.89 -5.85
N GLU A 67 -5.16 11.17 -6.11
CA GLU A 67 -5.34 12.13 -5.03
C GLU A 67 -6.39 11.63 -4.04
N LYS A 68 -7.48 11.12 -4.60
CA LYS A 68 -8.57 10.61 -3.78
C LYS A 68 -8.01 9.70 -2.70
N ILE A 69 -7.42 8.59 -3.14
CA ILE A 69 -6.84 7.63 -2.22
C ILE A 69 -6.12 8.38 -1.09
N LEU A 70 -5.23 9.28 -1.48
CA LEU A 70 -4.49 10.07 -0.52
C LEU A 70 -5.46 10.79 0.42
N ARG A 71 -6.35 11.56 -0.19
CA ARG A 71 -7.34 12.30 0.58
C ARG A 71 -7.85 11.45 1.74
N ASN A 72 -8.00 10.17 1.47
CA ASN A 72 -8.49 9.24 2.48
C ASN A 72 -7.34 8.35 2.95
N LYS A 73 -6.25 9.00 3.34
CA LYS A 73 -5.08 8.27 3.80
C LYS A 73 -5.22 7.98 5.29
N ALA A 74 -6.20 8.64 5.91
CA ALA A 74 -6.45 8.46 7.32
C ALA A 74 -7.51 7.37 7.52
N LYS A 75 -8.50 7.40 6.64
CA LYS A 75 -9.58 6.43 6.69
C LYS A 75 -9.04 5.05 6.31
N ILE A 76 -8.10 5.06 5.37
CA ILE A 76 -7.49 3.82 4.91
C ILE A 76 -6.94 3.05 6.11
N LYS A 77 -7.07 1.73 6.03
CA LYS A 77 -6.59 0.87 7.10
C LYS A 77 -6.19 -0.48 6.51
N PHE A 78 -5.04 -0.97 6.95
CA PHE A 78 -4.53 -2.24 6.48
C PHE A 78 -4.90 -3.37 7.44
N ILE A 79 -5.49 -4.42 6.88
CA ILE A 79 -5.90 -5.56 7.68
C ILE A 79 -5.04 -6.77 7.31
N ILE A 80 -4.52 -7.42 8.35
CA ILE A 80 -3.68 -8.59 8.14
C ILE A 80 -4.20 -9.75 9.00
N LYS A 81 -4.72 -10.75 8.31
CA LYS A 81 -5.26 -11.92 8.98
C LYS A 81 -4.16 -12.97 9.12
N LYS A 82 -3.19 -12.88 8.24
CA LYS A 82 -2.07 -13.82 8.25
C LYS A 82 -0.76 -13.04 8.25
N PRO A 83 -0.45 -12.44 9.43
CA PRO A 83 0.77 -11.66 9.57
C PRO A 83 2.00 -12.59 9.70
N GLU A 84 1.71 -13.87 9.84
CA GLU A 84 2.77 -14.86 9.97
C GLU A 84 3.48 -15.04 8.63
N MET A 85 2.86 -14.52 7.58
CA MET A 85 3.42 -14.62 6.25
C MET A 85 4.19 -13.35 5.88
N PHE A 86 3.80 -12.26 6.51
CA PHE A 86 4.44 -10.98 6.25
C PHE A 86 5.89 -10.99 6.75
N GLU A 87 6.14 -11.83 7.75
CA GLU A 87 7.47 -11.94 8.31
C GLU A 87 8.53 -11.92 7.20
N THR A 88 8.45 -12.93 6.34
CA THR A 88 9.38 -13.04 5.23
C THR A 88 9.48 -11.71 4.49
N ALA A 89 8.38 -10.97 4.47
CA ALA A 89 8.33 -9.69 3.79
C ALA A 89 9.03 -8.65 4.66
N ILE A 90 8.71 -8.68 5.95
CA ILE A 90 9.30 -7.74 6.89
C ILE A 90 10.83 -7.87 6.84
N LYS A 91 11.28 -9.08 6.56
CA LYS A 91 12.71 -9.34 6.47
C LYS A 91 13.27 -8.69 5.22
N GLU A 92 13.05 -9.36 4.09
CA GLU A 92 13.53 -8.86 2.81
C GLU A 92 13.35 -7.35 2.74
N SER A 93 12.09 -6.93 2.66
CA SER A 93 11.77 -5.52 2.59
C SER A 93 12.35 -4.92 1.30
N SER A 94 13.57 -4.43 1.42
CA SER A 94 14.25 -3.83 0.28
C SER A 94 15.58 -4.54 0.03
N GLY A 95 15.91 -4.69 -1.25
CA GLY A 95 17.15 -5.34 -1.63
C GLY A 95 17.28 -5.42 -3.15
N PRO A 96 17.93 -4.37 -3.73
CA PRO A 96 18.12 -4.32 -5.16
C PRO A 96 19.21 -5.29 -5.62
N SER A 97 19.06 -5.78 -6.83
CA SER A 97 20.02 -6.73 -7.38
C SER A 97 21.36 -6.02 -7.61
N SER A 98 22.43 -6.79 -7.46
CA SER A 98 23.77 -6.25 -7.65
C SER A 98 24.77 -7.38 -7.76
N GLY A 99 25.93 -7.08 -8.35
CA GLY A 99 26.98 -8.06 -8.51
C GLY A 99 26.53 -9.20 -9.43
N GLY A 1 13.40 11.28 -15.04
CA GLY A 1 12.30 11.55 -15.94
C GLY A 1 10.97 11.66 -15.19
N SER A 2 10.60 12.90 -14.89
CA SER A 2 9.37 13.16 -14.17
C SER A 2 8.87 14.58 -14.50
N SER A 3 7.62 14.63 -14.91
CA SER A 3 7.00 15.92 -15.25
C SER A 3 5.51 15.73 -15.51
N GLY A 4 4.73 15.85 -14.45
CA GLY A 4 3.29 15.70 -14.55
C GLY A 4 2.87 14.27 -14.20
N SER A 5 1.88 14.18 -13.32
CA SER A 5 1.37 12.88 -12.90
C SER A 5 2.54 11.95 -12.56
N SER A 6 3.05 12.11 -11.35
CA SER A 6 4.17 11.29 -10.89
C SER A 6 4.27 11.37 -9.36
N GLY A 7 4.30 12.58 -8.86
CA GLY A 7 4.40 12.80 -7.43
C GLY A 7 3.36 11.98 -6.67
N LEU A 8 2.10 12.20 -7.04
CA LEU A 8 1.00 11.49 -6.40
C LEU A 8 1.37 10.01 -6.26
N LYS A 9 1.64 9.39 -7.40
CA LYS A 9 2.00 7.98 -7.40
C LYS A 9 2.98 7.70 -6.27
N GLN A 10 4.09 8.43 -6.29
CA GLN A 10 5.11 8.28 -5.27
C GLN A 10 4.50 8.45 -3.88
N LYS A 11 3.79 9.55 -3.71
CA LYS A 11 3.14 9.84 -2.43
C LYS A 11 2.24 8.66 -2.04
N VAL A 12 1.29 8.37 -2.93
CA VAL A 12 0.36 7.28 -2.69
C VAL A 12 1.14 5.97 -2.51
N GLU A 13 2.31 5.93 -3.14
CA GLU A 13 3.17 4.76 -3.06
C GLU A 13 3.64 4.54 -1.62
N ASN A 14 4.50 5.45 -1.17
CA ASN A 14 5.03 5.37 0.18
C ASN A 14 3.88 5.24 1.17
N LEU A 15 2.78 5.90 0.85
CA LEU A 15 1.61 5.86 1.70
C LEU A 15 1.28 4.41 2.06
N PHE A 16 1.05 3.61 1.03
CA PHE A 16 0.73 2.21 1.22
C PHE A 16 1.83 1.50 2.01
N ASN A 17 3.07 1.73 1.57
CA ASN A 17 4.22 1.12 2.22
C ASN A 17 4.16 1.42 3.73
N GLU A 18 4.22 2.71 4.03
CA GLU A 18 4.19 3.15 5.42
C GLU A 18 3.08 2.41 6.18
N LYS A 19 1.86 2.57 5.70
CA LYS A 19 0.72 1.94 6.32
C LYS A 19 1.05 0.46 6.57
N CYS A 20 1.64 -0.16 5.56
CA CYS A 20 2.00 -1.57 5.66
C CYS A 20 2.63 -1.81 7.04
N GLY A 21 3.84 -1.28 7.19
CA GLY A 21 4.56 -1.44 8.44
C GLY A 21 3.64 -1.16 9.64
N GLU A 22 2.85 -0.11 9.51
CA GLU A 22 1.93 0.26 10.57
C GLU A 22 0.99 -0.91 10.89
N ALA A 23 0.64 -1.65 9.86
CA ALA A 23 -0.24 -2.79 10.02
C ALA A 23 0.41 -3.79 10.97
N LEU A 24 1.61 -4.20 10.61
CA LEU A 24 2.35 -5.16 11.42
C LEU A 24 2.80 -4.49 12.72
N GLY A 25 2.70 -3.17 12.73
CA GLY A 25 3.09 -2.40 13.90
C GLY A 25 4.58 -2.06 13.87
N LEU A 26 4.96 -1.31 12.84
CA LEU A 26 6.36 -0.92 12.70
C LEU A 26 6.44 0.61 12.61
N LYS A 27 7.65 1.10 12.80
CA LYS A 27 7.90 2.53 12.75
C LYS A 27 8.49 2.91 11.39
N GLN A 28 8.48 1.94 10.49
CA GLN A 28 9.03 2.15 9.16
C GLN A 28 8.04 1.66 8.10
N ALA A 29 8.47 1.72 6.86
CA ALA A 29 7.64 1.28 5.74
C ALA A 29 7.96 -0.18 5.43
N VAL A 30 7.05 -0.80 4.67
CA VAL A 30 7.23 -2.19 4.28
C VAL A 30 6.53 -2.43 2.94
N LYS A 31 7.31 -2.83 1.96
CA LYS A 31 6.78 -3.10 0.64
C LYS A 31 5.49 -3.92 0.76
N VAL A 32 4.40 -3.31 0.34
CA VAL A 32 3.10 -3.97 0.39
C VAL A 32 3.01 -5.02 -0.72
N PRO A 33 2.88 -6.29 -0.28
CA PRO A 33 2.79 -7.39 -1.23
C PRO A 33 1.41 -7.44 -1.88
N PHE A 34 1.17 -6.48 -2.76
CA PHE A 34 -0.10 -6.39 -3.45
C PHE A 34 -0.54 -7.77 -3.97
N ALA A 35 0.45 -8.64 -4.15
CA ALA A 35 0.19 -9.99 -4.63
C ALA A 35 -0.49 -10.80 -3.52
N LEU A 36 0.12 -10.75 -2.34
CA LEU A 36 -0.41 -11.48 -1.20
C LEU A 36 -1.91 -11.18 -1.06
N PHE A 37 -2.26 -9.94 -1.36
CA PHE A 37 -3.65 -9.51 -1.27
C PHE A 37 -4.46 -10.04 -2.46
N GLU A 38 -3.78 -10.18 -3.58
CA GLU A 38 -4.42 -10.66 -4.79
C GLU A 38 -4.72 -12.16 -4.67
N SER A 39 -3.81 -12.85 -4.00
CA SER A 39 -3.97 -14.29 -3.80
C SER A 39 -4.81 -14.56 -2.56
N PHE A 40 -4.48 -13.84 -1.49
CA PHE A 40 -5.19 -13.99 -0.24
C PHE A 40 -5.74 -12.65 0.24
N PRO A 41 -6.81 -12.18 -0.46
CA PRO A 41 -7.44 -10.92 -0.12
C PRO A 41 -8.28 -11.05 1.15
N GLU A 42 -8.87 -12.23 1.30
CA GLU A 42 -9.71 -12.50 2.47
C GLU A 42 -8.90 -12.33 3.76
N ASP A 43 -7.62 -12.67 3.66
CA ASP A 43 -6.74 -12.56 4.81
C ASP A 43 -6.15 -11.15 4.87
N PHE A 44 -5.61 -10.72 3.74
CA PHE A 44 -5.03 -9.39 3.64
C PHE A 44 -5.90 -8.46 2.80
N TYR A 45 -6.19 -7.30 3.37
CA TYR A 45 -7.02 -6.31 2.70
C TYR A 45 -6.97 -4.97 3.42
N VAL A 46 -7.22 -3.91 2.66
CA VAL A 46 -7.22 -2.57 3.21
C VAL A 46 -8.64 -2.02 3.23
N GLU A 47 -8.99 -1.37 4.32
CA GLU A 47 -10.32 -0.79 4.47
C GLU A 47 -10.22 0.73 4.54
N GLY A 48 -11.38 1.37 4.38
CA GLY A 48 -11.44 2.81 4.42
C GLY A 48 -11.41 3.41 3.02
N LEU A 49 -10.74 2.69 2.12
CA LEU A 49 -10.63 3.12 0.75
C LEU A 49 -11.96 3.69 0.28
N PRO A 50 -11.88 4.63 -0.71
CA PRO A 50 -13.07 5.26 -1.24
C PRO A 50 -13.83 4.31 -2.17
N GLU A 51 -14.97 4.77 -2.65
CA GLU A 51 -15.79 3.97 -3.55
C GLU A 51 -15.10 3.81 -4.90
N GLY A 52 -15.35 2.67 -5.53
CA GLY A 52 -14.76 2.40 -6.83
C GLY A 52 -13.25 2.62 -6.80
N VAL A 53 -12.69 2.51 -5.61
CA VAL A 53 -11.25 2.70 -5.44
C VAL A 53 -10.68 1.55 -4.63
N PRO A 54 -10.13 0.54 -5.37
CA PRO A 54 -9.54 -0.63 -4.74
C PRO A 54 -8.19 -0.30 -4.12
N PHE A 55 -7.59 -1.31 -3.52
CA PHE A 55 -6.29 -1.14 -2.88
C PHE A 55 -5.16 -1.58 -3.82
N ARG A 56 -5.34 -1.26 -5.10
CA ARG A 56 -4.35 -1.62 -6.10
C ARG A 56 -3.16 -0.64 -6.04
N ARG A 57 -2.28 -0.79 -7.01
CA ARG A 57 -1.10 0.06 -7.08
C ARG A 57 -1.45 1.40 -7.73
N PRO A 58 -0.70 2.46 -7.33
CA PRO A 58 -0.92 3.79 -7.86
C PRO A 58 -0.39 3.90 -9.29
N SER A 59 0.59 3.07 -9.60
CA SER A 59 1.20 3.07 -10.92
C SER A 59 0.24 2.43 -11.93
N THR A 60 -0.95 3.01 -12.01
CA THR A 60 -1.96 2.52 -12.93
C THR A 60 -3.21 3.41 -12.89
N PHE A 61 -3.52 3.87 -11.69
CA PHE A 61 -4.68 4.74 -11.51
C PHE A 61 -4.52 6.03 -12.30
N GLY A 62 -5.46 6.95 -12.06
CA GLY A 62 -5.44 8.23 -12.75
C GLY A 62 -4.85 9.32 -11.85
N ILE A 63 -4.84 10.53 -12.38
CA ILE A 63 -4.32 11.67 -11.64
C ILE A 63 -5.24 12.00 -10.47
N PRO A 64 -6.57 12.00 -10.78
CA PRO A 64 -7.57 12.29 -9.76
C PRO A 64 -7.76 11.11 -8.82
N ARG A 65 -7.98 9.94 -9.43
CA ARG A 65 -8.18 8.72 -8.66
C ARG A 65 -7.08 8.57 -7.61
N LEU A 66 -5.91 9.08 -7.95
CA LEU A 66 -4.76 9.01 -7.05
C LEU A 66 -5.05 9.85 -5.80
N GLU A 67 -5.51 11.07 -6.04
CA GLU A 67 -5.83 11.98 -4.95
C GLU A 67 -7.02 11.45 -4.15
N LYS A 68 -7.98 10.92 -4.87
CA LYS A 68 -9.17 10.37 -4.24
C LYS A 68 -8.76 9.51 -3.04
N ILE A 69 -7.72 8.71 -3.26
CA ILE A 69 -7.22 7.84 -2.20
C ILE A 69 -6.64 8.70 -1.07
N LEU A 70 -5.65 9.50 -1.43
CA LEU A 70 -5.00 10.36 -0.46
C LEU A 70 -6.05 10.97 0.46
N ARG A 71 -7.07 11.55 -0.16
CA ARG A 71 -8.16 12.16 0.59
C ARG A 71 -8.48 11.33 1.85
N ASN A 72 -8.48 10.03 1.66
CA ASN A 72 -8.77 9.12 2.75
C ASN A 72 -7.54 8.24 3.02
N LYS A 73 -6.42 8.90 3.22
CA LYS A 73 -5.17 8.21 3.48
C LYS A 73 -5.14 7.77 4.95
N ALA A 74 -5.63 8.65 5.81
CA ALA A 74 -5.66 8.37 7.24
C ALA A 74 -6.78 7.37 7.53
N LYS A 75 -7.95 7.64 6.94
CA LYS A 75 -9.10 6.77 7.12
C LYS A 75 -8.71 5.34 6.76
N ILE A 76 -8.06 5.21 5.62
CA ILE A 76 -7.63 3.89 5.16
C ILE A 76 -7.06 3.09 6.33
N LYS A 77 -7.18 1.78 6.22
CA LYS A 77 -6.69 0.90 7.27
C LYS A 77 -6.29 -0.44 6.65
N PHE A 78 -5.17 -0.97 7.13
CA PHE A 78 -4.67 -2.23 6.64
C PHE A 78 -5.01 -3.38 7.59
N ILE A 79 -5.50 -4.47 7.01
CA ILE A 79 -5.88 -5.63 7.80
C ILE A 79 -4.90 -6.78 7.50
N ILE A 80 -4.31 -7.30 8.57
CA ILE A 80 -3.37 -8.39 8.43
C ILE A 80 -3.80 -9.54 9.33
N LYS A 81 -4.22 -10.63 8.71
CA LYS A 81 -4.66 -11.80 9.44
C LYS A 81 -3.53 -12.83 9.47
N LYS A 82 -2.55 -12.62 8.61
CA LYS A 82 -1.41 -13.51 8.53
C LYS A 82 -0.13 -12.69 8.35
N PRO A 83 0.33 -12.09 9.48
CA PRO A 83 1.53 -11.29 9.45
C PRO A 83 2.79 -12.16 9.36
N GLU A 84 2.56 -13.47 9.44
CA GLU A 84 3.65 -14.42 9.37
C GLU A 84 4.02 -14.70 7.91
N MET A 85 3.00 -14.70 7.07
CA MET A 85 3.19 -14.96 5.65
C MET A 85 3.81 -13.75 4.96
N PHE A 86 3.87 -12.65 5.70
CA PHE A 86 4.43 -11.43 5.17
C PHE A 86 5.96 -11.41 5.30
N GLU A 87 6.43 -12.18 6.27
CA GLU A 87 7.86 -12.27 6.53
C GLU A 87 8.63 -12.27 5.20
N THR A 88 8.12 -13.03 4.26
CA THR A 88 8.75 -13.14 2.95
C THR A 88 8.97 -11.74 2.36
N ALA A 89 7.89 -10.97 2.33
CA ALA A 89 7.96 -9.62 1.80
C ALA A 89 8.86 -8.77 2.69
N ILE A 90 8.51 -8.73 3.97
CA ILE A 90 9.28 -7.95 4.93
C ILE A 90 10.77 -8.14 4.65
N LYS A 91 11.14 -9.39 4.36
CA LYS A 91 12.53 -9.72 4.08
C LYS A 91 12.92 -9.10 2.73
N GLU A 92 12.16 -9.47 1.70
CA GLU A 92 12.42 -8.97 0.37
C GLU A 92 12.75 -7.48 0.41
N SER A 93 11.84 -6.73 1.01
CA SER A 93 12.02 -5.28 1.13
C SER A 93 13.48 -4.97 1.49
N SER A 94 14.03 -4.00 0.78
CA SER A 94 15.41 -3.60 1.01
C SER A 94 15.48 -2.08 1.18
N GLY A 95 15.03 -1.38 0.15
CA GLY A 95 15.04 0.08 0.18
C GLY A 95 13.96 0.65 -0.74
N PRO A 96 14.25 1.86 -1.30
CA PRO A 96 13.31 2.52 -2.19
C PRO A 96 13.30 1.86 -3.56
N SER A 97 14.50 1.66 -4.10
CA SER A 97 14.64 1.03 -5.41
C SER A 97 16.12 0.89 -5.75
N SER A 98 16.55 -0.36 -5.84
CA SER A 98 17.93 -0.65 -6.17
C SER A 98 18.16 -2.16 -6.23
N GLY A 99 18.07 -2.69 -7.45
CA GLY A 99 18.25 -4.12 -7.66
C GLY A 99 19.62 -4.57 -7.16
N GLY A 1 -1.50 2.09 -20.19
CA GLY A 1 -1.19 3.44 -20.65
C GLY A 1 -1.63 4.49 -19.62
N SER A 2 -1.99 5.65 -20.13
CA SER A 2 -2.44 6.73 -19.27
C SER A 2 -1.33 7.09 -18.27
N SER A 3 -0.32 7.79 -18.78
CA SER A 3 0.79 8.20 -17.94
C SER A 3 0.85 9.73 -17.85
N GLY A 4 0.29 10.24 -16.77
CA GLY A 4 0.26 11.68 -16.55
C GLY A 4 0.80 12.03 -15.16
N SER A 5 0.25 11.35 -14.17
CA SER A 5 0.65 11.58 -12.79
C SER A 5 2.08 11.07 -12.57
N SER A 6 2.75 11.68 -11.59
CA SER A 6 4.11 11.29 -11.28
C SER A 6 4.31 11.27 -9.77
N GLY A 7 4.26 12.45 -9.16
CA GLY A 7 4.43 12.57 -7.73
C GLY A 7 3.43 11.70 -6.98
N LEU A 8 2.16 11.99 -7.21
CA LEU A 8 1.08 11.24 -6.57
C LEU A 8 1.43 9.76 -6.57
N LYS A 9 1.75 9.25 -7.74
CA LYS A 9 2.10 7.85 -7.89
C LYS A 9 3.07 7.46 -6.78
N GLN A 10 4.22 8.11 -6.77
CA GLN A 10 5.23 7.85 -5.77
C GLN A 10 4.66 8.04 -4.36
N LYS A 11 3.93 9.14 -4.20
CA LYS A 11 3.33 9.46 -2.92
C LYS A 11 2.45 8.29 -2.48
N VAL A 12 1.35 8.10 -3.20
CA VAL A 12 0.43 7.02 -2.90
C VAL A 12 1.21 5.73 -2.68
N GLU A 13 2.38 5.66 -3.31
CA GLU A 13 3.22 4.49 -3.18
C GLU A 13 3.66 4.29 -1.73
N ASN A 14 4.48 5.22 -1.26
CA ASN A 14 4.97 5.15 0.10
C ASN A 14 3.79 5.02 1.06
N LEU A 15 2.68 5.65 0.68
CA LEU A 15 1.48 5.60 1.49
C LEU A 15 1.16 4.15 1.84
N PHE A 16 0.74 3.40 0.84
CA PHE A 16 0.41 2.01 1.03
C PHE A 16 1.46 1.30 1.89
N ASN A 17 2.71 1.43 1.45
CA ASN A 17 3.81 0.81 2.17
C ASN A 17 3.74 1.20 3.65
N GLU A 18 3.95 2.49 3.90
CA GLU A 18 3.93 3.00 5.26
C GLU A 18 2.77 2.35 6.04
N LYS A 19 1.57 2.49 5.48
CA LYS A 19 0.39 1.93 6.11
C LYS A 19 0.67 0.48 6.53
N CYS A 20 1.13 -0.30 5.56
CA CYS A 20 1.45 -1.69 5.82
C CYS A 20 2.20 -1.78 7.15
N GLY A 21 3.36 -1.14 7.18
CA GLY A 21 4.17 -1.14 8.38
C GLY A 21 3.35 -0.79 9.61
N GLU A 22 2.49 0.20 9.45
CA GLU A 22 1.63 0.64 10.54
C GLU A 22 0.78 -0.53 11.06
N ALA A 23 0.27 -1.30 10.11
CA ALA A 23 -0.56 -2.45 10.44
C ALA A 23 0.21 -3.35 11.42
N LEU A 24 1.38 -3.76 10.99
CA LEU A 24 2.22 -4.62 11.81
C LEU A 24 2.73 -3.84 13.02
N GLY A 25 2.61 -2.52 12.91
CA GLY A 25 3.07 -1.64 13.98
C GLY A 25 4.57 -1.38 13.88
N LEU A 26 4.94 -0.60 12.87
CA LEU A 26 6.33 -0.28 12.65
C LEU A 26 6.48 1.24 12.50
N LYS A 27 7.70 1.71 12.71
CA LYS A 27 7.99 3.13 12.61
C LYS A 27 8.53 3.44 11.21
N GLN A 28 8.52 2.41 10.37
CA GLN A 28 9.01 2.56 9.00
C GLN A 28 8.01 1.98 8.01
N ALA A 29 8.37 2.03 6.74
CA ALA A 29 7.51 1.53 5.69
C ALA A 29 7.87 0.07 5.40
N VAL A 30 6.92 -0.65 4.80
CA VAL A 30 7.13 -2.03 4.47
C VAL A 30 6.52 -2.32 3.09
N LYS A 31 7.38 -2.77 2.18
CA LYS A 31 6.94 -3.08 0.84
C LYS A 31 5.61 -3.84 0.89
N VAL A 32 4.59 -3.22 0.32
CA VAL A 32 3.26 -3.83 0.31
C VAL A 32 3.31 -5.10 -0.55
N PRO A 33 3.12 -6.26 0.13
CA PRO A 33 3.14 -7.54 -0.56
C PRO A 33 1.84 -7.76 -1.33
N PHE A 34 1.62 -6.89 -2.31
CA PHE A 34 0.42 -6.98 -3.14
C PHE A 34 0.10 -8.43 -3.48
N ALA A 35 1.16 -9.20 -3.76
CA ALA A 35 1.01 -10.59 -4.11
C ALA A 35 0.18 -11.30 -3.02
N LEU A 36 0.59 -11.08 -1.78
CA LEU A 36 -0.10 -11.69 -0.66
C LEU A 36 -1.59 -11.36 -0.74
N PHE A 37 -1.88 -10.10 -1.01
CA PHE A 37 -3.25 -9.65 -1.11
C PHE A 37 -3.90 -10.19 -2.38
N GLU A 38 -3.06 -10.61 -3.32
CA GLU A 38 -3.54 -11.15 -4.58
C GLU A 38 -3.95 -12.61 -4.41
N SER A 39 -3.10 -13.36 -3.72
CA SER A 39 -3.36 -14.77 -3.49
C SER A 39 -4.26 -14.94 -2.27
N PHE A 40 -4.05 -14.08 -1.28
CA PHE A 40 -4.83 -14.13 -0.07
C PHE A 40 -5.44 -12.75 0.25
N PRO A 41 -6.47 -12.38 -0.56
CA PRO A 41 -7.14 -11.10 -0.39
C PRO A 41 -8.06 -11.13 0.83
N GLU A 42 -8.62 -12.31 1.08
CA GLU A 42 -9.53 -12.48 2.21
C GLU A 42 -8.78 -12.26 3.52
N ASP A 43 -7.52 -12.70 3.53
CA ASP A 43 -6.69 -12.56 4.72
C ASP A 43 -6.10 -11.15 4.76
N PHE A 44 -5.61 -10.72 3.61
CA PHE A 44 -5.02 -9.39 3.50
C PHE A 44 -5.82 -8.51 2.53
N TYR A 45 -6.23 -7.36 3.04
CA TYR A 45 -7.00 -6.43 2.24
C TYR A 45 -6.97 -5.03 2.84
N VAL A 46 -7.11 -4.03 1.98
CA VAL A 46 -7.10 -2.65 2.42
C VAL A 46 -8.54 -2.14 2.51
N GLU A 47 -8.75 -1.24 3.47
CA GLU A 47 -10.07 -0.67 3.66
C GLU A 47 -9.98 0.85 3.74
N GLY A 48 -11.12 1.47 4.05
CA GLY A 48 -11.18 2.92 4.15
C GLY A 48 -10.81 3.58 2.81
N LEU A 49 -11.06 2.85 1.75
CA LEU A 49 -10.76 3.35 0.41
C LEU A 49 -11.88 4.29 -0.04
N PRO A 50 -11.51 5.21 -0.96
CA PRO A 50 -12.48 6.17 -1.49
C PRO A 50 -13.43 5.51 -2.48
N GLU A 51 -14.69 5.92 -2.40
CA GLU A 51 -15.71 5.37 -3.28
C GLU A 51 -15.45 3.90 -3.55
N GLY A 52 -15.79 3.47 -4.76
CA GLY A 52 -15.60 2.08 -5.14
C GLY A 52 -14.19 1.87 -5.71
N VAL A 53 -13.25 2.62 -5.16
CA VAL A 53 -11.86 2.52 -5.60
C VAL A 53 -11.28 1.18 -5.14
N PRO A 54 -10.97 0.32 -6.14
CA PRO A 54 -10.42 -0.99 -5.84
C PRO A 54 -8.95 -0.88 -5.44
N PHE A 55 -8.65 -1.37 -4.25
CA PHE A 55 -7.29 -1.34 -3.74
C PHE A 55 -6.30 -1.87 -4.77
N ARG A 56 -5.78 -0.96 -5.58
CA ARG A 56 -4.82 -1.32 -6.61
C ARG A 56 -3.55 -0.49 -6.48
N ARG A 57 -2.65 -0.67 -7.44
CA ARG A 57 -1.41 0.06 -7.44
C ARG A 57 -1.64 1.51 -7.87
N PRO A 58 -0.76 2.41 -7.35
CA PRO A 58 -0.86 3.82 -7.67
C PRO A 58 -0.35 4.10 -9.08
N SER A 59 0.44 3.17 -9.60
CA SER A 59 0.98 3.30 -10.93
C SER A 59 -0.02 2.77 -11.97
N THR A 60 -1.21 3.36 -11.94
CA THR A 60 -2.25 2.96 -12.87
C THR A 60 -3.45 3.90 -12.76
N PHE A 61 -3.79 4.23 -11.52
CA PHE A 61 -4.92 5.11 -11.26
C PHE A 61 -4.75 6.43 -12.01
N GLY A 62 -5.72 7.31 -11.80
CA GLY A 62 -5.69 8.62 -12.45
C GLY A 62 -5.10 9.68 -11.53
N ILE A 63 -5.09 10.91 -12.02
CA ILE A 63 -4.55 12.02 -11.26
C ILE A 63 -5.44 12.27 -10.03
N PRO A 64 -6.77 12.27 -10.29
CA PRO A 64 -7.74 12.49 -9.22
C PRO A 64 -7.87 11.26 -8.34
N ARG A 65 -8.14 10.13 -8.98
CA ARG A 65 -8.29 8.88 -8.26
C ARG A 65 -7.13 8.68 -7.27
N LEU A 66 -5.99 9.22 -7.66
CA LEU A 66 -4.80 9.11 -6.83
C LEU A 66 -5.01 9.92 -5.53
N GLU A 67 -5.38 11.17 -5.70
CA GLU A 67 -5.63 12.04 -4.56
C GLU A 67 -6.69 11.44 -3.66
N LYS A 68 -7.70 10.85 -4.29
CA LYS A 68 -8.79 10.24 -3.55
C LYS A 68 -8.22 9.35 -2.45
N ILE A 69 -7.27 8.51 -2.83
CA ILE A 69 -6.64 7.61 -1.90
C ILE A 69 -5.92 8.42 -0.82
N LEU A 70 -5.16 9.41 -1.27
CA LEU A 70 -4.43 10.27 -0.35
C LEU A 70 -5.39 10.89 0.65
N ARG A 71 -6.39 11.59 0.10
CA ARG A 71 -7.39 12.24 0.92
C ARG A 71 -7.77 11.35 2.10
N ASN A 72 -7.79 10.05 1.84
CA ASN A 72 -8.14 9.08 2.87
C ASN A 72 -6.89 8.28 3.25
N LYS A 73 -5.83 9.01 3.55
CA LYS A 73 -4.57 8.39 3.93
C LYS A 73 -4.62 8.04 5.43
N ALA A 74 -5.69 8.49 6.07
CA ALA A 74 -5.85 8.24 7.50
C ALA A 74 -7.01 7.26 7.70
N LYS A 75 -8.03 7.40 6.85
CA LYS A 75 -9.19 6.54 6.93
C LYS A 75 -8.81 5.13 6.50
N ILE A 76 -7.93 5.06 5.50
CA ILE A 76 -7.47 3.78 4.98
C ILE A 76 -6.92 2.94 6.13
N LYS A 77 -7.07 1.64 6.00
CA LYS A 77 -6.60 0.71 7.02
C LYS A 77 -6.24 -0.63 6.36
N PHE A 78 -5.18 -1.23 6.87
CA PHE A 78 -4.73 -2.50 6.35
C PHE A 78 -5.05 -3.64 7.33
N ILE A 79 -5.69 -4.67 6.80
CA ILE A 79 -6.06 -5.82 7.60
C ILE A 79 -5.07 -6.95 7.35
N ILE A 80 -4.67 -7.61 8.43
CA ILE A 80 -3.73 -8.71 8.34
C ILE A 80 -4.19 -9.84 9.25
N LYS A 81 -4.60 -10.94 8.63
CA LYS A 81 -5.07 -12.09 9.38
C LYS A 81 -3.95 -13.15 9.42
N LYS A 82 -2.92 -12.89 8.64
CA LYS A 82 -1.78 -13.81 8.57
C LYS A 82 -0.49 -13.00 8.39
N PRO A 83 -0.04 -12.40 9.52
CA PRO A 83 1.18 -11.61 9.50
C PRO A 83 2.42 -12.50 9.43
N GLU A 84 2.18 -13.80 9.59
CA GLU A 84 3.26 -14.77 9.54
C GLU A 84 3.78 -14.92 8.11
N MET A 85 2.92 -14.57 7.16
CA MET A 85 3.28 -14.67 5.76
C MET A 85 3.78 -13.32 5.23
N PHE A 86 3.77 -12.33 6.11
CA PHE A 86 4.21 -10.99 5.74
C PHE A 86 5.71 -10.83 5.99
N GLU A 87 6.20 -11.54 7.00
CA GLU A 87 7.61 -11.49 7.36
C GLU A 87 8.47 -11.60 6.10
N THR A 88 8.16 -12.60 5.29
CA THR A 88 8.90 -12.82 4.06
C THR A 88 9.16 -11.50 3.34
N ALA A 89 8.18 -10.61 3.42
CA ALA A 89 8.29 -9.31 2.80
C ALA A 89 9.19 -8.42 3.64
N ILE A 90 8.92 -8.41 4.93
CA ILE A 90 9.70 -7.60 5.86
C ILE A 90 11.19 -7.92 5.68
N LYS A 91 11.45 -9.18 5.33
CA LYS A 91 12.82 -9.62 5.14
C LYS A 91 13.30 -9.17 3.75
N GLU A 92 12.41 -9.31 2.78
CA GLU A 92 12.72 -8.92 1.42
C GLU A 92 12.33 -7.46 1.16
N SER A 93 12.53 -6.64 2.19
CA SER A 93 12.19 -5.24 2.10
C SER A 93 13.46 -4.39 2.16
N SER A 94 14.18 -4.55 3.28
CA SER A 94 15.41 -3.81 3.48
C SER A 94 16.61 -4.66 3.08
N GLY A 95 16.98 -4.55 1.81
CA GLY A 95 18.10 -5.31 1.29
C GLY A 95 17.99 -5.47 -0.23
N PRO A 96 18.87 -4.72 -0.95
CA PRO A 96 18.87 -4.78 -2.41
C PRO A 96 19.53 -6.07 -2.90
N SER A 97 19.65 -6.17 -4.22
CA SER A 97 20.24 -7.34 -4.83
C SER A 97 19.40 -8.58 -4.53
N SER A 98 18.80 -9.13 -5.57
CA SER A 98 17.97 -10.31 -5.42
C SER A 98 16.66 -9.94 -4.74
N GLY A 99 15.57 -10.49 -5.26
CA GLY A 99 14.25 -10.24 -4.70
C GLY A 99 13.47 -11.53 -4.52
N GLY A 1 7.46 16.59 -21.95
CA GLY A 1 7.84 15.39 -22.68
C GLY A 1 7.18 14.14 -22.09
N SER A 2 7.87 13.54 -21.14
CA SER A 2 7.37 12.35 -20.48
C SER A 2 6.91 12.68 -19.06
N SER A 3 5.61 12.52 -18.84
CA SER A 3 5.04 12.81 -17.54
C SER A 3 3.94 11.79 -17.22
N GLY A 4 3.86 11.43 -15.94
CA GLY A 4 2.87 10.46 -15.50
C GLY A 4 2.38 10.80 -14.08
N SER A 5 1.79 11.97 -13.97
CA SER A 5 1.27 12.43 -12.68
C SER A 5 2.25 12.06 -11.56
N SER A 6 3.28 12.86 -11.43
CA SER A 6 4.28 12.62 -10.41
C SER A 6 3.74 13.05 -9.03
N GLY A 7 4.60 12.92 -8.03
CA GLY A 7 4.22 13.27 -6.67
C GLY A 7 3.15 12.33 -6.13
N LEU A 8 1.93 12.56 -6.58
CA LEU A 8 0.81 11.74 -6.14
C LEU A 8 1.25 10.27 -6.09
N LYS A 9 1.56 9.74 -7.26
CA LYS A 9 2.00 8.36 -7.37
C LYS A 9 2.92 8.03 -6.20
N GLN A 10 4.04 8.75 -6.15
CA GLN A 10 5.02 8.55 -5.10
C GLN A 10 4.34 8.63 -3.72
N LYS A 11 3.65 9.74 -3.51
CA LYS A 11 2.95 9.96 -2.25
C LYS A 11 2.18 8.69 -1.87
N VAL A 12 1.29 8.29 -2.77
CA VAL A 12 0.49 7.11 -2.54
C VAL A 12 1.41 5.91 -2.31
N GLU A 13 2.37 5.76 -3.21
CA GLU A 13 3.32 4.66 -3.11
C GLU A 13 3.78 4.49 -1.66
N ASN A 14 4.20 5.60 -1.07
CA ASN A 14 4.66 5.57 0.31
C ASN A 14 3.50 5.20 1.23
N LEU A 15 2.39 5.87 1.03
CA LEU A 15 1.20 5.62 1.83
C LEU A 15 1.05 4.11 2.04
N PHE A 16 0.71 3.43 0.95
CA PHE A 16 0.53 1.99 1.00
C PHE A 16 1.64 1.33 1.82
N ASN A 17 2.86 1.57 1.41
CA ASN A 17 4.02 1.00 2.09
C ASN A 17 3.91 1.31 3.59
N GLU A 18 3.70 2.58 3.88
CA GLU A 18 3.58 3.01 5.27
C GLU A 18 2.58 2.14 6.02
N LYS A 19 1.39 2.02 5.44
CA LYS A 19 0.34 1.21 6.04
C LYS A 19 0.87 -0.21 6.27
N CYS A 20 1.55 -0.72 5.26
CA CYS A 20 2.11 -2.07 5.35
C CYS A 20 2.70 -2.26 6.73
N GLY A 21 3.80 -1.54 6.98
CA GLY A 21 4.47 -1.62 8.27
C GLY A 21 3.50 -1.31 9.41
N GLU A 22 2.85 -0.16 9.29
CA GLU A 22 1.91 0.27 10.31
C GLU A 22 1.01 -0.90 10.73
N ALA A 23 0.62 -1.68 9.74
CA ALA A 23 -0.24 -2.84 9.99
C ALA A 23 0.40 -3.71 11.06
N LEU A 24 1.62 -4.14 10.78
CA LEU A 24 2.35 -4.98 11.71
C LEU A 24 2.78 -4.15 12.92
N GLY A 25 2.69 -2.84 12.76
CA GLY A 25 3.06 -1.93 13.84
C GLY A 25 4.56 -1.67 13.83
N LEU A 26 4.99 -0.93 12.82
CA LEU A 26 6.41 -0.60 12.69
C LEU A 26 6.56 0.92 12.57
N LYS A 27 7.80 1.38 12.71
CA LYS A 27 8.09 2.79 12.62
C LYS A 27 8.63 3.11 11.22
N GLN A 28 8.48 2.13 10.33
CA GLN A 28 8.94 2.29 8.97
C GLN A 28 7.92 1.71 7.99
N ALA A 29 8.22 1.85 6.71
CA ALA A 29 7.33 1.35 5.67
C ALA A 29 7.76 -0.07 5.29
N VAL A 30 6.87 -0.74 4.55
CA VAL A 30 7.15 -2.10 4.11
C VAL A 30 6.46 -2.34 2.77
N LYS A 31 7.25 -2.75 1.80
CA LYS A 31 6.73 -3.01 0.47
C LYS A 31 5.42 -3.78 0.59
N VAL A 32 4.38 -3.23 -0.04
CA VAL A 32 3.07 -3.84 -0.01
C VAL A 32 3.11 -5.16 -0.79
N PRO A 33 2.94 -6.28 -0.03
CA PRO A 33 2.96 -7.60 -0.63
C PRO A 33 1.66 -7.88 -1.40
N PHE A 34 1.35 -6.98 -2.31
CA PHE A 34 0.14 -7.11 -3.11
C PHE A 34 -0.16 -8.58 -3.39
N ALA A 35 0.90 -9.34 -3.57
CA ALA A 35 0.75 -10.76 -3.86
C ALA A 35 -0.06 -11.42 -2.74
N LEU A 36 0.45 -11.27 -1.52
CA LEU A 36 -0.21 -11.85 -0.36
C LEU A 36 -1.71 -11.50 -0.41
N PHE A 37 -1.98 -10.29 -0.88
CA PHE A 37 -3.35 -9.82 -0.98
C PHE A 37 -4.03 -10.37 -2.23
N GLU A 38 -3.20 -10.68 -3.22
CA GLU A 38 -3.70 -11.22 -4.47
C GLU A 38 -4.15 -12.68 -4.29
N SER A 39 -3.29 -13.45 -3.65
CA SER A 39 -3.59 -14.85 -3.40
C SER A 39 -4.47 -14.99 -2.15
N PHE A 40 -4.13 -14.21 -1.14
CA PHE A 40 -4.87 -14.23 0.11
C PHE A 40 -5.41 -12.83 0.46
N PRO A 41 -6.48 -12.43 -0.29
CA PRO A 41 -7.10 -11.13 -0.07
C PRO A 41 -7.94 -11.13 1.21
N GLU A 42 -8.82 -12.10 1.29
CA GLU A 42 -9.70 -12.23 2.45
C GLU A 42 -8.89 -12.07 3.73
N ASP A 43 -7.69 -12.63 3.73
CA ASP A 43 -6.82 -12.55 4.88
C ASP A 43 -6.17 -11.17 4.94
N PHE A 44 -5.66 -10.75 3.79
CA PHE A 44 -5.01 -9.45 3.69
C PHE A 44 -5.77 -8.53 2.74
N TYR A 45 -6.23 -7.42 3.29
CA TYR A 45 -6.98 -6.44 2.50
C TYR A 45 -6.91 -5.06 3.13
N VAL A 46 -7.01 -4.05 2.28
CA VAL A 46 -6.97 -2.67 2.73
C VAL A 46 -8.39 -2.10 2.76
N GLU A 47 -8.67 -1.35 3.82
CA GLU A 47 -9.98 -0.73 3.98
C GLU A 47 -9.85 0.78 4.04
N GLY A 48 -11.00 1.44 4.10
CA GLY A 48 -11.04 2.89 4.16
C GLY A 48 -11.08 3.50 2.76
N LEU A 49 -10.50 2.78 1.82
CA LEU A 49 -10.46 3.23 0.44
C LEU A 49 -11.80 3.87 0.08
N PRO A 50 -11.74 4.85 -0.86
CA PRO A 50 -12.94 5.55 -1.30
C PRO A 50 -13.78 4.67 -2.21
N GLU A 51 -15.07 4.60 -1.89
CA GLU A 51 -15.99 3.79 -2.68
C GLU A 51 -15.72 3.99 -4.17
N GLY A 52 -15.61 2.87 -4.88
CA GLY A 52 -15.35 2.90 -6.30
C GLY A 52 -13.86 2.83 -6.59
N VAL A 53 -13.06 3.15 -5.58
CA VAL A 53 -11.63 3.13 -5.71
C VAL A 53 -11.08 1.85 -5.05
N PRO A 54 -10.58 0.92 -5.91
CA PRO A 54 -10.03 -0.33 -5.42
C PRO A 54 -8.65 -0.12 -4.80
N PHE A 55 -8.07 -1.21 -4.34
CA PHE A 55 -6.75 -1.17 -3.72
C PHE A 55 -5.67 -1.57 -4.73
N ARG A 56 -5.87 -1.16 -5.96
CA ARG A 56 -4.92 -1.47 -7.02
C ARG A 56 -3.63 -0.66 -6.84
N ARG A 57 -2.71 -0.86 -7.76
CA ARG A 57 -1.44 -0.15 -7.71
C ARG A 57 -1.63 1.32 -8.06
N PRO A 58 -0.74 2.17 -7.49
CA PRO A 58 -0.80 3.60 -7.73
C PRO A 58 -0.29 3.94 -9.13
N SER A 59 0.70 3.17 -9.56
CA SER A 59 1.28 3.39 -10.88
C SER A 59 0.31 2.90 -11.97
N THR A 60 -0.88 3.47 -11.96
CA THR A 60 -1.89 3.10 -12.93
C THR A 60 -3.09 4.05 -12.84
N PHE A 61 -3.49 4.32 -11.60
CA PHE A 61 -4.62 5.21 -11.36
C PHE A 61 -4.46 6.52 -12.13
N GLY A 62 -5.47 7.37 -12.02
CA GLY A 62 -5.45 8.65 -12.68
C GLY A 62 -4.89 9.74 -11.76
N ILE A 63 -4.89 10.97 -12.28
CA ILE A 63 -4.39 12.10 -11.52
C ILE A 63 -5.34 12.39 -10.36
N PRO A 64 -6.67 12.39 -10.69
CA PRO A 64 -7.69 12.65 -9.68
C PRO A 64 -7.87 11.44 -8.76
N ARG A 65 -8.02 10.28 -9.39
CA ARG A 65 -8.22 9.05 -8.63
C ARG A 65 -7.14 8.92 -7.56
N LEU A 66 -5.92 9.33 -7.91
CA LEU A 66 -4.80 9.26 -6.99
C LEU A 66 -5.14 10.05 -5.73
N GLU A 67 -5.60 11.28 -5.94
CA GLU A 67 -5.97 12.14 -4.83
C GLU A 67 -7.12 11.53 -4.03
N LYS A 68 -8.09 11.01 -4.76
CA LYS A 68 -9.25 10.40 -4.14
C LYS A 68 -8.78 9.47 -3.02
N ILE A 69 -7.70 8.76 -3.29
CA ILE A 69 -7.15 7.84 -2.31
C ILE A 69 -6.46 8.64 -1.20
N LEU A 70 -5.53 9.49 -1.61
CA LEU A 70 -4.78 10.31 -0.67
C LEU A 70 -5.76 10.92 0.33
N ARG A 71 -6.81 11.52 -0.20
CA ARG A 71 -7.82 12.15 0.64
C ARG A 71 -8.08 11.30 1.89
N ASN A 72 -8.15 9.99 1.68
CA ASN A 72 -8.39 9.07 2.78
C ASN A 72 -7.11 8.27 3.05
N LYS A 73 -6.02 9.00 3.24
CA LYS A 73 -4.74 8.38 3.51
C LYS A 73 -4.62 8.09 5.00
N ALA A 74 -5.54 8.67 5.76
CA ALA A 74 -5.55 8.48 7.20
C ALA A 74 -6.65 7.48 7.58
N LYS A 75 -7.70 7.47 6.77
CA LYS A 75 -8.82 6.58 7.00
C LYS A 75 -8.44 5.16 6.57
N ILE A 76 -7.63 5.10 5.51
CA ILE A 76 -7.19 3.83 4.98
C ILE A 76 -6.59 2.99 6.11
N LYS A 77 -6.80 1.69 6.02
CA LYS A 77 -6.29 0.77 7.02
C LYS A 77 -5.99 -0.58 6.37
N PHE A 78 -4.95 -1.23 6.88
CA PHE A 78 -4.55 -2.52 6.37
C PHE A 78 -4.89 -3.64 7.35
N ILE A 79 -5.64 -4.61 6.88
CA ILE A 79 -6.04 -5.74 7.70
C ILE A 79 -5.05 -6.88 7.51
N ILE A 80 -4.61 -7.43 8.63
CA ILE A 80 -3.65 -8.53 8.60
C ILE A 80 -4.14 -9.64 9.53
N LYS A 81 -4.52 -10.76 8.91
CA LYS A 81 -5.01 -11.90 9.67
C LYS A 81 -3.85 -12.88 9.90
N LYS A 82 -2.92 -12.87 8.96
CA LYS A 82 -1.76 -13.75 9.05
C LYS A 82 -0.49 -12.94 8.84
N PRO A 83 -0.04 -12.28 9.95
CA PRO A 83 1.17 -11.47 9.89
C PRO A 83 2.42 -12.35 9.86
N GLU A 84 2.26 -13.58 10.30
CA GLU A 84 3.36 -14.53 10.32
C GLU A 84 3.77 -14.89 8.90
N MET A 85 2.89 -14.57 7.96
CA MET A 85 3.16 -14.86 6.56
C MET A 85 3.78 -13.65 5.86
N PHE A 86 3.80 -12.53 6.58
CA PHE A 86 4.37 -11.30 6.04
C PHE A 86 5.88 -11.26 6.28
N GLU A 87 6.30 -11.92 7.35
CA GLU A 87 7.71 -11.96 7.70
C GLU A 87 8.57 -12.11 6.44
N THR A 88 8.22 -13.11 5.65
CA THR A 88 8.96 -13.37 4.42
C THR A 88 9.12 -12.08 3.62
N ALA A 89 8.06 -11.29 3.60
CA ALA A 89 8.07 -10.03 2.88
C ALA A 89 9.05 -9.07 3.55
N ILE A 90 8.84 -8.86 4.84
CA ILE A 90 9.69 -7.97 5.61
C ILE A 90 11.15 -8.39 5.43
N LYS A 91 11.36 -9.71 5.41
CA LYS A 91 12.69 -10.24 5.25
C LYS A 91 13.33 -9.65 3.99
N GLU A 92 12.72 -9.95 2.85
CA GLU A 92 13.21 -9.45 1.58
C GLU A 92 12.99 -7.94 1.48
N SER A 93 11.73 -7.57 1.33
CA SER A 93 11.37 -6.16 1.22
C SER A 93 12.11 -5.52 0.05
N SER A 94 11.35 -5.21 -0.99
CA SER A 94 11.93 -4.59 -2.18
C SER A 94 12.95 -5.53 -2.82
N GLY A 95 12.46 -6.33 -3.76
CA GLY A 95 13.32 -7.28 -4.46
C GLY A 95 13.54 -8.53 -3.61
N PRO A 96 13.15 -9.70 -4.19
CA PRO A 96 13.31 -10.96 -3.50
C PRO A 96 14.77 -11.42 -3.50
N SER A 97 15.46 -11.10 -2.42
CA SER A 97 16.86 -11.47 -2.29
C SER A 97 17.69 -10.75 -3.37
N SER A 98 18.80 -10.17 -2.93
CA SER A 98 19.68 -9.46 -3.84
C SER A 98 21.13 -9.54 -3.35
N GLY A 99 21.78 -10.65 -3.71
CA GLY A 99 23.16 -10.86 -3.31
C GLY A 99 24.12 -10.10 -4.24
N GLY A 1 10.76 17.96 -21.51
CA GLY A 1 9.53 17.17 -21.51
C GLY A 1 8.81 17.28 -20.17
N SER A 2 7.48 17.21 -20.26
CA SER A 2 6.65 17.31 -19.06
C SER A 2 5.81 16.05 -18.91
N SER A 3 5.70 15.59 -17.68
CA SER A 3 4.92 14.39 -17.38
C SER A 3 3.49 14.78 -17.00
N GLY A 4 3.37 15.46 -15.88
CA GLY A 4 2.08 15.90 -15.38
C GLY A 4 1.67 15.10 -14.14
N SER A 5 1.21 13.88 -14.38
CA SER A 5 0.79 13.01 -13.30
C SER A 5 2.00 12.49 -12.53
N SER A 6 2.46 13.31 -11.59
CA SER A 6 3.61 12.95 -10.77
C SER A 6 3.29 13.21 -9.30
N GLY A 7 4.30 12.98 -8.47
CA GLY A 7 4.16 13.17 -7.04
C GLY A 7 3.20 12.15 -6.44
N LEU A 8 1.92 12.31 -6.76
CA LEU A 8 0.90 11.42 -6.26
C LEU A 8 1.43 9.98 -6.29
N LYS A 9 1.88 9.58 -7.48
CA LYS A 9 2.42 8.24 -7.66
C LYS A 9 3.31 7.88 -6.47
N GLN A 10 4.31 8.72 -6.26
CA GLN A 10 5.24 8.51 -5.16
C GLN A 10 4.51 8.61 -3.81
N LYS A 11 3.73 9.66 -3.68
CA LYS A 11 2.97 9.88 -2.46
C LYS A 11 2.18 8.62 -2.12
N VAL A 12 1.27 8.27 -3.01
CA VAL A 12 0.45 7.09 -2.81
C VAL A 12 1.34 5.88 -2.57
N GLU A 13 2.42 5.81 -3.35
CA GLU A 13 3.36 4.71 -3.24
C GLU A 13 3.81 4.56 -1.79
N ASN A 14 4.29 5.66 -1.23
CA ASN A 14 4.76 5.66 0.15
C ASN A 14 3.59 5.35 1.08
N LEU A 15 2.47 5.99 0.80
CA LEU A 15 1.27 5.80 1.60
C LEU A 15 1.13 4.31 1.95
N PHE A 16 0.90 3.52 0.91
CA PHE A 16 0.75 2.08 1.08
C PHE A 16 1.91 1.50 1.87
N ASN A 17 3.09 1.57 1.28
CA ASN A 17 4.29 1.06 1.92
C ASN A 17 4.26 1.41 3.41
N GLU A 18 4.10 2.70 3.67
CA GLU A 18 4.06 3.17 5.05
C GLU A 18 2.97 2.43 5.83
N LYS A 19 1.74 2.56 5.34
CA LYS A 19 0.62 1.91 5.99
C LYS A 19 0.97 0.43 6.27
N CYS A 20 1.67 -0.16 5.32
CA CYS A 20 2.08 -1.55 5.45
C CYS A 20 2.59 -1.77 6.88
N GLY A 21 3.74 -1.18 7.15
CA GLY A 21 4.35 -1.30 8.47
C GLY A 21 3.35 -0.97 9.57
N GLU A 22 2.67 0.16 9.39
CA GLU A 22 1.68 0.60 10.35
C GLU A 22 0.81 -0.58 10.80
N ALA A 23 0.49 -1.43 9.83
CA ALA A 23 -0.34 -2.60 10.11
C ALA A 23 0.28 -3.39 11.27
N LEU A 24 1.53 -3.80 11.06
CA LEU A 24 2.24 -4.56 12.07
C LEU A 24 2.61 -3.63 13.23
N GLY A 25 2.49 -2.34 12.98
CA GLY A 25 2.81 -1.35 13.99
C GLY A 25 4.31 -1.05 14.02
N LEU A 26 4.78 -0.48 12.92
CA LEU A 26 6.20 -0.14 12.81
C LEU A 26 6.33 1.37 12.59
N LYS A 27 7.54 1.86 12.81
CA LYS A 27 7.82 3.27 12.65
C LYS A 27 8.41 3.51 11.26
N GLN A 28 8.42 2.45 10.46
CA GLN A 28 8.95 2.53 9.11
C GLN A 28 7.95 1.94 8.11
N ALA A 29 8.38 1.88 6.86
CA ALA A 29 7.54 1.33 5.81
C ALA A 29 7.89 -0.14 5.58
N VAL A 30 7.04 -0.81 4.82
CA VAL A 30 7.24 -2.21 4.52
C VAL A 30 6.61 -2.55 3.17
N LYS A 31 7.42 -3.09 2.29
CA LYS A 31 6.96 -3.46 0.96
C LYS A 31 5.55 -4.04 1.07
N VAL A 32 4.74 -3.74 0.06
CA VAL A 32 3.37 -4.22 0.02
C VAL A 32 3.32 -5.50 -0.81
N PRO A 33 3.04 -6.63 -0.10
CA PRO A 33 2.96 -7.92 -0.76
C PRO A 33 1.64 -8.06 -1.53
N PHE A 34 1.49 -7.18 -2.51
CA PHE A 34 0.29 -7.20 -3.34
C PHE A 34 -0.16 -8.63 -3.64
N ALA A 35 0.80 -9.46 -3.97
CA ALA A 35 0.52 -10.85 -4.28
C ALA A 35 -0.37 -11.44 -3.19
N LEU A 36 0.10 -11.32 -1.95
CA LEU A 36 -0.64 -11.83 -0.82
C LEU A 36 -2.09 -11.36 -0.90
N PHE A 37 -2.25 -10.07 -1.13
CA PHE A 37 -3.57 -9.48 -1.25
C PHE A 37 -4.30 -10.00 -2.48
N GLU A 38 -3.53 -10.62 -3.36
CA GLU A 38 -4.10 -11.16 -4.59
C GLU A 38 -4.41 -12.65 -4.42
N SER A 39 -3.38 -13.40 -4.03
CA SER A 39 -3.53 -14.83 -3.82
C SER A 39 -4.34 -15.09 -2.54
N PHE A 40 -4.19 -14.18 -1.60
CA PHE A 40 -4.90 -14.30 -0.33
C PHE A 40 -5.64 -13.01 0.01
N PRO A 41 -6.68 -12.71 -0.80
CA PRO A 41 -7.48 -11.51 -0.60
C PRO A 41 -8.41 -11.67 0.60
N GLU A 42 -8.65 -12.92 0.96
CA GLU A 42 -9.52 -13.23 2.08
C GLU A 42 -8.72 -13.29 3.38
N ASP A 43 -7.77 -12.36 3.50
CA ASP A 43 -6.93 -12.30 4.67
C ASP A 43 -6.19 -10.96 4.70
N PHE A 44 -5.66 -10.60 3.54
CA PHE A 44 -4.93 -9.34 3.42
C PHE A 44 -5.69 -8.35 2.54
N TYR A 45 -6.24 -7.33 3.18
CA TYR A 45 -7.00 -6.32 2.47
C TYR A 45 -6.81 -4.94 3.11
N VAL A 46 -7.15 -3.91 2.35
CA VAL A 46 -7.02 -2.55 2.84
C VAL A 46 -8.41 -1.92 2.94
N GLU A 47 -8.70 -1.39 4.11
CA GLU A 47 -9.98 -0.74 4.35
C GLU A 47 -9.82 0.77 4.42
N GLY A 48 -10.95 1.46 4.47
CA GLY A 48 -10.94 2.91 4.53
C GLY A 48 -10.95 3.53 3.13
N LEU A 49 -10.40 2.78 2.19
CA LEU A 49 -10.34 3.24 0.82
C LEU A 49 -11.64 3.95 0.45
N PRO A 50 -11.54 4.88 -0.54
CA PRO A 50 -12.71 5.63 -0.97
C PRO A 50 -13.62 4.76 -1.83
N GLU A 51 -14.90 4.76 -1.46
CA GLU A 51 -15.89 3.98 -2.19
C GLU A 51 -15.75 4.21 -3.70
N GLY A 52 -15.55 3.11 -4.42
CA GLY A 52 -15.40 3.18 -5.86
C GLY A 52 -13.93 3.10 -6.26
N VAL A 53 -13.09 2.86 -5.27
CA VAL A 53 -11.65 2.76 -5.50
C VAL A 53 -11.15 1.44 -4.92
N PRO A 54 -11.05 0.41 -5.82
CA PRO A 54 -10.58 -0.90 -5.40
C PRO A 54 -9.06 -0.90 -5.19
N PHE A 55 -8.67 -1.23 -3.98
CA PHE A 55 -7.26 -1.28 -3.64
C PHE A 55 -6.43 -1.83 -4.80
N ARG A 56 -5.67 -0.94 -5.42
CA ARG A 56 -4.83 -1.32 -6.55
C ARG A 56 -3.49 -0.59 -6.48
N ARG A 57 -2.64 -0.89 -7.46
CA ARG A 57 -1.32 -0.27 -7.51
C ARG A 57 -1.46 1.24 -7.76
N PRO A 58 -0.43 1.98 -7.27
CA PRO A 58 -0.42 3.43 -7.43
C PRO A 58 -0.07 3.83 -8.87
N SER A 59 0.98 3.20 -9.37
CA SER A 59 1.43 3.48 -10.73
C SER A 59 0.40 2.94 -11.74
N THR A 60 -0.80 3.48 -11.65
CA THR A 60 -1.87 3.06 -12.55
C THR A 60 -3.10 3.94 -12.36
N PHE A 61 -3.39 4.24 -11.11
CA PHE A 61 -4.53 5.07 -10.77
C PHE A 61 -4.43 6.44 -11.46
N GLY A 62 -5.59 6.95 -11.86
CA GLY A 62 -5.65 8.24 -12.53
C GLY A 62 -5.11 9.35 -11.62
N ILE A 63 -4.91 10.51 -12.22
CA ILE A 63 -4.41 11.66 -11.49
C ILE A 63 -5.36 11.97 -10.33
N PRO A 64 -6.68 11.93 -10.64
CA PRO A 64 -7.70 12.19 -9.64
C PRO A 64 -7.85 11.02 -8.67
N ARG A 65 -8.00 9.83 -9.26
CA ARG A 65 -8.15 8.62 -8.47
C ARG A 65 -7.07 8.56 -7.39
N LEU A 66 -5.86 8.92 -7.78
CA LEU A 66 -4.75 8.90 -6.84
C LEU A 66 -5.10 9.76 -5.63
N GLU A 67 -5.49 11.00 -5.90
CA GLU A 67 -5.86 11.92 -4.84
C GLU A 67 -6.99 11.33 -3.99
N LYS A 68 -7.98 10.79 -4.67
CA LYS A 68 -9.12 10.18 -3.99
C LYS A 68 -8.62 9.37 -2.80
N ILE A 69 -7.59 8.57 -3.05
CA ILE A 69 -7.02 7.74 -2.02
C ILE A 69 -6.36 8.62 -0.96
N LEU A 70 -5.50 9.51 -1.42
CA LEU A 70 -4.80 10.42 -0.53
C LEU A 70 -5.82 11.13 0.36
N ARG A 71 -6.93 11.51 -0.26
CA ARG A 71 -7.98 12.21 0.47
C ARG A 71 -8.40 11.39 1.70
N ASN A 72 -8.10 10.10 1.64
CA ASN A 72 -8.44 9.21 2.73
C ASN A 72 -7.21 8.38 3.12
N LYS A 73 -6.11 9.09 3.31
CA LYS A 73 -4.86 8.43 3.68
C LYS A 73 -4.98 7.90 5.11
N ALA A 74 -5.51 8.74 5.98
CA ALA A 74 -5.67 8.37 7.37
C ALA A 74 -6.76 7.31 7.49
N LYS A 75 -7.86 7.55 6.78
CA LYS A 75 -8.98 6.62 6.80
C LYS A 75 -8.49 5.23 6.40
N ILE A 76 -7.72 5.19 5.33
CA ILE A 76 -7.18 3.92 4.84
C ILE A 76 -6.59 3.15 6.02
N LYS A 77 -6.80 1.83 5.98
CA LYS A 77 -6.28 0.97 7.03
C LYS A 77 -5.99 -0.42 6.45
N PHE A 78 -4.81 -0.92 6.77
CA PHE A 78 -4.40 -2.23 6.28
C PHE A 78 -4.81 -3.33 7.27
N ILE A 79 -5.34 -4.41 6.71
CA ILE A 79 -5.77 -5.53 7.52
C ILE A 79 -4.90 -6.75 7.20
N ILE A 80 -4.43 -7.41 8.25
CA ILE A 80 -3.59 -8.58 8.10
C ILE A 80 -4.08 -9.69 9.03
N LYS A 81 -4.64 -10.73 8.43
CA LYS A 81 -5.15 -11.85 9.19
C LYS A 81 -4.13 -12.99 9.17
N LYS A 82 -3.02 -12.74 8.48
CA LYS A 82 -1.97 -13.72 8.38
C LYS A 82 -0.62 -13.01 8.26
N PRO A 83 -0.19 -12.42 9.40
CA PRO A 83 1.08 -11.70 9.44
C PRO A 83 2.26 -12.67 9.46
N GLU A 84 1.93 -13.95 9.56
CA GLU A 84 2.94 -14.99 9.58
C GLU A 84 3.59 -15.13 8.21
N MET A 85 2.88 -14.67 7.20
CA MET A 85 3.38 -14.74 5.84
C MET A 85 4.02 -13.42 5.41
N PHE A 86 3.81 -12.41 6.25
CA PHE A 86 4.36 -11.09 5.97
C PHE A 86 5.81 -10.99 6.46
N GLU A 87 6.10 -11.76 7.51
CA GLU A 87 7.44 -11.76 8.08
C GLU A 87 8.48 -11.83 6.97
N THR A 88 8.29 -12.78 6.07
CA THR A 88 9.22 -12.94 4.95
C THR A 88 9.45 -11.61 4.25
N ALA A 89 8.36 -10.90 4.02
CA ALA A 89 8.43 -9.61 3.36
C ALA A 89 9.12 -8.60 4.27
N ILE A 90 8.77 -8.67 5.55
CA ILE A 90 9.35 -7.77 6.54
C ILE A 90 10.86 -8.02 6.61
N LYS A 91 11.24 -9.25 6.32
CA LYS A 91 12.65 -9.62 6.36
C LYS A 91 13.37 -9.00 5.16
N GLU A 92 12.78 -9.20 3.99
CA GLU A 92 13.36 -8.66 2.77
C GLU A 92 13.14 -7.14 2.70
N SER A 93 11.89 -6.77 2.45
CA SER A 93 11.53 -5.36 2.36
C SER A 93 12.52 -4.63 1.45
N SER A 94 12.11 -4.51 0.19
CA SER A 94 12.94 -3.84 -0.80
C SER A 94 14.31 -4.53 -0.89
N GLY A 95 15.03 -4.21 -1.96
CA GLY A 95 16.34 -4.79 -2.18
C GLY A 95 17.23 -3.85 -2.99
N PRO A 96 18.49 -4.29 -3.21
CA PRO A 96 19.45 -3.50 -3.95
C PRO A 96 19.14 -3.53 -5.46
N SER A 97 17.98 -2.99 -5.79
CA SER A 97 17.55 -2.95 -7.19
C SER A 97 17.28 -4.38 -7.69
N SER A 98 16.02 -4.78 -7.58
CA SER A 98 15.62 -6.10 -8.03
C SER A 98 15.82 -6.23 -9.54
N GLY A 99 15.14 -5.37 -10.27
CA GLY A 99 15.24 -5.37 -11.72
C GLY A 99 14.29 -4.34 -12.34
N GLY A 1 8.18 20.65 -17.40
CA GLY A 1 7.58 19.85 -16.34
C GLY A 1 7.14 18.49 -16.88
N SER A 2 7.47 17.45 -16.12
CA SER A 2 7.11 16.10 -16.51
C SER A 2 5.70 16.08 -17.10
N SER A 3 4.76 16.57 -16.32
CA SER A 3 3.37 16.63 -16.76
C SER A 3 2.84 15.20 -16.97
N GLY A 4 1.66 14.96 -16.43
CA GLY A 4 1.03 13.65 -16.55
C GLY A 4 0.56 13.15 -15.18
N SER A 5 0.47 11.83 -15.08
CA SER A 5 0.03 11.21 -13.84
C SER A 5 1.23 10.94 -12.93
N SER A 6 1.65 11.99 -12.24
CA SER A 6 2.79 11.88 -11.33
C SER A 6 2.43 12.50 -9.99
N GLY A 7 3.42 12.48 -9.08
CA GLY A 7 3.23 13.05 -7.76
C GLY A 7 2.53 12.04 -6.83
N LEU A 8 1.20 12.07 -6.86
CA LEU A 8 0.42 11.17 -6.04
C LEU A 8 1.07 9.79 -6.03
N LYS A 9 1.38 9.31 -7.22
CA LYS A 9 2.00 8.00 -7.37
C LYS A 9 3.03 7.81 -6.25
N GLN A 10 4.01 8.71 -6.22
CA GLN A 10 5.05 8.65 -5.22
C GLN A 10 4.45 8.64 -3.82
N LYS A 11 3.55 9.61 -3.60
CA LYS A 11 2.90 9.72 -2.30
C LYS A 11 2.16 8.42 -1.99
N VAL A 12 1.08 8.20 -2.72
CA VAL A 12 0.28 7.00 -2.53
C VAL A 12 1.22 5.79 -2.36
N GLU A 13 2.27 5.78 -3.16
CA GLU A 13 3.25 4.70 -3.10
C GLU A 13 3.77 4.54 -1.68
N ASN A 14 4.29 5.64 -1.14
CA ASN A 14 4.83 5.63 0.21
C ASN A 14 3.71 5.31 1.20
N LEU A 15 2.57 5.95 0.98
CA LEU A 15 1.42 5.75 1.85
C LEU A 15 1.30 4.26 2.19
N PHE A 16 1.00 3.48 1.17
CA PHE A 16 0.86 2.04 1.34
C PHE A 16 2.05 1.45 2.10
N ASN A 17 3.20 1.52 1.46
CA ASN A 17 4.42 1.00 2.06
C ASN A 17 4.46 1.39 3.54
N GLU A 18 4.06 2.62 3.81
CA GLU A 18 4.04 3.13 5.18
C GLU A 18 2.99 2.38 6.01
N LYS A 19 1.74 2.54 5.61
CA LYS A 19 0.64 1.89 6.30
C LYS A 19 1.02 0.43 6.58
N CYS A 20 1.60 -0.19 5.57
CA CYS A 20 2.01 -1.58 5.68
C CYS A 20 2.65 -1.78 7.05
N GLY A 21 3.83 -1.19 7.21
CA GLY A 21 4.56 -1.29 8.47
C GLY A 21 3.66 -0.96 9.65
N GLU A 22 2.80 0.04 9.45
CA GLU A 22 1.88 0.47 10.49
C GLU A 22 1.08 -0.73 11.00
N ALA A 23 0.51 -1.47 10.05
CA ALA A 23 -0.28 -2.63 10.40
C ALA A 23 0.52 -3.56 11.32
N LEU A 24 1.73 -3.86 10.87
CA LEU A 24 2.60 -4.73 11.65
C LEU A 24 2.94 -4.06 12.97
N GLY A 25 2.76 -2.75 13.00
CA GLY A 25 3.04 -1.97 14.19
C GLY A 25 4.47 -1.45 14.18
N LEU A 26 4.94 -1.13 12.99
CA LEU A 26 6.29 -0.60 12.83
C LEU A 26 6.24 0.91 12.65
N LYS A 27 7.40 1.54 12.78
CA LYS A 27 7.50 2.97 12.64
C LYS A 27 8.11 3.30 11.28
N GLN A 28 8.27 2.27 10.47
CA GLN A 28 8.83 2.44 9.14
C GLN A 28 7.91 1.84 8.08
N ALA A 29 8.38 1.87 6.84
CA ALA A 29 7.61 1.34 5.73
C ALA A 29 7.97 -0.13 5.52
N VAL A 30 7.10 -0.82 4.81
CA VAL A 30 7.31 -2.24 4.53
C VAL A 30 6.72 -2.58 3.16
N LYS A 31 7.54 -3.16 2.31
CA LYS A 31 7.11 -3.55 0.99
C LYS A 31 5.74 -4.22 1.07
N VAL A 32 4.78 -3.64 0.37
CA VAL A 32 3.43 -4.17 0.37
C VAL A 32 3.38 -5.43 -0.50
N PRO A 33 3.11 -6.58 0.17
CA PRO A 33 3.03 -7.86 -0.52
C PRO A 33 1.74 -7.97 -1.31
N PHE A 34 1.60 -7.10 -2.30
CA PHE A 34 0.41 -7.09 -3.14
C PHE A 34 -0.03 -8.52 -3.47
N ALA A 35 0.93 -9.33 -3.87
CA ALA A 35 0.66 -10.72 -4.21
C ALA A 35 -0.28 -11.32 -3.17
N LEU A 36 0.15 -11.22 -1.91
CA LEU A 36 -0.64 -11.75 -0.82
C LEU A 36 -2.09 -11.28 -0.96
N PHE A 37 -2.25 -9.98 -1.13
CA PHE A 37 -3.57 -9.39 -1.27
C PHE A 37 -4.25 -9.91 -2.54
N GLU A 38 -3.47 -10.55 -3.39
CA GLU A 38 -3.98 -11.09 -4.64
C GLU A 38 -4.25 -12.60 -4.47
N SER A 39 -3.21 -13.32 -4.15
CA SER A 39 -3.32 -14.77 -3.97
C SER A 39 -4.15 -15.07 -2.73
N PHE A 40 -4.00 -14.22 -1.73
CA PHE A 40 -4.74 -14.39 -0.49
C PHE A 40 -5.53 -13.12 -0.14
N PRO A 41 -6.60 -12.87 -0.93
CA PRO A 41 -7.44 -11.70 -0.71
C PRO A 41 -8.33 -11.89 0.51
N GLU A 42 -8.58 -13.15 0.85
CA GLU A 42 -9.42 -13.48 1.99
C GLU A 42 -8.58 -13.52 3.26
N ASP A 43 -7.74 -12.51 3.41
CA ASP A 43 -6.88 -12.42 4.58
C ASP A 43 -6.26 -11.03 4.65
N PHE A 44 -5.72 -10.60 3.52
CA PHE A 44 -5.09 -9.28 3.43
C PHE A 44 -5.94 -8.33 2.59
N TYR A 45 -6.13 -7.13 3.12
CA TYR A 45 -6.91 -6.12 2.44
C TYR A 45 -6.93 -4.81 3.22
N VAL A 46 -7.03 -3.71 2.49
CA VAL A 46 -7.06 -2.39 3.11
C VAL A 46 -8.51 -1.91 3.19
N GLU A 47 -8.80 -1.21 4.28
CA GLU A 47 -10.14 -0.69 4.48
C GLU A 47 -10.10 0.83 4.67
N GLY A 48 -11.09 1.49 4.11
CA GLY A 48 -11.17 2.94 4.21
C GLY A 48 -11.10 3.59 2.82
N LEU A 49 -10.50 2.86 1.89
CA LEU A 49 -10.36 3.34 0.53
C LEU A 49 -11.67 4.01 0.09
N PRO A 50 -11.53 4.96 -0.87
CA PRO A 50 -12.69 5.66 -1.39
C PRO A 50 -13.51 4.78 -2.33
N GLU A 51 -14.80 5.05 -2.38
CA GLU A 51 -15.69 4.29 -3.24
C GLU A 51 -15.19 4.31 -4.68
N GLY A 52 -15.28 3.16 -5.33
CA GLY A 52 -14.84 3.03 -6.71
C GLY A 52 -13.31 3.09 -6.80
N VAL A 53 -12.67 3.05 -5.64
CA VAL A 53 -11.23 3.10 -5.58
C VAL A 53 -10.72 1.94 -4.71
N PRO A 54 -10.33 0.83 -5.41
CA PRO A 54 -9.83 -0.34 -4.72
C PRO A 54 -8.40 -0.11 -4.23
N PHE A 55 -7.79 -1.19 -3.74
CA PHE A 55 -6.44 -1.12 -3.23
C PHE A 55 -5.43 -1.61 -4.27
N ARG A 56 -5.73 -1.32 -5.53
CA ARG A 56 -4.88 -1.72 -6.63
C ARG A 56 -3.60 -0.89 -6.64
N ARG A 57 -2.73 -1.19 -7.59
CA ARG A 57 -1.48 -0.47 -7.73
C ARG A 57 -1.74 1.01 -7.97
N PRO A 58 -0.84 1.86 -7.40
CA PRO A 58 -0.96 3.30 -7.55
C PRO A 58 -0.53 3.73 -8.95
N SER A 59 0.17 2.84 -9.63
CA SER A 59 0.64 3.12 -10.98
C SER A 59 -0.37 2.61 -12.00
N THR A 60 -1.62 3.00 -11.80
CA THR A 60 -2.68 2.60 -12.71
C THR A 60 -3.86 3.57 -12.62
N PHE A 61 -4.22 3.90 -11.38
CA PHE A 61 -5.33 4.81 -11.15
C PHE A 61 -5.17 6.09 -11.98
N GLY A 62 -6.18 6.93 -11.92
CA GLY A 62 -6.17 8.19 -12.66
C GLY A 62 -5.44 9.28 -11.89
N ILE A 63 -5.40 10.46 -12.47
CA ILE A 63 -4.74 11.59 -11.85
C ILE A 63 -5.54 12.02 -10.62
N PRO A 64 -6.88 12.09 -10.79
CA PRO A 64 -7.76 12.48 -9.70
C PRO A 64 -7.92 11.35 -8.68
N ARG A 65 -8.25 10.17 -9.19
CA ARG A 65 -8.44 9.01 -8.34
C ARG A 65 -7.27 8.88 -7.36
N LEU A 66 -6.08 9.17 -7.87
CA LEU A 66 -4.88 9.10 -7.05
C LEU A 66 -5.05 10.00 -5.82
N GLU A 67 -5.29 11.27 -6.09
CA GLU A 67 -5.47 12.24 -5.01
C GLU A 67 -6.50 11.72 -4.00
N LYS A 68 -7.58 11.16 -4.54
CA LYS A 68 -8.63 10.63 -3.70
C LYS A 68 -8.03 9.71 -2.65
N ILE A 69 -7.39 8.65 -3.12
CA ILE A 69 -6.77 7.68 -2.24
C ILE A 69 -6.08 8.43 -1.09
N LEU A 70 -5.32 9.45 -1.46
CA LEU A 70 -4.61 10.25 -0.48
C LEU A 70 -5.61 10.94 0.44
N ARG A 71 -6.52 11.67 -0.19
CA ARG A 71 -7.54 12.40 0.57
C ARG A 71 -8.06 11.53 1.71
N ASN A 72 -8.04 10.22 1.50
CA ASN A 72 -8.49 9.29 2.51
C ASN A 72 -7.33 8.38 2.91
N LYS A 73 -6.26 9.00 3.35
CA LYS A 73 -5.08 8.26 3.78
C LYS A 73 -5.26 7.83 5.24
N ALA A 74 -5.65 8.79 6.06
CA ALA A 74 -5.84 8.53 7.48
C ALA A 74 -6.96 7.49 7.64
N LYS A 75 -8.02 7.67 6.87
CA LYS A 75 -9.15 6.77 6.91
C LYS A 75 -8.69 5.35 6.54
N ILE A 76 -7.90 5.29 5.47
CA ILE A 76 -7.40 4.01 5.00
C ILE A 76 -6.79 3.25 6.17
N LYS A 77 -6.91 1.93 6.10
CA LYS A 77 -6.37 1.07 7.15
C LYS A 77 -5.99 -0.28 6.56
N PHE A 78 -4.83 -0.76 6.96
CA PHE A 78 -4.34 -2.04 6.47
C PHE A 78 -4.75 -3.18 7.40
N ILE A 79 -5.33 -4.22 6.80
CA ILE A 79 -5.78 -5.36 7.56
C ILE A 79 -4.91 -6.58 7.22
N ILE A 80 -4.48 -7.27 8.26
CA ILE A 80 -3.65 -8.45 8.07
C ILE A 80 -4.14 -9.57 9.00
N LYS A 81 -4.59 -10.65 8.38
CA LYS A 81 -5.09 -11.79 9.13
C LYS A 81 -4.02 -12.89 9.14
N LYS A 82 -2.96 -12.64 8.40
CA LYS A 82 -1.86 -13.60 8.32
C LYS A 82 -0.54 -12.85 8.26
N PRO A 83 -0.15 -12.27 9.43
CA PRO A 83 1.09 -11.52 9.52
C PRO A 83 2.30 -12.48 9.55
N GLU A 84 2.00 -13.75 9.77
CA GLU A 84 3.05 -14.75 9.82
C GLU A 84 3.71 -14.90 8.44
N MET A 85 2.96 -14.54 7.41
CA MET A 85 3.45 -14.63 6.05
C MET A 85 4.20 -13.36 5.66
N PHE A 86 3.77 -12.25 6.25
CA PHE A 86 4.39 -10.97 5.97
C PHE A 86 5.85 -10.95 6.45
N GLU A 87 6.08 -11.62 7.57
CA GLU A 87 7.42 -11.70 8.14
C GLU A 87 8.46 -11.87 7.04
N THR A 88 8.25 -12.91 6.24
CA THR A 88 9.16 -13.21 5.15
C THR A 88 9.51 -11.94 4.38
N ALA A 89 8.46 -11.19 4.04
CA ALA A 89 8.64 -9.95 3.30
C ALA A 89 9.55 -9.01 4.09
N ILE A 90 9.11 -8.70 5.30
CA ILE A 90 9.88 -7.82 6.18
C ILE A 90 11.34 -8.28 6.20
N LYS A 91 11.52 -9.59 6.32
CA LYS A 91 12.85 -10.16 6.36
C LYS A 91 13.64 -9.70 5.12
N GLU A 92 13.17 -10.15 3.97
CA GLU A 92 13.81 -9.78 2.72
C GLU A 92 13.26 -8.45 2.19
N SER A 93 13.14 -7.51 3.11
CA SER A 93 12.62 -6.20 2.75
C SER A 93 13.49 -5.10 3.38
N SER A 94 13.68 -4.03 2.62
CA SER A 94 14.49 -2.92 3.08
C SER A 94 15.94 -3.36 3.24
N GLY A 95 16.86 -2.44 2.98
CA GLY A 95 18.27 -2.73 3.09
C GLY A 95 18.96 -1.71 4.01
N PRO A 96 19.14 -2.12 5.29
CA PRO A 96 19.79 -1.25 6.27
C PRO A 96 21.30 -1.19 6.04
N SER A 97 21.67 -0.55 4.94
CA SER A 97 23.07 -0.40 4.60
C SER A 97 23.70 0.73 5.40
N SER A 98 24.85 0.44 5.99
CA SER A 98 25.56 1.43 6.78
C SER A 98 27.07 1.31 6.53
N GLY A 99 27.58 2.28 5.78
CA GLY A 99 28.99 2.30 5.45
C GLY A 99 29.21 2.26 3.94
N GLY A 1 3.45 2.83 -18.81
CA GLY A 1 4.08 4.14 -18.90
C GLY A 1 3.25 5.21 -18.19
N SER A 2 3.36 6.43 -18.69
CA SER A 2 2.64 7.54 -18.10
C SER A 2 1.14 7.22 -18.04
N SER A 3 0.59 7.38 -16.85
CA SER A 3 -0.83 7.10 -16.64
C SER A 3 -1.52 8.36 -16.11
N GLY A 4 -1.16 8.72 -14.89
CA GLY A 4 -1.75 9.90 -14.25
C GLY A 4 -0.83 10.44 -13.15
N SER A 5 -0.31 11.64 -13.38
CA SER A 5 0.57 12.27 -12.42
C SER A 5 1.78 11.37 -12.15
N SER A 6 2.81 11.99 -11.60
CA SER A 6 4.04 11.26 -11.30
C SER A 6 4.30 11.30 -9.78
N GLY A 7 4.03 12.46 -9.20
CA GLY A 7 4.24 12.63 -7.77
C GLY A 7 3.26 11.78 -6.97
N LEU A 8 1.98 12.01 -7.21
CA LEU A 8 0.94 11.27 -6.52
C LEU A 8 1.34 9.80 -6.42
N LYS A 9 1.76 9.26 -7.56
CA LYS A 9 2.18 7.86 -7.60
C LYS A 9 3.16 7.59 -6.46
N GLN A 10 4.29 8.27 -6.51
CA GLN A 10 5.32 8.12 -5.49
C GLN A 10 4.73 8.38 -4.11
N LYS A 11 3.84 9.36 -4.05
CA LYS A 11 3.20 9.73 -2.80
C LYS A 11 2.39 8.54 -2.29
N VAL A 12 1.41 8.15 -3.08
CA VAL A 12 0.55 7.03 -2.72
C VAL A 12 1.41 5.79 -2.47
N GLU A 13 2.52 5.71 -3.21
CA GLU A 13 3.43 4.60 -3.07
C GLU A 13 3.93 4.48 -1.63
N ASN A 14 4.36 5.61 -1.09
CA ASN A 14 4.86 5.65 0.27
C ASN A 14 3.71 5.39 1.23
N LEU A 15 2.55 5.96 0.89
CA LEU A 15 1.36 5.79 1.72
C LEU A 15 1.21 4.32 2.12
N PHE A 16 0.91 3.51 1.12
CA PHE A 16 0.75 2.07 1.35
C PHE A 16 1.92 1.50 2.15
N ASN A 17 3.10 1.63 1.58
CA ASN A 17 4.31 1.13 2.23
C ASN A 17 4.26 1.50 3.70
N GLU A 18 4.19 2.81 3.96
CA GLU A 18 4.15 3.30 5.33
C GLU A 18 3.05 2.58 6.11
N LYS A 19 1.82 2.81 5.71
CA LYS A 19 0.68 2.18 6.36
C LYS A 19 1.01 0.72 6.66
N CYS A 20 1.52 0.04 5.64
CA CYS A 20 1.87 -1.36 5.78
C CYS A 20 2.59 -1.55 7.11
N GLY A 21 3.76 -0.95 7.20
CA GLY A 21 4.55 -1.05 8.42
C GLY A 21 3.71 -0.70 9.66
N GLU A 22 2.82 0.26 9.47
CA GLU A 22 1.95 0.68 10.56
C GLU A 22 1.09 -0.48 11.03
N ALA A 23 0.52 -1.20 10.06
CA ALA A 23 -0.32 -2.33 10.37
C ALA A 23 0.42 -3.28 11.32
N LEU A 24 1.64 -3.63 10.91
CA LEU A 24 2.45 -4.52 11.71
C LEU A 24 2.76 -3.86 13.06
N GLY A 25 2.66 -2.54 13.07
CA GLY A 25 2.92 -1.78 14.28
C GLY A 25 4.36 -1.26 14.31
N LEU A 26 4.83 -0.90 13.13
CA LEU A 26 6.19 -0.39 13.00
C LEU A 26 6.15 1.13 12.80
N LYS A 27 7.31 1.74 12.88
CA LYS A 27 7.41 3.18 12.70
C LYS A 27 8.10 3.48 11.36
N GLN A 28 8.24 2.43 10.56
CA GLN A 28 8.88 2.56 9.26
C GLN A 28 7.95 2.03 8.16
N ALA A 29 8.45 2.07 6.94
CA ALA A 29 7.68 1.59 5.80
C ALA A 29 8.01 0.12 5.55
N VAL A 30 7.04 -0.57 4.96
CA VAL A 30 7.21 -1.99 4.67
C VAL A 30 6.58 -2.29 3.30
N LYS A 31 7.38 -2.87 2.43
CA LYS A 31 6.93 -3.21 1.10
C LYS A 31 5.50 -3.77 1.18
N VAL A 32 4.80 -3.69 0.06
CA VAL A 32 3.43 -4.18 0.01
C VAL A 32 3.39 -5.48 -0.79
N PRO A 33 3.11 -6.60 -0.07
CA PRO A 33 3.05 -7.90 -0.69
C PRO A 33 1.76 -8.06 -1.49
N PHE A 34 1.63 -7.24 -2.53
CA PHE A 34 0.46 -7.27 -3.38
C PHE A 34 0.02 -8.72 -3.65
N ALA A 35 1.02 -9.54 -3.96
CA ALA A 35 0.76 -10.95 -4.25
C ALA A 35 -0.18 -11.52 -3.19
N LEU A 36 0.20 -11.33 -1.94
CA LEU A 36 -0.61 -11.82 -0.83
C LEU A 36 -2.05 -11.36 -1.02
N PHE A 37 -2.22 -10.07 -1.25
CA PHE A 37 -3.54 -9.50 -1.44
C PHE A 37 -4.18 -10.03 -2.73
N GLU A 38 -3.36 -10.72 -3.51
CA GLU A 38 -3.84 -11.28 -4.77
C GLU A 38 -4.16 -12.76 -4.59
N SER A 39 -3.15 -13.52 -4.20
CA SER A 39 -3.31 -14.95 -3.98
C SER A 39 -4.12 -15.20 -2.71
N PHE A 40 -4.05 -14.24 -1.81
CA PHE A 40 -4.76 -14.36 -0.54
C PHE A 40 -5.54 -13.07 -0.24
N PRO A 41 -6.59 -12.83 -1.06
CA PRO A 41 -7.42 -11.65 -0.90
C PRO A 41 -8.35 -11.80 0.31
N GLU A 42 -8.66 -13.04 0.64
CA GLU A 42 -9.52 -13.33 1.75
C GLU A 42 -8.72 -13.40 3.06
N ASP A 43 -7.85 -12.42 3.22
CA ASP A 43 -7.00 -12.36 4.41
C ASP A 43 -6.34 -10.98 4.48
N PHE A 44 -5.86 -10.54 3.32
CA PHE A 44 -5.20 -9.25 3.24
C PHE A 44 -5.99 -8.27 2.37
N TYR A 45 -6.15 -7.07 2.88
CA TYR A 45 -6.89 -6.03 2.16
C TYR A 45 -6.85 -4.71 2.91
N VAL A 46 -7.04 -3.63 2.16
CA VAL A 46 -7.03 -2.30 2.74
C VAL A 46 -8.46 -1.75 2.77
N GLU A 47 -8.78 -1.09 3.87
CA GLU A 47 -10.10 -0.52 4.03
C GLU A 47 -10.02 1.00 4.13
N GLY A 48 -11.18 1.65 4.07
CA GLY A 48 -11.24 3.10 4.16
C GLY A 48 -11.07 3.73 2.78
N LEU A 49 -10.58 2.93 1.84
CA LEU A 49 -10.36 3.40 0.49
C LEU A 49 -11.54 4.28 0.07
N PRO A 50 -11.25 5.18 -0.91
CA PRO A 50 -12.28 6.09 -1.42
C PRO A 50 -13.27 5.35 -2.32
N GLU A 51 -14.53 5.76 -2.22
CA GLU A 51 -15.57 5.15 -3.02
C GLU A 51 -15.29 3.66 -3.22
N GLY A 52 -15.69 3.17 -4.38
CA GLY A 52 -15.50 1.77 -4.71
C GLY A 52 -14.12 1.55 -5.34
N VAL A 53 -13.17 2.36 -4.90
CA VAL A 53 -11.81 2.26 -5.41
C VAL A 53 -11.17 0.96 -4.90
N PRO A 54 -10.90 0.04 -5.85
CA PRO A 54 -10.29 -1.24 -5.53
C PRO A 54 -8.80 -1.08 -5.22
N PHE A 55 -8.43 -1.50 -4.02
CA PHE A 55 -7.04 -1.40 -3.60
C PHE A 55 -6.11 -2.00 -4.65
N ARG A 56 -5.67 -1.15 -5.56
CA ARG A 56 -4.77 -1.59 -6.62
C ARG A 56 -3.48 -0.75 -6.59
N ARG A 57 -2.65 -0.99 -7.59
CA ARG A 57 -1.38 -0.28 -7.70
C ARG A 57 -1.62 1.18 -8.08
N PRO A 58 -0.78 2.07 -7.50
CA PRO A 58 -0.89 3.49 -7.76
C PRO A 58 -0.35 3.83 -9.15
N SER A 59 0.35 2.88 -9.74
CA SER A 59 0.93 3.06 -11.05
C SER A 59 -0.06 2.60 -12.12
N THR A 60 -1.29 3.09 -12.00
CA THR A 60 -2.34 2.74 -12.95
C THR A 60 -3.54 3.67 -12.78
N PHE A 61 -3.86 3.95 -11.51
CA PHE A 61 -4.99 4.82 -11.21
C PHE A 61 -4.89 6.13 -11.99
N GLY A 62 -5.87 7.00 -11.76
CA GLY A 62 -5.91 8.28 -12.43
C GLY A 62 -5.34 9.38 -11.54
N ILE A 63 -5.18 10.56 -12.13
CA ILE A 63 -4.65 11.69 -11.41
C ILE A 63 -5.54 11.99 -10.19
N PRO A 64 -6.88 11.95 -10.43
CA PRO A 64 -7.84 12.20 -9.38
C PRO A 64 -7.94 11.01 -8.43
N ARG A 65 -8.19 9.84 -9.02
CA ARG A 65 -8.32 8.62 -8.25
C ARG A 65 -7.15 8.50 -7.26
N LEU A 66 -5.99 8.96 -7.69
CA LEU A 66 -4.81 8.91 -6.85
C LEU A 66 -5.04 9.77 -5.61
N GLU A 67 -5.40 11.02 -5.84
CA GLU A 67 -5.65 11.94 -4.75
C GLU A 67 -6.74 11.39 -3.82
N LYS A 68 -7.77 10.83 -4.43
CA LYS A 68 -8.88 10.26 -3.68
C LYS A 68 -8.33 9.47 -2.49
N ILE A 69 -7.39 8.58 -2.80
CA ILE A 69 -6.78 7.76 -1.77
C ILE A 69 -6.14 8.67 -0.72
N LEU A 70 -5.20 9.48 -1.18
CA LEU A 70 -4.51 10.39 -0.27
C LEU A 70 -5.52 11.06 0.65
N ARG A 71 -6.50 11.72 0.03
CA ARG A 71 -7.53 12.40 0.79
C ARG A 71 -7.93 11.57 2.01
N ASN A 72 -8.04 10.27 1.80
CA ASN A 72 -8.41 9.36 2.87
C ASN A 72 -7.21 8.46 3.21
N LYS A 73 -6.10 9.11 3.50
CA LYS A 73 -4.88 8.38 3.84
C LYS A 73 -4.98 7.87 5.28
N ALA A 74 -5.35 8.78 6.18
CA ALA A 74 -5.49 8.44 7.58
C ALA A 74 -6.65 7.46 7.75
N LYS A 75 -7.75 7.79 7.09
CA LYS A 75 -8.94 6.95 7.16
C LYS A 75 -8.58 5.51 6.75
N ILE A 76 -7.89 5.41 5.63
CA ILE A 76 -7.47 4.12 5.11
C ILE A 76 -6.95 3.27 6.27
N LYS A 77 -7.11 1.96 6.13
CA LYS A 77 -6.67 1.03 7.15
C LYS A 77 -6.30 -0.30 6.49
N PHE A 78 -5.18 -0.86 6.95
CA PHE A 78 -4.71 -2.13 6.41
C PHE A 78 -5.04 -3.27 7.36
N ILE A 79 -5.62 -4.32 6.78
CA ILE A 79 -6.00 -5.49 7.55
C ILE A 79 -5.08 -6.66 7.19
N ILE A 80 -4.64 -7.37 8.21
CA ILE A 80 -3.76 -8.50 8.02
C ILE A 80 -4.18 -9.65 8.95
N LYS A 81 -4.67 -10.72 8.33
CA LYS A 81 -5.12 -11.88 9.08
C LYS A 81 -3.97 -12.88 9.19
N LYS A 82 -3.09 -12.82 8.21
CA LYS A 82 -1.94 -13.73 8.19
C LYS A 82 -0.66 -12.90 8.11
N PRO A 83 -0.28 -12.30 9.27
CA PRO A 83 0.92 -11.49 9.34
C PRO A 83 2.18 -12.36 9.35
N GLU A 84 1.97 -13.62 9.73
CA GLU A 84 3.08 -14.56 9.79
C GLU A 84 3.75 -14.67 8.42
N MET A 85 2.99 -14.34 7.39
CA MET A 85 3.50 -14.40 6.03
C MET A 85 4.16 -13.09 5.63
N PHE A 86 3.70 -12.01 6.24
CA PHE A 86 4.24 -10.69 5.97
C PHE A 86 5.70 -10.59 6.43
N GLU A 87 5.97 -11.25 7.55
CA GLU A 87 7.31 -11.25 8.11
C GLU A 87 8.35 -11.52 7.02
N THR A 88 8.09 -12.58 6.26
CA THR A 88 8.99 -12.96 5.18
C THR A 88 9.34 -11.74 4.32
N ALA A 89 8.34 -10.89 4.12
CA ALA A 89 8.52 -9.68 3.32
C ALA A 89 9.43 -8.71 4.09
N ILE A 90 9.01 -8.40 5.30
CA ILE A 90 9.78 -7.48 6.14
C ILE A 90 11.24 -7.91 6.15
N LYS A 91 11.43 -9.23 6.26
CA LYS A 91 12.77 -9.78 6.29
C LYS A 91 13.56 -9.29 5.07
N GLU A 92 13.07 -9.67 3.90
CA GLU A 92 13.71 -9.27 2.66
C GLU A 92 13.14 -7.93 2.17
N SER A 93 12.95 -7.03 3.12
CA SER A 93 12.40 -5.72 2.81
C SER A 93 13.27 -5.05 1.74
N SER A 94 14.53 -4.85 2.08
CA SER A 94 15.47 -4.22 1.17
C SER A 94 14.85 -2.96 0.57
N GLY A 95 14.94 -1.87 1.32
CA GLY A 95 14.40 -0.60 0.87
C GLY A 95 15.28 0.56 1.31
N PRO A 96 16.13 1.03 0.37
CA PRO A 96 17.04 2.14 0.66
C PRO A 96 16.28 3.47 0.68
N SER A 97 15.32 3.55 1.59
CA SER A 97 14.52 4.75 1.72
C SER A 97 15.43 5.97 1.90
N SER A 98 14.93 7.12 1.47
CA SER A 98 15.69 8.36 1.57
C SER A 98 15.71 8.83 3.04
N GLY A 99 16.70 9.67 3.33
CA GLY A 99 16.83 10.20 4.67
C GLY A 99 17.36 9.13 5.63
N GLY A 1 4.09 17.99 -14.99
CA GLY A 1 4.98 16.86 -14.76
C GLY A 1 5.10 16.55 -13.28
N SER A 2 6.03 17.24 -12.63
CA SER A 2 6.26 17.04 -11.21
C SER A 2 4.92 16.99 -10.47
N SER A 3 4.17 18.08 -10.60
CA SER A 3 2.87 18.17 -9.95
C SER A 3 1.88 17.22 -10.62
N GLY A 4 1.57 17.52 -11.88
CA GLY A 4 0.64 16.71 -12.64
C GLY A 4 1.12 15.25 -12.73
N SER A 5 0.37 14.37 -12.08
CA SER A 5 0.70 12.97 -12.08
C SER A 5 2.10 12.77 -11.48
N SER A 6 2.56 11.53 -11.55
CA SER A 6 3.87 11.19 -11.03
C SER A 6 3.90 11.38 -9.51
N GLY A 7 4.00 12.63 -9.10
CA GLY A 7 4.02 12.96 -7.68
C GLY A 7 3.05 12.10 -6.90
N LEU A 8 1.80 12.11 -7.34
CA LEU A 8 0.77 11.32 -6.69
C LEU A 8 1.26 9.88 -6.49
N LYS A 9 1.72 9.29 -7.59
CA LYS A 9 2.23 7.94 -7.56
C LYS A 9 3.27 7.81 -6.44
N GLN A 10 4.37 8.53 -6.63
CA GLN A 10 5.44 8.51 -5.65
C GLN A 10 4.89 8.70 -4.23
N LYS A 11 3.86 9.53 -4.14
CA LYS A 11 3.23 9.80 -2.87
C LYS A 11 2.45 8.56 -2.41
N VAL A 12 1.38 8.28 -3.14
CA VAL A 12 0.55 7.13 -2.84
C VAL A 12 1.44 5.90 -2.62
N GLU A 13 2.61 5.95 -3.22
CA GLU A 13 3.56 4.85 -3.11
C GLU A 13 4.02 4.70 -1.66
N ASN A 14 4.72 5.72 -1.18
CA ASN A 14 5.22 5.70 0.18
C ASN A 14 4.05 5.53 1.15
N LEU A 15 2.91 6.06 0.75
CA LEU A 15 1.71 5.98 1.57
C LEU A 15 1.48 4.52 1.97
N PHE A 16 1.22 3.69 0.98
CA PHE A 16 0.99 2.27 1.22
C PHE A 16 2.14 1.65 2.03
N ASN A 17 3.33 1.79 1.48
CA ASN A 17 4.52 1.26 2.13
C ASN A 17 4.51 1.66 3.60
N GLU A 18 4.05 2.89 3.84
CA GLU A 18 3.99 3.41 5.20
C GLU A 18 2.95 2.64 6.02
N LYS A 19 1.70 2.74 5.57
CA LYS A 19 0.61 2.06 6.24
C LYS A 19 0.95 0.58 6.40
N CYS A 20 1.77 0.09 5.47
CA CYS A 20 2.18 -1.31 5.50
C CYS A 20 2.75 -1.61 6.89
N GLY A 21 3.93 -1.06 7.14
CA GLY A 21 4.59 -1.26 8.42
C GLY A 21 3.64 -0.97 9.58
N GLU A 22 2.90 0.11 9.43
CA GLU A 22 1.95 0.52 10.46
C GLU A 22 0.99 -0.62 10.77
N ALA A 23 0.66 -1.38 9.73
CA ALA A 23 -0.26 -2.50 9.87
C ALA A 23 0.27 -3.44 10.95
N LEU A 24 1.50 -3.89 10.76
CA LEU A 24 2.13 -4.79 11.71
C LEU A 24 2.30 -4.07 13.05
N GLY A 25 2.12 -2.77 13.01
CA GLY A 25 2.26 -1.96 14.21
C GLY A 25 3.67 -1.39 14.34
N LEU A 26 4.15 -0.82 13.25
CA LEU A 26 5.48 -0.24 13.22
C LEU A 26 5.39 1.23 12.79
N LYS A 27 6.48 1.94 13.01
CA LYS A 27 6.53 3.35 12.66
C LYS A 27 7.42 3.52 11.42
N GLN A 28 7.63 2.41 10.72
CA GLN A 28 8.46 2.42 9.53
C GLN A 28 7.65 1.94 8.32
N ALA A 29 8.29 1.99 7.17
CA ALA A 29 7.64 1.56 5.93
C ALA A 29 8.09 0.15 5.59
N VAL A 30 7.29 -0.51 4.76
CA VAL A 30 7.59 -1.86 4.34
C VAL A 30 6.76 -2.21 3.10
N LYS A 31 7.47 -2.61 2.06
CA LYS A 31 6.82 -2.97 0.80
C LYS A 31 5.52 -3.72 1.11
N VAL A 32 4.60 -3.66 0.16
CA VAL A 32 3.32 -4.32 0.31
C VAL A 32 3.17 -5.40 -0.78
N PRO A 33 2.93 -6.65 -0.31
CA PRO A 33 2.77 -7.76 -1.22
C PRO A 33 1.40 -7.72 -1.90
N PHE A 34 1.21 -6.71 -2.73
CA PHE A 34 -0.04 -6.54 -3.44
C PHE A 34 -0.57 -7.88 -3.95
N ALA A 35 0.36 -8.79 -4.19
CA ALA A 35 0.01 -10.11 -4.68
C ALA A 35 -0.83 -10.83 -3.63
N LEU A 36 -0.31 -10.87 -2.42
CA LEU A 36 -1.01 -11.52 -1.32
C LEU A 36 -2.45 -11.01 -1.26
N PHE A 37 -2.59 -9.70 -1.42
CA PHE A 37 -3.90 -9.08 -1.40
C PHE A 37 -4.75 -9.52 -2.60
N GLU A 38 -4.07 -10.09 -3.57
CA GLU A 38 -4.74 -10.57 -4.77
C GLU A 38 -5.01 -12.07 -4.68
N SER A 39 -3.95 -12.81 -4.40
CA SER A 39 -4.06 -14.26 -4.27
C SER A 39 -4.79 -14.61 -2.98
N PHE A 40 -4.60 -13.77 -1.97
CA PHE A 40 -5.23 -13.98 -0.69
C PHE A 40 -5.99 -12.73 -0.22
N PRO A 41 -7.11 -12.44 -0.94
CA PRO A 41 -7.91 -11.27 -0.62
C PRO A 41 -8.74 -11.52 0.65
N GLU A 42 -8.94 -12.80 0.94
CA GLU A 42 -9.71 -13.18 2.12
C GLU A 42 -8.79 -13.31 3.34
N ASP A 43 -7.86 -12.37 3.43
CA ASP A 43 -6.92 -12.37 4.54
C ASP A 43 -6.21 -11.02 4.60
N PHE A 44 -5.79 -10.55 3.42
CA PHE A 44 -5.10 -9.28 3.33
C PHE A 44 -5.93 -8.26 2.53
N TYR A 45 -6.31 -7.21 3.22
CA TYR A 45 -7.11 -6.15 2.60
C TYR A 45 -7.01 -4.85 3.38
N VAL A 46 -7.15 -3.75 2.66
CA VAL A 46 -7.07 -2.43 3.28
C VAL A 46 -8.46 -1.81 3.29
N GLU A 47 -8.84 -1.30 4.45
CA GLU A 47 -10.14 -0.67 4.61
C GLU A 47 -9.99 0.85 4.65
N GLY A 48 -11.12 1.54 4.53
CA GLY A 48 -11.13 2.99 4.54
C GLY A 48 -11.10 3.56 3.13
N LEU A 49 -10.41 2.84 2.25
CA LEU A 49 -10.29 3.27 0.87
C LEU A 49 -11.65 3.80 0.38
N PRO A 50 -11.57 4.74 -0.60
CA PRO A 50 -12.78 5.33 -1.15
C PRO A 50 -13.50 4.35 -2.07
N GLU A 51 -14.80 4.20 -1.82
CA GLU A 51 -15.62 3.29 -2.62
C GLU A 51 -15.22 3.39 -4.10
N GLY A 52 -15.03 2.22 -4.70
CA GLY A 52 -14.64 2.15 -6.10
C GLY A 52 -13.13 2.18 -6.26
N VAL A 53 -12.46 2.58 -5.18
CA VAL A 53 -11.01 2.64 -5.19
C VAL A 53 -10.44 1.51 -4.34
N PRO A 54 -9.93 0.46 -5.05
CA PRO A 54 -9.36 -0.68 -4.36
C PRO A 54 -7.99 -0.36 -3.79
N PHE A 55 -7.33 -1.38 -3.25
CA PHE A 55 -6.02 -1.22 -2.66
C PHE A 55 -4.93 -1.72 -3.61
N ARG A 56 -5.08 -1.37 -4.88
CA ARG A 56 -4.12 -1.78 -5.88
C ARG A 56 -2.94 -0.80 -5.94
N ARG A 57 -2.09 -0.98 -6.94
CA ARG A 57 -0.93 -0.12 -7.11
C ARG A 57 -1.34 1.20 -7.75
N PRO A 58 -0.61 2.29 -7.35
CA PRO A 58 -0.89 3.61 -7.89
C PRO A 58 -0.37 3.73 -9.33
N SER A 59 0.38 2.73 -9.75
CA SER A 59 0.95 2.72 -11.08
C SER A 59 -0.07 2.15 -12.07
N THR A 60 -1.22 2.80 -12.12
CA THR A 60 -2.29 2.37 -13.02
C THR A 60 -3.50 3.28 -12.88
N PHE A 61 -3.76 3.69 -11.64
CA PHE A 61 -4.89 4.57 -11.37
C PHE A 61 -4.77 5.88 -12.16
N GLY A 62 -5.72 6.77 -11.90
CA GLY A 62 -5.73 8.06 -12.56
C GLY A 62 -5.17 9.15 -11.65
N ILE A 63 -4.93 10.31 -12.25
CA ILE A 63 -4.39 11.43 -11.51
C ILE A 63 -5.34 11.78 -10.36
N PRO A 64 -6.65 11.78 -10.68
CA PRO A 64 -7.67 12.08 -9.69
C PRO A 64 -7.88 10.90 -8.73
N ARG A 65 -8.12 9.75 -9.32
CA ARG A 65 -8.33 8.54 -8.53
C ARG A 65 -7.22 8.37 -7.50
N LEU A 66 -6.02 8.81 -7.88
CA LEU A 66 -4.88 8.73 -6.99
C LEU A 66 -5.14 9.55 -5.74
N GLU A 67 -5.45 10.81 -5.94
CA GLU A 67 -5.74 11.72 -4.84
C GLU A 67 -6.89 11.17 -3.99
N LYS A 68 -7.88 10.63 -4.67
CA LYS A 68 -9.04 10.07 -4.00
C LYS A 68 -8.58 9.22 -2.81
N ILE A 69 -7.50 8.49 -3.04
CA ILE A 69 -6.94 7.63 -2.01
C ILE A 69 -6.31 8.51 -0.92
N LEU A 70 -5.36 9.32 -1.33
CA LEU A 70 -4.67 10.21 -0.41
C LEU A 70 -5.69 10.84 0.54
N ARG A 71 -6.73 11.42 -0.06
CA ARG A 71 -7.78 12.05 0.72
C ARG A 71 -8.10 11.22 1.96
N ASN A 72 -8.09 9.92 1.77
CA ASN A 72 -8.39 9.00 2.87
C ASN A 72 -7.12 8.22 3.22
N LYS A 73 -6.07 8.97 3.53
CA LYS A 73 -4.80 8.36 3.89
C LYS A 73 -4.79 8.06 5.39
N ALA A 74 -5.59 8.82 6.11
CA ALA A 74 -5.69 8.65 7.56
C ALA A 74 -6.77 7.61 7.87
N LYS A 75 -7.83 7.65 7.09
CA LYS A 75 -8.94 6.73 7.26
C LYS A 75 -8.49 5.32 6.88
N ILE A 76 -7.81 5.25 5.75
CA ILE A 76 -7.33 3.96 5.25
C ILE A 76 -6.78 3.15 6.43
N LYS A 77 -6.96 1.83 6.32
CA LYS A 77 -6.49 0.93 7.35
C LYS A 77 -6.10 -0.40 6.73
N PHE A 78 -4.92 -0.88 7.08
CA PHE A 78 -4.42 -2.14 6.56
C PHE A 78 -4.83 -3.29 7.47
N ILE A 79 -5.22 -4.40 6.83
CA ILE A 79 -5.64 -5.57 7.57
C ILE A 79 -4.75 -6.76 7.17
N ILE A 80 -4.27 -7.46 8.19
CA ILE A 80 -3.41 -8.61 7.96
C ILE A 80 -3.83 -9.75 8.88
N LYS A 81 -4.37 -10.80 8.27
CA LYS A 81 -4.82 -11.96 9.02
C LYS A 81 -3.76 -13.06 8.93
N LYS A 82 -2.70 -12.76 8.19
CA LYS A 82 -1.62 -13.71 8.03
C LYS A 82 -0.30 -12.95 7.87
N PRO A 83 0.23 -12.49 9.04
CA PRO A 83 1.49 -11.75 9.05
C PRO A 83 2.67 -12.69 8.84
N GLU A 84 2.48 -13.93 9.23
CA GLU A 84 3.53 -14.94 9.10
C GLU A 84 3.96 -15.04 7.64
N MET A 85 3.05 -14.70 6.75
CA MET A 85 3.34 -14.75 5.32
C MET A 85 3.89 -13.42 4.82
N PHE A 86 3.77 -12.41 5.67
CA PHE A 86 4.26 -11.09 5.33
C PHE A 86 5.74 -10.94 5.68
N GLU A 87 6.16 -11.68 6.70
CA GLU A 87 7.54 -11.64 7.13
C GLU A 87 8.48 -11.59 5.93
N THR A 88 8.25 -12.51 5.00
CA THR A 88 9.07 -12.57 3.80
C THR A 88 9.15 -11.20 3.13
N ALA A 89 8.01 -10.52 3.11
CA ALA A 89 7.94 -9.20 2.51
C ALA A 89 8.69 -8.20 3.38
N ILE A 90 8.37 -8.23 4.67
CA ILE A 90 9.00 -7.33 5.62
C ILE A 90 10.53 -7.53 5.55
N LYS A 91 10.92 -8.77 5.36
CA LYS A 91 12.33 -9.10 5.28
C LYS A 91 12.96 -8.38 4.08
N GLU A 92 12.35 -8.60 2.92
CA GLU A 92 12.83 -7.99 1.70
C GLU A 92 13.11 -6.50 1.93
N SER A 93 12.10 -5.82 2.44
CA SER A 93 12.22 -4.39 2.71
C SER A 93 13.35 -4.15 3.72
N SER A 94 14.03 -3.03 3.53
CA SER A 94 15.13 -2.67 4.41
C SER A 94 15.40 -1.16 4.33
N GLY A 95 15.59 -0.69 3.10
CA GLY A 95 15.85 0.72 2.88
C GLY A 95 16.01 1.01 1.39
N PRO A 96 15.76 2.30 1.03
CA PRO A 96 15.87 2.73 -0.36
C PRO A 96 17.33 2.85 -0.78
N SER A 97 18.12 3.48 0.09
CA SER A 97 19.53 3.67 -0.18
C SER A 97 20.30 3.80 1.13
N SER A 98 21.62 3.78 1.01
CA SER A 98 22.48 3.90 2.18
C SER A 98 22.62 5.37 2.57
N GLY A 99 22.33 5.64 3.84
CA GLY A 99 22.42 6.99 4.35
C GLY A 99 23.19 7.04 5.68
N GLY A 1 11.81 13.41 -15.23
CA GLY A 1 10.72 13.19 -16.17
C GLY A 1 9.68 12.25 -15.58
N SER A 2 8.45 12.38 -16.07
CA SER A 2 7.36 11.54 -15.60
C SER A 2 6.11 11.78 -16.46
N SER A 3 5.69 13.03 -16.51
CA SER A 3 4.52 13.40 -17.28
C SER A 3 3.29 12.68 -16.74
N GLY A 4 2.27 13.47 -16.44
CA GLY A 4 1.03 12.92 -15.91
C GLY A 4 0.67 13.54 -14.56
N SER A 5 -0.01 12.76 -13.74
CA SER A 5 -0.40 13.23 -12.42
C SER A 5 0.83 13.66 -11.63
N SER A 6 1.61 12.68 -11.22
CA SER A 6 2.81 12.95 -10.45
C SER A 6 2.44 13.37 -9.02
N GLY A 7 3.42 13.26 -8.14
CA GLY A 7 3.22 13.62 -6.75
C GLY A 7 2.47 12.52 -6.00
N LEU A 8 1.18 12.39 -6.31
CA LEU A 8 0.35 11.38 -5.68
C LEU A 8 1.08 10.03 -5.72
N LYS A 9 1.49 9.66 -6.92
CA LYS A 9 2.19 8.39 -7.12
C LYS A 9 3.14 8.16 -5.93
N GLN A 10 4.04 9.11 -5.74
CA GLN A 10 5.01 9.02 -4.66
C GLN A 10 4.28 8.86 -3.32
N LYS A 11 3.43 9.84 -3.03
CA LYS A 11 2.67 9.82 -1.79
C LYS A 11 1.97 8.46 -1.64
N VAL A 12 1.02 8.22 -2.52
CA VAL A 12 0.28 6.97 -2.49
C VAL A 12 1.26 5.80 -2.39
N GLU A 13 2.32 5.87 -3.18
CA GLU A 13 3.33 4.82 -3.17
C GLU A 13 3.83 4.57 -1.76
N ASN A 14 4.52 5.57 -1.22
CA ASN A 14 5.05 5.48 0.14
C ASN A 14 3.91 5.17 1.10
N LEU A 15 2.79 5.85 0.90
CA LEU A 15 1.63 5.66 1.75
C LEU A 15 1.45 4.16 2.03
N PHE A 16 1.12 3.43 0.97
CA PHE A 16 0.93 1.99 1.09
C PHE A 16 2.06 1.35 1.89
N ASN A 17 3.27 1.52 1.38
CA ASN A 17 4.45 0.95 2.02
C ASN A 17 4.37 1.22 3.53
N GLU A 18 4.12 2.48 3.86
CA GLU A 18 4.01 2.88 5.26
C GLU A 18 2.92 2.08 5.95
N LYS A 19 1.72 2.16 5.40
CA LYS A 19 0.58 1.46 5.96
C LYS A 19 0.95 -0.02 6.16
N CYS A 20 1.56 -0.59 5.12
CA CYS A 20 1.96 -1.99 5.17
C CYS A 20 2.57 -2.26 6.55
N GLY A 21 3.75 -1.71 6.76
CA GLY A 21 4.43 -1.90 8.03
C GLY A 21 3.53 -1.52 9.21
N GLU A 22 2.87 -0.38 9.06
CA GLU A 22 1.97 0.10 10.10
C GLU A 22 0.97 -0.99 10.48
N ALA A 23 0.58 -1.77 9.48
CA ALA A 23 -0.37 -2.85 9.69
C ALA A 23 0.15 -3.76 10.82
N LEU A 24 1.36 -4.26 10.61
CA LEU A 24 1.96 -5.15 11.59
C LEU A 24 2.19 -4.38 12.89
N GLY A 25 2.06 -3.07 12.80
CA GLY A 25 2.25 -2.20 13.96
C GLY A 25 3.71 -1.77 14.08
N LEU A 26 4.19 -1.13 13.02
CA LEU A 26 5.57 -0.65 13.00
C LEU A 26 5.59 0.80 12.51
N LYS A 27 6.72 1.45 12.73
CA LYS A 27 6.89 2.83 12.32
C LYS A 27 7.73 2.88 11.04
N GLN A 28 7.90 1.70 10.44
CA GLN A 28 8.68 1.60 9.22
C GLN A 28 7.76 1.27 8.04
N ALA A 29 8.35 1.31 6.85
CA ALA A 29 7.60 1.03 5.63
C ALA A 29 8.05 -0.33 5.08
N VAL A 30 7.09 -1.09 4.60
CA VAL A 30 7.37 -2.39 4.02
C VAL A 30 6.58 -2.58 2.73
N LYS A 31 7.32 -2.72 1.63
CA LYS A 31 6.69 -2.90 0.33
C LYS A 31 5.46 -3.78 0.49
N VAL A 32 4.35 -3.27 -0.04
CA VAL A 32 3.09 -4.00 0.02
C VAL A 32 3.15 -5.21 -0.93
N PRO A 33 3.13 -6.43 -0.31
CA PRO A 33 3.18 -7.66 -1.07
C PRO A 33 1.84 -7.93 -1.76
N PHE A 34 1.61 -7.21 -2.84
CA PHE A 34 0.37 -7.37 -3.59
C PHE A 34 0.15 -8.84 -3.98
N ALA A 35 1.23 -9.60 -3.92
CA ALA A 35 1.16 -11.01 -4.26
C ALA A 35 0.56 -11.78 -3.09
N LEU A 36 0.55 -11.14 -1.93
CA LEU A 36 0.00 -11.74 -0.73
C LEU A 36 -1.50 -11.47 -0.67
N PHE A 37 -1.88 -10.29 -1.15
CA PHE A 37 -3.29 -9.91 -1.16
C PHE A 37 -4.03 -10.58 -2.32
N GLU A 38 -3.29 -10.82 -3.39
CA GLU A 38 -3.87 -11.44 -4.57
C GLU A 38 -4.28 -12.88 -4.25
N SER A 39 -3.37 -13.61 -3.61
CA SER A 39 -3.64 -14.98 -3.24
C SER A 39 -4.47 -15.04 -1.96
N PHE A 40 -4.12 -14.17 -1.03
CA PHE A 40 -4.83 -14.10 0.24
C PHE A 40 -5.35 -12.69 0.51
N PRO A 41 -6.42 -12.32 -0.25
CA PRO A 41 -7.02 -11.00 -0.10
C PRO A 41 -7.85 -10.93 1.17
N GLU A 42 -8.68 -11.94 1.37
CA GLU A 42 -9.53 -12.00 2.55
C GLU A 42 -8.73 -11.68 3.80
N ASP A 43 -7.57 -12.32 3.90
CA ASP A 43 -6.70 -12.12 5.05
C ASP A 43 -6.08 -10.73 4.97
N PHE A 44 -5.30 -10.52 3.91
CA PHE A 44 -4.65 -9.23 3.70
C PHE A 44 -5.49 -8.32 2.81
N TYR A 45 -6.00 -7.27 3.41
CA TYR A 45 -6.83 -6.32 2.68
C TYR A 45 -6.78 -4.94 3.34
N VAL A 46 -7.13 -3.94 2.54
CA VAL A 46 -7.14 -2.56 3.04
C VAL A 46 -8.58 -2.07 3.14
N GLU A 47 -8.84 -1.32 4.20
CA GLU A 47 -10.16 -0.78 4.43
C GLU A 47 -10.09 0.73 4.67
N GLY A 48 -11.01 1.45 4.02
CA GLY A 48 -11.06 2.89 4.17
C GLY A 48 -11.01 3.58 2.80
N LEU A 49 -10.45 2.86 1.83
CA LEU A 49 -10.34 3.39 0.49
C LEU A 49 -11.62 4.15 0.13
N PRO A 50 -11.48 5.12 -0.81
CA PRO A 50 -12.61 5.93 -1.25
C PRO A 50 -13.52 5.12 -2.16
N GLU A 51 -14.75 5.61 -2.29
CA GLU A 51 -15.73 4.94 -3.13
C GLU A 51 -15.22 4.82 -4.56
N GLY A 52 -15.59 3.73 -5.20
CA GLY A 52 -15.17 3.48 -6.58
C GLY A 52 -13.65 3.48 -6.68
N VAL A 53 -13.00 3.34 -5.54
CA VAL A 53 -11.55 3.33 -5.49
C VAL A 53 -11.07 2.09 -4.72
N PRO A 54 -10.87 0.98 -5.50
CA PRO A 54 -10.42 -0.26 -4.90
C PRO A 54 -8.93 -0.20 -4.53
N PHE A 55 -8.45 -1.27 -3.93
CA PHE A 55 -7.06 -1.35 -3.53
C PHE A 55 -6.19 -1.94 -4.64
N ARG A 56 -5.49 -1.05 -5.33
CA ARG A 56 -4.63 -1.47 -6.42
C ARG A 56 -3.33 -0.67 -6.41
N ARG A 57 -2.51 -0.92 -7.41
CA ARG A 57 -1.24 -0.22 -7.52
C ARG A 57 -1.46 1.26 -7.80
N PRO A 58 -0.47 2.09 -7.37
CA PRO A 58 -0.55 3.52 -7.56
C PRO A 58 -0.27 3.90 -9.02
N SER A 59 0.73 3.23 -9.58
CA SER A 59 1.11 3.48 -10.96
C SER A 59 0.07 2.88 -11.91
N THR A 60 -1.14 3.41 -11.83
CA THR A 60 -2.22 2.94 -12.66
C THR A 60 -3.47 3.81 -12.47
N PHE A 61 -3.74 4.12 -11.20
CA PHE A 61 -4.89 4.93 -10.86
C PHE A 61 -4.90 6.24 -11.64
N GLY A 62 -6.10 6.73 -11.92
CA GLY A 62 -6.25 7.97 -12.66
C GLY A 62 -5.60 9.13 -11.93
N ILE A 63 -5.53 10.26 -12.61
CA ILE A 63 -4.93 11.46 -12.04
C ILE A 63 -5.74 11.88 -10.81
N PRO A 64 -7.09 11.87 -10.97
CA PRO A 64 -7.98 12.24 -9.89
C PRO A 64 -8.05 11.15 -8.82
N ARG A 65 -8.22 9.92 -9.29
CA ARG A 65 -8.30 8.79 -8.39
C ARG A 65 -7.14 8.81 -7.40
N LEU A 66 -5.97 9.12 -7.92
CA LEU A 66 -4.77 9.18 -7.09
C LEU A 66 -5.02 10.11 -5.89
N GLU A 67 -5.43 11.33 -6.22
CA GLU A 67 -5.72 12.31 -5.18
C GLU A 67 -6.79 11.78 -4.22
N LYS A 68 -7.81 11.16 -4.80
CA LYS A 68 -8.89 10.61 -4.01
C LYS A 68 -8.31 9.75 -2.88
N ILE A 69 -7.38 8.89 -3.26
CA ILE A 69 -6.73 8.02 -2.30
C ILE A 69 -6.18 8.85 -1.14
N LEU A 70 -5.28 9.76 -1.48
CA LEU A 70 -4.67 10.62 -0.49
C LEU A 70 -5.74 11.15 0.45
N ARG A 71 -6.74 11.79 -0.15
CA ARG A 71 -7.84 12.36 0.62
C ARG A 71 -8.26 11.39 1.73
N ASN A 72 -8.05 10.11 1.46
CA ASN A 72 -8.40 9.08 2.43
C ASN A 72 -7.14 8.30 2.81
N LYS A 73 -6.11 9.04 3.16
CA LYS A 73 -4.85 8.43 3.55
C LYS A 73 -4.86 8.17 5.06
N ALA A 74 -5.94 8.59 5.69
CA ALA A 74 -6.08 8.41 7.13
C ALA A 74 -7.10 7.30 7.40
N LYS A 75 -8.16 7.30 6.59
CA LYS A 75 -9.21 6.30 6.73
C LYS A 75 -8.66 4.93 6.36
N ILE A 76 -7.89 4.92 5.27
CA ILE A 76 -7.29 3.68 4.80
C ILE A 76 -6.69 2.91 5.98
N LYS A 77 -6.88 1.60 5.95
CA LYS A 77 -6.36 0.75 7.02
C LYS A 77 -6.04 -0.63 6.44
N PHE A 78 -4.82 -1.08 6.71
CA PHE A 78 -4.37 -2.38 6.24
C PHE A 78 -4.66 -3.47 7.28
N ILE A 79 -5.46 -4.44 6.86
CA ILE A 79 -5.81 -5.54 7.74
C ILE A 79 -4.86 -6.71 7.49
N ILE A 80 -4.21 -7.13 8.57
CA ILE A 80 -3.26 -8.24 8.49
C ILE A 80 -3.70 -9.35 9.44
N LYS A 81 -4.13 -10.46 8.85
CA LYS A 81 -4.58 -11.59 9.63
C LYS A 81 -3.42 -12.59 9.78
N LYS A 82 -2.56 -12.60 8.77
CA LYS A 82 -1.42 -13.50 8.79
C LYS A 82 -0.13 -12.67 8.75
N PRO A 83 0.26 -12.16 9.94
CA PRO A 83 1.46 -11.35 10.05
C PRO A 83 2.72 -12.23 9.99
N GLU A 84 2.58 -13.44 10.50
CA GLU A 84 3.69 -14.38 10.51
C GLU A 84 4.10 -14.73 9.07
N MET A 85 3.18 -14.47 8.15
CA MET A 85 3.44 -14.75 6.74
C MET A 85 4.18 -13.59 6.09
N PHE A 86 4.01 -12.41 6.67
CA PHE A 86 4.67 -11.22 6.16
C PHE A 86 6.11 -11.11 6.67
N GLU A 87 6.35 -11.77 7.78
CA GLU A 87 7.67 -11.76 8.38
C GLU A 87 8.75 -11.97 7.32
N THR A 88 8.51 -12.98 6.48
CA THR A 88 9.44 -13.30 5.41
C THR A 88 9.63 -12.10 4.50
N ALA A 89 8.54 -11.40 4.25
CA ALA A 89 8.58 -10.22 3.39
C ALA A 89 9.30 -9.09 4.12
N ILE A 90 8.72 -8.69 5.24
CA ILE A 90 9.31 -7.63 6.04
C ILE A 90 10.82 -7.79 6.08
N LYS A 91 11.25 -9.03 6.20
CA LYS A 91 12.68 -9.34 6.25
C LYS A 91 13.33 -8.93 4.93
N GLU A 92 12.94 -9.64 3.88
CA GLU A 92 13.48 -9.36 2.56
C GLU A 92 13.37 -7.87 2.24
N SER A 93 12.15 -7.36 2.37
CA SER A 93 11.88 -5.96 2.10
C SER A 93 12.94 -5.09 2.78
N SER A 94 13.09 -5.31 4.08
CA SER A 94 14.06 -4.55 4.86
C SER A 94 15.20 -5.47 5.31
N GLY A 95 16.19 -5.60 4.46
CA GLY A 95 17.34 -6.43 4.75
C GLY A 95 18.57 -5.58 5.10
N PRO A 96 19.49 -6.20 5.88
CA PRO A 96 20.71 -5.52 6.29
C PRO A 96 21.70 -5.43 5.12
N SER A 97 21.29 -4.74 4.07
CA SER A 97 22.12 -4.57 2.90
C SER A 97 22.41 -5.93 2.28
N SER A 98 22.10 -6.03 0.99
CA SER A 98 22.33 -7.28 0.27
C SER A 98 21.38 -8.36 0.78
N GLY A 99 21.67 -8.84 1.99
CA GLY A 99 20.85 -9.87 2.59
C GLY A 99 21.35 -10.20 4.00
N GLY A 1 5.68 22.12 -13.19
CA GLY A 1 4.39 22.50 -12.67
C GLY A 1 3.30 21.52 -13.11
N SER A 2 2.56 21.95 -14.13
CA SER A 2 1.48 21.13 -14.66
C SER A 2 2.06 20.04 -15.56
N SER A 3 1.59 18.82 -15.34
CA SER A 3 2.05 17.69 -16.14
C SER A 3 1.00 16.57 -16.12
N GLY A 4 1.32 15.49 -16.82
CA GLY A 4 0.41 14.36 -16.89
C GLY A 4 0.10 13.81 -15.49
N SER A 5 0.59 12.61 -15.24
CA SER A 5 0.37 11.97 -13.95
C SER A 5 1.68 11.88 -13.19
N SER A 6 1.59 12.12 -11.89
CA SER A 6 2.76 12.07 -11.03
C SER A 6 2.43 12.64 -9.65
N GLY A 7 3.47 12.80 -8.84
CA GLY A 7 3.30 13.33 -7.49
C GLY A 7 2.60 12.30 -6.59
N LEU A 8 1.29 12.24 -6.74
CA LEU A 8 0.50 11.31 -5.94
C LEU A 8 1.15 9.93 -5.96
N LYS A 9 1.55 9.52 -7.16
CA LYS A 9 2.19 8.22 -7.33
C LYS A 9 3.12 7.96 -6.16
N GLN A 10 4.12 8.83 -6.04
CA GLN A 10 5.09 8.70 -4.96
C GLN A 10 4.38 8.65 -3.61
N LYS A 11 3.71 9.74 -3.29
CA LYS A 11 2.98 9.83 -2.02
C LYS A 11 2.21 8.54 -1.78
N VAL A 12 1.26 8.28 -2.66
CA VAL A 12 0.44 7.08 -2.55
C VAL A 12 1.36 5.86 -2.41
N GLU A 13 2.32 5.78 -3.33
CA GLU A 13 3.27 4.68 -3.32
C GLU A 13 3.83 4.46 -1.91
N ASN A 14 4.36 5.54 -1.34
CA ASN A 14 4.92 5.48 0.00
C ASN A 14 3.81 5.14 1.00
N LEU A 15 2.69 5.84 0.85
CA LEU A 15 1.55 5.63 1.73
C LEU A 15 1.39 4.13 1.99
N PHE A 16 1.01 3.42 0.94
CA PHE A 16 0.82 1.98 1.03
C PHE A 16 1.94 1.33 1.82
N ASN A 17 3.17 1.57 1.36
CA ASN A 17 4.34 1.00 2.02
C ASN A 17 4.30 1.35 3.51
N GLU A 18 4.09 2.64 3.79
CA GLU A 18 4.02 3.10 5.16
C GLU A 18 2.95 2.34 5.93
N LYS A 19 1.73 2.41 5.40
CA LYS A 19 0.61 1.73 6.03
C LYS A 19 1.03 0.30 6.42
N CYS A 20 1.69 -0.36 5.48
CA CYS A 20 2.14 -1.72 5.71
C CYS A 20 2.72 -1.80 7.12
N GLY A 21 3.86 -1.17 7.31
CA GLY A 21 4.51 -1.16 8.61
C GLY A 21 3.51 -0.84 9.73
N GLU A 22 2.70 0.17 9.48
CA GLU A 22 1.70 0.59 10.45
C GLU A 22 0.86 -0.62 10.89
N ALA A 23 0.49 -1.42 9.91
CA ALA A 23 -0.31 -2.60 10.18
C ALA A 23 0.37 -3.45 11.25
N LEU A 24 1.62 -3.81 10.97
CA LEU A 24 2.39 -4.62 11.91
C LEU A 24 2.80 -3.75 13.10
N GLY A 25 2.66 -2.45 12.91
CA GLY A 25 3.01 -1.51 13.96
C GLY A 25 4.51 -1.21 13.94
N LEU A 26 4.93 -0.51 12.89
CA LEU A 26 6.33 -0.16 12.75
C LEU A 26 6.46 1.35 12.53
N LYS A 27 7.66 1.86 12.75
CA LYS A 27 7.92 3.27 12.57
C LYS A 27 8.44 3.52 11.16
N GLN A 28 8.65 2.44 10.44
CA GLN A 28 9.15 2.52 9.07
C GLN A 28 8.13 1.95 8.09
N ALA A 29 8.53 1.90 6.84
CA ALA A 29 7.65 1.39 5.79
C ALA A 29 7.95 -0.09 5.58
N VAL A 30 7.00 -0.77 4.94
CA VAL A 30 7.14 -2.19 4.66
C VAL A 30 6.51 -2.50 3.30
N LYS A 31 7.32 -3.08 2.42
CA LYS A 31 6.85 -3.44 1.10
C LYS A 31 5.43 -4.01 1.20
N VAL A 32 4.68 -3.83 0.13
CA VAL A 32 3.31 -4.31 0.08
C VAL A 32 3.23 -5.52 -0.85
N PRO A 33 3.08 -6.72 -0.24
CA PRO A 33 2.99 -7.95 -1.00
C PRO A 33 1.62 -8.08 -1.68
N PHE A 34 1.37 -7.18 -2.61
CA PHE A 34 0.11 -7.18 -3.33
C PHE A 34 -0.34 -8.60 -3.65
N ALA A 35 0.64 -9.44 -3.96
CA ALA A 35 0.37 -10.83 -4.29
C ALA A 35 -0.46 -11.46 -3.16
N LEU A 36 0.06 -11.33 -1.95
CA LEU A 36 -0.61 -11.88 -0.78
C LEU A 36 -2.08 -11.45 -0.80
N PHE A 37 -2.28 -10.15 -1.04
CA PHE A 37 -3.62 -9.60 -1.08
C PHE A 37 -4.41 -10.14 -2.27
N GLU A 38 -3.67 -10.74 -3.21
CA GLU A 38 -4.28 -11.31 -4.40
C GLU A 38 -4.54 -12.79 -4.21
N SER A 39 -3.46 -13.51 -3.89
CA SER A 39 -3.56 -14.95 -3.68
C SER A 39 -4.28 -15.23 -2.37
N PHE A 40 -4.08 -14.34 -1.42
CA PHE A 40 -4.72 -14.49 -0.12
C PHE A 40 -5.52 -13.23 0.24
N PRO A 41 -6.68 -13.07 -0.45
CA PRO A 41 -7.54 -11.93 -0.20
C PRO A 41 -8.31 -12.09 1.10
N GLU A 42 -8.53 -13.35 1.48
CA GLU A 42 -9.26 -13.65 2.70
C GLU A 42 -8.30 -13.66 3.89
N ASP A 43 -7.45 -12.64 3.94
CA ASP A 43 -6.49 -12.52 5.03
C ASP A 43 -5.85 -11.13 4.97
N PHE A 44 -5.55 -10.68 3.76
CA PHE A 44 -4.94 -9.38 3.57
C PHE A 44 -5.83 -8.48 2.70
N TYR A 45 -6.21 -7.36 3.27
CA TYR A 45 -7.06 -6.41 2.56
C TYR A 45 -7.03 -5.04 3.23
N VAL A 46 -7.25 -4.01 2.43
CA VAL A 46 -7.25 -2.65 2.93
C VAL A 46 -8.69 -2.15 3.05
N GLU A 47 -8.91 -1.32 4.05
CA GLU A 47 -10.23 -0.77 4.29
C GLU A 47 -10.15 0.74 4.50
N GLY A 48 -11.13 1.45 3.95
CA GLY A 48 -11.17 2.89 4.07
C GLY A 48 -11.13 3.56 2.70
N LEU A 49 -10.51 2.86 1.76
CA LEU A 49 -10.38 3.37 0.40
C LEU A 49 -11.69 4.06 0.01
N PRO A 50 -11.56 5.04 -0.92
CA PRO A 50 -12.72 5.77 -1.41
C PRO A 50 -13.55 4.93 -2.38
N GLU A 51 -14.85 5.18 -2.36
CA GLU A 51 -15.76 4.44 -3.23
C GLU A 51 -15.27 4.50 -4.68
N GLY A 52 -15.38 3.35 -5.34
CA GLY A 52 -14.95 3.25 -6.73
C GLY A 52 -13.43 3.29 -6.83
N VAL A 53 -12.78 3.19 -5.68
CA VAL A 53 -11.33 3.21 -5.64
C VAL A 53 -10.83 2.04 -4.80
N PRO A 54 -10.50 0.93 -5.50
CA PRO A 54 -10.01 -0.27 -4.84
C PRO A 54 -8.56 -0.09 -4.39
N PHE A 55 -8.03 -1.15 -3.78
CA PHE A 55 -6.66 -1.11 -3.29
C PHE A 55 -5.68 -1.56 -4.38
N ARG A 56 -5.99 -1.18 -5.60
CA ARG A 56 -5.15 -1.53 -6.74
C ARG A 56 -3.82 -0.79 -6.67
N ARG A 57 -3.00 -1.01 -7.68
CA ARG A 57 -1.69 -0.37 -7.74
C ARG A 57 -1.85 1.14 -7.99
N PRO A 58 -0.85 1.90 -7.49
CA PRO A 58 -0.86 3.35 -7.65
C PRO A 58 -0.52 3.75 -9.08
N SER A 59 0.53 3.12 -9.59
CA SER A 59 0.99 3.41 -10.94
C SER A 59 -0.03 2.88 -11.95
N THR A 60 -1.23 3.47 -11.89
CA THR A 60 -2.30 3.07 -12.80
C THR A 60 -3.51 3.99 -12.62
N PHE A 61 -3.81 4.28 -11.37
CA PHE A 61 -4.93 5.15 -11.05
C PHE A 61 -4.81 6.50 -11.77
N GLY A 62 -5.96 7.10 -12.01
CA GLY A 62 -6.00 8.39 -12.69
C GLY A 62 -5.28 9.47 -11.87
N ILE A 63 -5.22 10.66 -12.44
CA ILE A 63 -4.57 11.77 -11.76
C ILE A 63 -5.37 12.16 -10.53
N PRO A 64 -6.72 12.23 -10.72
CA PRO A 64 -7.62 12.59 -9.63
C PRO A 64 -7.79 11.43 -8.65
N ARG A 65 -8.10 10.27 -9.20
CA ARG A 65 -8.28 9.08 -8.38
C ARG A 65 -7.15 8.95 -7.37
N LEU A 66 -5.95 9.27 -7.84
CA LEU A 66 -4.77 9.19 -6.99
C LEU A 66 -4.97 10.08 -5.77
N GLU A 67 -5.19 11.36 -6.03
CA GLU A 67 -5.39 12.32 -4.96
C GLU A 67 -6.47 11.82 -4.00
N LYS A 68 -7.51 11.23 -4.57
CA LYS A 68 -8.60 10.71 -3.77
C LYS A 68 -8.04 9.82 -2.66
N ILE A 69 -7.44 8.72 -3.07
CA ILE A 69 -6.86 7.78 -2.13
C ILE A 69 -6.19 8.56 -0.99
N LEU A 70 -5.26 9.42 -1.38
CA LEU A 70 -4.53 10.22 -0.42
C LEU A 70 -5.54 10.87 0.55
N ARG A 71 -6.41 11.69 -0.01
CA ARG A 71 -7.41 12.37 0.79
C ARG A 71 -7.95 11.44 1.87
N ASN A 72 -8.12 10.18 1.49
CA ASN A 72 -8.62 9.17 2.41
C ASN A 72 -7.49 8.23 2.82
N LYS A 73 -6.39 8.83 3.25
CA LYS A 73 -5.24 8.07 3.67
C LYS A 73 -5.37 7.72 5.15
N ALA A 74 -6.06 8.58 5.88
CA ALA A 74 -6.26 8.38 7.30
C ALA A 74 -7.31 7.28 7.50
N LYS A 75 -8.36 7.35 6.71
CA LYS A 75 -9.43 6.36 6.79
C LYS A 75 -8.88 4.99 6.38
N ILE A 76 -8.03 5.00 5.37
CA ILE A 76 -7.43 3.78 4.88
C ILE A 76 -6.83 3.00 6.06
N LYS A 77 -6.94 1.68 5.98
CA LYS A 77 -6.42 0.82 7.02
C LYS A 77 -6.02 -0.52 6.41
N PHE A 78 -4.86 -1.01 6.83
CA PHE A 78 -4.35 -2.28 6.34
C PHE A 78 -4.69 -3.42 7.30
N ILE A 79 -5.33 -4.43 6.76
CA ILE A 79 -5.71 -5.59 7.56
C ILE A 79 -4.79 -6.77 7.22
N ILE A 80 -4.34 -7.43 8.27
CA ILE A 80 -3.45 -8.57 8.11
C ILE A 80 -3.91 -9.71 9.02
N LYS A 81 -4.41 -10.77 8.39
CA LYS A 81 -4.89 -11.93 9.12
C LYS A 81 -3.78 -12.97 9.21
N LYS A 82 -2.84 -12.86 8.28
CA LYS A 82 -1.72 -13.79 8.23
C LYS A 82 -0.42 -13.00 8.19
N PRO A 83 -0.05 -12.41 9.36
CA PRO A 83 1.17 -11.62 9.47
C PRO A 83 2.39 -12.53 9.51
N GLU A 84 2.16 -13.79 9.85
CA GLU A 84 3.23 -14.77 9.93
C GLU A 84 3.85 -15.00 8.55
N MET A 85 3.15 -14.48 7.54
CA MET A 85 3.62 -14.62 6.17
C MET A 85 4.30 -13.34 5.68
N PHE A 86 3.90 -12.23 6.29
CA PHE A 86 4.47 -10.93 5.94
C PHE A 86 5.92 -10.84 6.37
N GLU A 87 6.21 -11.43 7.52
CA GLU A 87 7.57 -11.42 8.06
C GLU A 87 8.58 -11.61 6.92
N THR A 88 8.42 -12.72 6.22
CA THR A 88 9.32 -13.03 5.11
C THR A 88 9.54 -11.80 4.24
N ALA A 89 8.46 -11.06 4.03
CA ALA A 89 8.52 -9.86 3.22
C ALA A 89 9.34 -8.79 3.95
N ILE A 90 8.98 -8.58 5.21
CA ILE A 90 9.68 -7.60 6.03
C ILE A 90 11.15 -7.96 6.11
N LYS A 91 11.41 -9.26 6.17
CA LYS A 91 12.78 -9.74 6.25
C LYS A 91 13.57 -9.22 5.05
N GLU A 92 13.11 -9.59 3.87
CA GLU A 92 13.77 -9.17 2.64
C GLU A 92 13.21 -7.81 2.19
N SER A 93 13.06 -6.92 3.14
CA SER A 93 12.54 -5.59 2.86
C SER A 93 13.70 -4.58 2.80
N SER A 94 13.82 -3.94 1.65
CA SER A 94 14.87 -2.95 1.45
C SER A 94 16.23 -3.58 1.73
N GLY A 95 17.27 -2.86 1.34
CA GLY A 95 18.63 -3.34 1.53
C GLY A 95 19.63 -2.47 0.76
N PRO A 96 20.94 -2.69 1.06
CA PRO A 96 22.00 -1.94 0.40
C PRO A 96 22.22 -2.45 -1.02
N SER A 97 23.10 -1.76 -1.73
CA SER A 97 23.41 -2.13 -3.10
C SER A 97 24.81 -1.64 -3.48
N SER A 98 25.70 -2.59 -3.69
CA SER A 98 27.07 -2.26 -4.06
C SER A 98 27.73 -3.46 -4.74
N GLY A 99 27.58 -3.50 -6.06
CA GLY A 99 28.15 -4.57 -6.85
C GLY A 99 27.48 -4.67 -8.22
N GLY A 1 -6.48 15.25 -17.30
CA GLY A 1 -5.61 15.83 -18.31
C GLY A 1 -4.45 14.89 -18.63
N SER A 2 -3.24 15.37 -18.37
CA SER A 2 -2.05 14.59 -18.62
C SER A 2 -1.95 13.44 -17.62
N SER A 3 -1.22 12.40 -18.02
CA SER A 3 -1.04 11.24 -17.17
C SER A 3 0.35 11.26 -16.53
N GLY A 4 0.52 10.42 -15.53
CA GLY A 4 1.79 10.34 -14.83
C GLY A 4 1.71 11.00 -13.46
N SER A 5 1.60 12.32 -13.49
CA SER A 5 1.52 13.09 -12.26
C SER A 5 2.50 12.54 -11.22
N SER A 6 3.75 12.98 -11.35
CA SER A 6 4.79 12.53 -10.43
C SER A 6 4.58 13.18 -9.06
N GLY A 7 3.42 12.92 -8.48
CA GLY A 7 3.10 13.47 -7.18
C GLY A 7 2.40 12.43 -6.30
N LEU A 8 1.13 12.20 -6.60
CA LEU A 8 0.35 11.24 -5.85
C LEU A 8 1.02 9.86 -5.94
N LYS A 9 1.43 9.52 -7.15
CA LYS A 9 2.09 8.24 -7.37
C LYS A 9 3.02 7.93 -6.21
N GLN A 10 3.93 8.85 -5.96
CA GLN A 10 4.89 8.70 -4.88
C GLN A 10 4.17 8.71 -3.53
N LYS A 11 3.43 9.78 -3.29
CA LYS A 11 2.69 9.93 -2.06
C LYS A 11 1.95 8.63 -1.75
N VAL A 12 1.04 8.27 -2.64
CA VAL A 12 0.27 7.05 -2.48
C VAL A 12 1.22 5.86 -2.31
N GLU A 13 2.25 5.85 -3.14
CA GLU A 13 3.24 4.79 -3.10
C GLU A 13 3.71 4.57 -1.66
N ASN A 14 4.36 5.58 -1.12
CA ASN A 14 4.87 5.51 0.24
C ASN A 14 3.73 5.18 1.20
N LEU A 15 2.62 5.88 1.00
CA LEU A 15 1.44 5.68 1.82
C LEU A 15 1.26 4.18 2.08
N PHE A 16 0.89 3.48 1.02
CA PHE A 16 0.67 2.05 1.10
C PHE A 16 1.81 1.37 1.86
N ASN A 17 3.01 1.49 1.31
CA ASN A 17 4.18 0.89 1.92
C ASN A 17 4.13 1.12 3.43
N GLU A 18 4.24 2.38 3.81
CA GLU A 18 4.21 2.75 5.22
C GLU A 18 3.09 1.99 5.94
N LYS A 19 1.88 2.13 5.41
CA LYS A 19 0.74 1.45 6.00
C LYS A 19 1.10 0.00 6.29
N CYS A 20 1.61 -0.66 5.27
CA CYS A 20 1.99 -2.06 5.40
C CYS A 20 2.73 -2.23 6.74
N GLY A 21 3.82 -1.49 6.87
CA GLY A 21 4.62 -1.54 8.08
C GLY A 21 3.79 -1.18 9.30
N GLU A 22 2.90 -0.22 9.12
CA GLU A 22 2.03 0.22 10.20
C GLU A 22 1.06 -0.89 10.59
N ALA A 23 0.67 -1.67 9.59
CA ALA A 23 -0.25 -2.76 9.80
C ALA A 23 0.32 -3.71 10.86
N LEU A 24 1.59 -4.03 10.69
CA LEU A 24 2.27 -4.93 11.62
C LEU A 24 2.40 -4.24 12.98
N GLY A 25 2.31 -2.91 12.94
CA GLY A 25 2.42 -2.13 14.16
C GLY A 25 3.79 -1.46 14.28
N LEU A 26 4.44 -1.35 13.13
CA LEU A 26 5.76 -0.74 13.08
C LEU A 26 5.63 0.72 12.63
N LYS A 27 6.75 1.44 12.73
CA LYS A 27 6.77 2.84 12.33
C LYS A 27 7.65 2.99 11.10
N GLN A 28 7.88 1.88 10.43
CA GLN A 28 8.71 1.88 9.23
C GLN A 28 7.86 1.53 8.00
N ALA A 29 8.52 1.50 6.86
CA ALA A 29 7.86 1.17 5.61
C ALA A 29 8.17 -0.27 5.21
N VAL A 30 7.35 -0.80 4.32
CA VAL A 30 7.53 -2.16 3.85
C VAL A 30 6.71 -2.37 2.58
N LYS A 31 7.41 -2.61 1.49
CA LYS A 31 6.76 -2.84 0.20
C LYS A 31 5.51 -3.70 0.42
N VAL A 32 4.43 -3.29 -0.23
CA VAL A 32 3.17 -4.00 -0.13
C VAL A 32 3.20 -5.22 -1.05
N PRO A 33 3.17 -6.43 -0.41
CA PRO A 33 3.19 -7.66 -1.16
C PRO A 33 1.83 -7.94 -1.81
N PHE A 34 1.57 -7.20 -2.89
CA PHE A 34 0.32 -7.36 -3.61
C PHE A 34 0.07 -8.82 -3.97
N ALA A 35 1.15 -9.59 -3.95
CA ALA A 35 1.06 -11.01 -4.29
C ALA A 35 0.45 -11.76 -3.10
N LEU A 36 0.56 -11.14 -1.93
CA LEU A 36 0.03 -11.74 -0.72
C LEU A 36 -1.48 -11.46 -0.63
N PHE A 37 -1.86 -10.29 -1.12
CA PHE A 37 -3.26 -9.89 -1.10
C PHE A 37 -4.02 -10.52 -2.27
N GLU A 38 -3.30 -10.70 -3.37
CA GLU A 38 -3.89 -11.29 -4.57
C GLU A 38 -4.22 -12.76 -4.32
N SER A 39 -3.26 -13.47 -3.75
CA SER A 39 -3.44 -14.88 -3.46
C SER A 39 -4.36 -15.06 -2.26
N PHE A 40 -4.14 -14.22 -1.26
CA PHE A 40 -4.94 -14.27 -0.04
C PHE A 40 -5.54 -12.90 0.27
N PRO A 41 -6.54 -12.50 -0.56
CA PRO A 41 -7.20 -11.22 -0.39
C PRO A 41 -8.17 -11.27 0.80
N GLU A 42 -8.65 -12.46 1.08
CA GLU A 42 -9.59 -12.65 2.18
C GLU A 42 -8.85 -12.55 3.52
N ASP A 43 -7.53 -12.65 3.44
CA ASP A 43 -6.70 -12.58 4.64
C ASP A 43 -6.10 -11.17 4.75
N PHE A 44 -5.54 -10.73 3.63
CA PHE A 44 -4.92 -9.41 3.58
C PHE A 44 -5.71 -8.46 2.68
N TYR A 45 -5.99 -7.28 3.21
CA TYR A 45 -6.73 -6.28 2.46
C TYR A 45 -6.70 -4.92 3.17
N VAL A 46 -6.86 -3.88 2.38
CA VAL A 46 -6.85 -2.53 2.92
C VAL A 46 -8.29 -1.99 2.95
N GLU A 47 -8.57 -1.23 3.99
CA GLU A 47 -9.90 -0.65 4.15
C GLU A 47 -9.81 0.88 4.22
N GLY A 48 -10.97 1.50 4.24
CA GLY A 48 -11.04 2.96 4.31
C GLY A 48 -11.02 3.57 2.91
N LEU A 49 -10.48 2.81 1.97
CA LEU A 49 -10.39 3.27 0.59
C LEU A 49 -11.68 4.00 0.22
N PRO A 50 -11.56 4.93 -0.76
CA PRO A 50 -12.70 5.71 -1.22
C PRO A 50 -13.63 4.85 -2.09
N GLU A 51 -14.81 5.39 -2.33
CA GLU A 51 -15.79 4.69 -3.15
C GLU A 51 -15.27 4.50 -4.57
N GLY A 52 -15.68 3.39 -5.16
CA GLY A 52 -15.26 3.07 -6.52
C GLY A 52 -13.74 3.12 -6.65
N VAL A 53 -13.07 3.04 -5.50
CA VAL A 53 -11.62 3.06 -5.47
C VAL A 53 -11.12 1.88 -4.63
N PRO A 54 -10.86 0.75 -5.34
CA PRO A 54 -10.37 -0.46 -4.68
C PRO A 54 -8.89 -0.30 -4.31
N PHE A 55 -8.33 -1.40 -3.82
CA PHE A 55 -6.93 -1.41 -3.43
C PHE A 55 -6.06 -2.04 -4.51
N ARG A 56 -5.48 -1.17 -5.34
CA ARG A 56 -4.63 -1.63 -6.42
C ARG A 56 -3.41 -0.71 -6.55
N ARG A 57 -2.55 -1.06 -7.50
CA ARG A 57 -1.34 -0.28 -7.74
C ARG A 57 -1.69 1.21 -7.87
N PRO A 58 -0.77 2.06 -7.36
CA PRO A 58 -0.96 3.50 -7.42
C PRO A 58 -0.72 4.03 -8.83
N SER A 59 0.39 3.59 -9.41
CA SER A 59 0.75 4.02 -10.75
C SER A 59 -0.36 3.64 -11.73
N THR A 60 -1.22 2.72 -11.30
CA THR A 60 -2.32 2.27 -12.12
C THR A 60 -3.45 3.31 -12.12
N PHE A 61 -3.79 3.77 -10.93
CA PHE A 61 -4.84 4.75 -10.77
C PHE A 61 -4.55 6.00 -11.61
N GLY A 62 -5.57 6.83 -11.74
CA GLY A 62 -5.44 8.06 -12.52
C GLY A 62 -4.92 9.20 -11.65
N ILE A 63 -4.62 10.31 -12.30
CA ILE A 63 -4.10 11.48 -11.61
C ILE A 63 -5.13 11.92 -10.57
N PRO A 64 -6.42 11.92 -10.98
CA PRO A 64 -7.50 12.32 -10.09
C PRO A 64 -7.78 11.24 -9.04
N ARG A 65 -8.02 10.03 -9.54
CA ARG A 65 -8.30 8.90 -8.66
C ARG A 65 -7.24 8.79 -7.58
N LEU A 66 -6.02 9.19 -7.94
CA LEU A 66 -4.92 9.15 -7.01
C LEU A 66 -5.20 10.07 -5.83
N GLU A 67 -5.42 11.34 -6.15
CA GLU A 67 -5.70 12.33 -5.12
C GLU A 67 -6.82 11.83 -4.20
N LYS A 68 -7.83 11.24 -4.81
CA LYS A 68 -8.97 10.72 -4.07
C LYS A 68 -8.45 9.90 -2.88
N ILE A 69 -7.63 8.92 -3.20
CA ILE A 69 -7.06 8.05 -2.19
C ILE A 69 -6.47 8.91 -1.06
N LEU A 70 -5.54 9.76 -1.45
CA LEU A 70 -4.89 10.64 -0.49
C LEU A 70 -5.94 11.22 0.46
N ARG A 71 -6.91 11.91 -0.11
CA ARG A 71 -7.97 12.52 0.67
C ARG A 71 -8.38 11.57 1.81
N ASN A 72 -8.24 10.28 1.55
CA ASN A 72 -8.59 9.28 2.53
C ASN A 72 -7.36 8.42 2.84
N LYS A 73 -6.29 9.10 3.23
CA LYS A 73 -5.05 8.41 3.55
C LYS A 73 -5.08 7.96 5.01
N ALA A 74 -5.48 8.89 5.86
CA ALA A 74 -5.56 8.61 7.29
C ALA A 74 -6.63 7.53 7.54
N LYS A 75 -7.77 7.73 6.89
CA LYS A 75 -8.88 6.79 7.02
C LYS A 75 -8.41 5.39 6.62
N ILE A 76 -7.77 5.33 5.46
CA ILE A 76 -7.26 4.07 4.95
C ILE A 76 -6.65 3.27 6.09
N LYS A 77 -6.83 1.96 6.02
CA LYS A 77 -6.31 1.07 7.04
C LYS A 77 -5.98 -0.29 6.41
N PHE A 78 -5.02 -0.97 7.01
CA PHE A 78 -4.60 -2.27 6.52
C PHE A 78 -4.96 -3.37 7.53
N ILE A 79 -5.60 -4.41 7.02
CA ILE A 79 -5.99 -5.52 7.86
C ILE A 79 -5.07 -6.72 7.58
N ILE A 80 -4.36 -7.13 8.63
CA ILE A 80 -3.45 -8.25 8.51
C ILE A 80 -3.93 -9.40 9.41
N LYS A 81 -4.35 -10.47 8.76
CA LYS A 81 -4.84 -11.63 9.49
C LYS A 81 -3.68 -12.58 9.75
N LYS A 82 -2.80 -12.70 8.77
CA LYS A 82 -1.65 -13.57 8.89
C LYS A 82 -0.37 -12.73 8.75
N PRO A 83 0.03 -12.11 9.90
CA PRO A 83 1.23 -11.29 9.92
C PRO A 83 2.49 -12.15 9.89
N GLU A 84 2.38 -13.32 10.53
CA GLU A 84 3.51 -14.24 10.58
C GLU A 84 3.98 -14.60 9.17
N MET A 85 3.03 -14.53 8.24
CA MET A 85 3.34 -14.84 6.85
C MET A 85 3.95 -13.64 6.14
N PHE A 86 3.84 -12.48 6.78
CA PHE A 86 4.37 -11.26 6.23
C PHE A 86 5.78 -10.99 6.75
N GLU A 87 6.10 -11.62 7.87
CA GLU A 87 7.40 -11.46 8.48
C GLU A 87 8.51 -11.57 7.42
N THR A 88 8.39 -12.61 6.61
CA THR A 88 9.37 -12.85 5.55
C THR A 88 9.51 -11.60 4.68
N ALA A 89 8.43 -10.83 4.61
CA ALA A 89 8.42 -9.62 3.81
C ALA A 89 9.09 -8.49 4.60
N ILE A 90 8.65 -8.33 5.84
CA ILE A 90 9.20 -7.30 6.70
C ILE A 90 10.72 -7.50 6.82
N LYS A 91 11.12 -8.75 6.87
CA LYS A 91 12.53 -9.09 6.98
C LYS A 91 13.20 -8.90 5.62
N GLU A 92 12.52 -9.37 4.58
CA GLU A 92 13.04 -9.26 3.23
C GLU A 92 13.29 -7.79 2.88
N SER A 93 12.26 -6.98 3.08
CA SER A 93 12.37 -5.57 2.79
C SER A 93 13.66 -5.00 3.38
N SER A 94 14.64 -4.83 2.49
CA SER A 94 15.94 -4.30 2.90
C SER A 94 16.47 -3.35 1.84
N GLY A 95 16.52 -2.08 2.20
CA GLY A 95 17.02 -1.06 1.28
C GLY A 95 17.78 0.04 2.04
N PRO A 96 19.11 -0.17 2.15
CA PRO A 96 19.96 0.78 2.84
C PRO A 96 20.19 2.02 1.99
N SER A 97 20.60 1.79 0.75
CA SER A 97 20.86 2.88 -0.18
C SER A 97 20.49 2.45 -1.60
N SER A 98 21.14 1.40 -2.06
CA SER A 98 20.90 0.89 -3.40
C SER A 98 19.68 -0.04 -3.38
N GLY A 99 19.78 -1.09 -2.58
CA GLY A 99 18.70 -2.06 -2.47
C GLY A 99 19.24 -3.49 -2.51
#